data_9E5G
#
_entry.id   9E5G
#
_cell.length_a   1.00
_cell.length_b   1.00
_cell.length_c   1.00
_cell.angle_alpha   90.00
_cell.angle_beta   90.00
_cell.angle_gamma   90.00
#
_symmetry.space_group_name_H-M   'P 1'
#
loop_
_entity.id
_entity.type
_entity.pdbx_description
1 polymer 'Orotate phosphoribosyltransferase'
2 non-polymer 'ACETATE ION'
3 water water
#
_entity_poly.entity_id   1
_entity_poly.type   'polypeptide(L)'
_entity_poly.pdbx_seq_one_letter_code
;MAHHHHHHMTGYDRQSISDTTAKILLEVQAVHFNAEKPFIFTSGWASPVYIDCRKLISYPRVRRALMEMAETTITRDIGF
EQIDAVAGGETAGIPFAAWIADRMMVPMQYVRKKPKGFGRNAQIEGHLEEGSRVLLVEDLTTDSRSKINFVNALRTAGAT
VNHCFVLFHYNIFKESVSVLKDIDVDLHALATWWDVLRVAKASGYFETKTLDEVEKFLHAPAEWSAAHGGATAPKE
;
_entity_poly.pdbx_strand_id   A,B,C,D,E,F
#
loop_
_chem_comp.id
_chem_comp.type
_chem_comp.name
_chem_comp.formula
ACT non-polymer 'ACETATE ION' 'C2 H3 O2 -1'
#
# COMPACT_ATOMS: atom_id res chain seq x y z
N THR A 10 1.42 -17.99 0.98
CA THR A 10 0.84 -17.54 -0.29
C THR A 10 1.59 -18.15 -1.48
N GLY A 11 0.86 -18.87 -2.33
CA GLY A 11 1.42 -19.49 -3.49
C GLY A 11 0.96 -18.84 -4.79
N TYR A 12 1.45 -19.42 -5.90
CA TYR A 12 1.12 -18.93 -7.23
C TYR A 12 0.45 -20.00 -8.09
N ASP A 13 0.45 -21.26 -7.66
CA ASP A 13 -0.14 -22.35 -8.40
C ASP A 13 -1.23 -23.00 -7.56
N ARG A 14 -2.06 -23.81 -8.22
CA ARG A 14 -3.18 -24.45 -7.52
C ARG A 14 -2.69 -25.42 -6.45
N GLN A 15 -1.63 -26.18 -6.76
CA GLN A 15 -1.10 -27.13 -5.77
C GLN A 15 -0.43 -26.41 -4.62
N SER A 16 0.26 -25.30 -4.89
CA SER A 16 0.93 -24.55 -3.83
C SER A 16 -0.07 -23.83 -2.93
N ILE A 17 -1.16 -23.32 -3.49
CA ILE A 17 -2.18 -22.66 -2.69
C ILE A 17 -2.82 -23.65 -1.73
N SER A 18 -3.14 -24.85 -2.21
CA SER A 18 -3.79 -25.85 -1.36
C SER A 18 -2.89 -26.27 -0.21
N ASP A 19 -1.60 -26.51 -0.49
CA ASP A 19 -0.67 -26.91 0.56
C ASP A 19 -0.48 -25.79 1.59
N THR A 20 -0.33 -24.55 1.12
CA THR A 20 -0.18 -23.43 2.04
C THR A 20 -1.44 -23.24 2.88
N THR A 21 -2.61 -23.38 2.27
CA THR A 21 -3.85 -23.26 3.03
C THR A 21 -3.99 -24.36 4.07
N ALA A 22 -3.60 -25.58 3.71
CA ALA A 22 -3.65 -26.68 4.67
C ALA A 22 -2.69 -26.43 5.83
N LYS A 23 -1.49 -25.95 5.53
CA LYS A 23 -0.54 -25.63 6.60
C LYS A 23 -1.08 -24.52 7.50
N ILE A 24 -1.73 -23.51 6.90
CA ILE A 24 -2.32 -22.43 7.68
C ILE A 24 -3.40 -22.99 8.62
N LEU A 25 -4.28 -23.85 8.09
CA LEU A 25 -5.36 -24.41 8.88
C LEU A 25 -4.82 -25.26 10.02
N LEU A 26 -3.79 -26.06 9.76
CA LEU A 26 -3.24 -26.92 10.80
C LEU A 26 -2.42 -26.14 11.81
N GLU A 27 -1.83 -25.00 11.41
CA GLU A 27 -0.98 -24.24 12.30
C GLU A 27 -1.80 -23.49 13.35
N VAL A 28 -2.92 -22.89 12.94
CA VAL A 28 -3.74 -22.09 13.84
C VAL A 28 -4.79 -22.98 14.50
N GLN A 29 -4.66 -24.29 14.31
CA GLN A 29 -5.56 -25.28 14.91
C GLN A 29 -7.01 -25.05 14.52
N ALA A 30 -7.25 -24.60 13.28
CA ALA A 30 -8.61 -24.47 12.79
C ALA A 30 -9.18 -25.81 12.36
N VAL A 31 -8.34 -26.84 12.24
CA VAL A 31 -8.75 -28.19 11.89
C VAL A 31 -8.37 -29.11 13.03
N HIS A 32 -9.33 -29.87 13.54
CA HIS A 32 -9.12 -30.79 14.65
C HIS A 32 -9.41 -32.22 14.20
N PHE A 33 -8.56 -33.14 14.63
CA PHE A 33 -8.75 -34.56 14.37
C PHE A 33 -8.89 -35.30 15.70
N ASN A 34 -9.93 -36.12 15.82
CA ASN A 34 -10.12 -36.94 17.01
C ASN A 34 -10.96 -38.15 16.60
N ALA A 35 -10.30 -39.30 16.45
CA ALA A 35 -10.99 -40.53 16.09
C ALA A 35 -11.52 -41.28 17.30
N GLU A 36 -10.89 -41.12 18.46
CA GLU A 36 -11.37 -41.79 19.66
C GLU A 36 -12.74 -41.26 20.08
N LYS A 37 -12.93 -39.94 20.02
CA LYS A 37 -14.20 -39.30 20.39
C LYS A 37 -14.64 -38.45 19.20
N PRO A 38 -15.41 -39.02 18.29
CA PRO A 38 -15.80 -38.28 17.08
C PRO A 38 -16.68 -37.09 17.42
N PHE A 39 -16.58 -36.07 16.57
CA PHE A 39 -17.35 -34.84 16.73
C PHE A 39 -18.78 -35.11 16.29
N ILE A 40 -19.65 -35.41 17.23
CA ILE A 40 -21.06 -35.67 16.96
C ILE A 40 -21.79 -34.33 16.89
N PHE A 41 -22.07 -33.88 15.68
CA PHE A 41 -22.73 -32.59 15.48
C PHE A 41 -24.22 -32.69 15.79
N SER A 43 -27.31 -32.55 15.13
CA SER A 43 -27.67 -33.09 13.82
C SER A 43 -27.52 -34.60 13.80
N GLY A 44 -26.68 -35.12 14.69
CA GLY A 44 -26.44 -36.54 14.80
C GLY A 44 -25.30 -37.05 13.93
N TRP A 45 -24.81 -36.23 13.00
CA TRP A 45 -23.69 -36.64 12.16
C TRP A 45 -22.43 -36.81 13.00
N ALA A 46 -21.72 -37.90 12.77
CA ALA A 46 -20.51 -38.23 13.51
C ALA A 46 -19.32 -38.20 12.55
N SER A 47 -18.32 -37.39 12.89
CA SER A 47 -17.11 -37.26 12.09
C SER A 47 -15.90 -37.19 12.99
N PRO A 48 -14.74 -37.66 12.52
CA PRO A 48 -13.49 -37.46 13.27
C PRO A 48 -12.81 -36.13 12.99
N VAL A 49 -13.40 -35.31 12.14
CA VAL A 49 -12.81 -34.06 11.67
C VAL A 49 -13.70 -32.90 12.11
N TYR A 50 -13.07 -31.76 12.35
CA TYR A 50 -13.78 -30.52 12.67
C TYR A 50 -13.00 -29.35 12.10
N ILE A 51 -13.70 -28.43 11.44
CA ILE A 51 -13.09 -27.23 10.90
C ILE A 51 -13.90 -26.01 11.35
N ASP A 52 -13.19 -24.96 11.74
CA ASP A 52 -13.80 -23.69 12.15
C ASP A 52 -13.09 -22.58 11.39
N CYS A 53 -13.59 -22.26 10.20
CA CYS A 53 -12.99 -21.23 9.38
C CYS A 53 -13.20 -19.82 9.94
N ARG A 54 -14.09 -19.67 10.92
CA ARG A 54 -14.28 -18.36 11.54
C ARG A 54 -13.10 -17.95 12.41
N LYS A 55 -12.25 -18.92 12.81
CA LYS A 55 -11.07 -18.59 13.60
CA LYS A 55 -11.07 -18.59 13.60
C LYS A 55 -10.01 -17.89 12.77
N LEU A 56 -10.05 -18.02 11.45
CA LEU A 56 -9.04 -17.43 10.58
C LEU A 56 -9.08 -15.91 10.58
N ILE A 57 -10.16 -15.31 11.07
CA ILE A 57 -10.26 -13.85 11.08
C ILE A 57 -9.60 -13.23 12.29
N SER A 58 -9.20 -14.04 13.27
CA SER A 58 -8.54 -13.54 14.47
C SER A 58 -7.02 -13.52 14.34
N TYR A 59 -6.48 -13.86 13.18
CA TYR A 59 -5.04 -13.85 12.94
C TYR A 59 -4.74 -12.93 11.75
N PRO A 60 -4.02 -11.82 11.96
CA PRO A 60 -3.83 -10.87 10.86
C PRO A 60 -3.07 -11.44 9.67
N ARG A 61 -1.87 -11.99 9.90
CA ARG A 61 -1.05 -12.46 8.79
C ARG A 61 -1.72 -13.63 8.07
N VAL A 62 -2.34 -14.53 8.83
CA VAL A 62 -3.01 -15.69 8.22
C VAL A 62 -4.12 -15.23 7.29
N ARG A 63 -4.94 -14.28 7.77
CA ARG A 63 -6.06 -13.81 6.95
C ARG A 63 -5.56 -13.01 5.74
N ARG A 64 -4.47 -12.26 5.89
CA ARG A 64 -3.90 -11.54 4.75
C ARG A 64 -3.42 -12.51 3.69
N ALA A 65 -2.70 -13.56 4.10
CA ALA A 65 -2.24 -14.55 3.13
C ALA A 65 -3.41 -15.26 2.47
N LEU A 66 -4.43 -15.61 3.25
CA LEU A 66 -5.60 -16.28 2.68
C LEU A 66 -6.31 -15.38 1.67
N MET A 67 -6.37 -14.09 1.96
CA MET A 67 -6.99 -13.16 1.02
C MET A 67 -6.18 -13.03 -0.26
N GLU A 68 -4.85 -13.00 -0.14
CA GLU A 68 -4.01 -12.96 -1.33
C GLU A 68 -4.23 -14.19 -2.20
N MET A 69 -4.26 -15.38 -1.59
CA MET A 69 -4.50 -16.59 -2.35
C MET A 69 -5.91 -16.64 -2.92
N ALA A 70 -6.90 -16.09 -2.19
CA ALA A 70 -8.25 -16.03 -2.72
C ALA A 70 -8.33 -15.15 -3.96
N GLU A 71 -7.68 -13.98 -3.92
CA GLU A 71 -7.66 -13.12 -5.09
C GLU A 71 -6.94 -13.79 -6.25
N THR A 72 -5.83 -14.48 -5.97
CA THR A 72 -5.11 -15.18 -7.03
C THR A 72 -5.97 -16.25 -7.67
N THR A 73 -6.68 -17.03 -6.85
CA THR A 73 -7.55 -18.08 -7.38
C THR A 73 -8.68 -17.49 -8.20
N ILE A 74 -9.29 -16.41 -7.73
CA ILE A 74 -10.38 -15.78 -8.46
C ILE A 74 -9.89 -15.27 -9.81
N THR A 75 -8.74 -14.59 -9.82
CA THR A 75 -8.22 -14.05 -11.07
C THR A 75 -7.81 -15.13 -12.05
N ARG A 76 -7.21 -16.22 -11.55
CA ARG A 76 -6.72 -17.28 -12.43
C ARG A 76 -7.86 -18.14 -12.97
N ASP A 77 -8.83 -18.49 -12.14
CA ASP A 77 -9.86 -19.43 -12.56
C ASP A 77 -11.03 -18.74 -13.25
N ILE A 78 -11.49 -17.61 -12.70
CA ILE A 78 -12.64 -16.91 -13.25
C ILE A 78 -12.18 -15.89 -14.27
N GLY A 79 -11.36 -14.94 -13.83
CA GLY A 79 -10.85 -13.91 -14.71
C GLY A 79 -10.70 -12.60 -13.97
N PHE A 80 -9.98 -11.67 -14.61
CA PHE A 80 -9.71 -10.38 -13.98
C PHE A 80 -10.92 -9.45 -14.04
N GLU A 81 -11.69 -9.52 -15.11
CA GLU A 81 -12.80 -8.60 -15.34
C GLU A 81 -14.10 -9.34 -15.60
N GLN A 82 -14.40 -10.34 -14.77
CA GLN A 82 -15.62 -11.12 -14.90
C GLN A 82 -16.53 -11.02 -13.68
N ILE A 83 -16.14 -10.26 -12.65
CA ILE A 83 -16.91 -10.11 -11.43
C ILE A 83 -17.14 -8.63 -11.20
N ASP A 84 -18.41 -8.25 -11.00
CA ASP A 84 -18.77 -6.86 -10.76
C ASP A 84 -19.15 -6.58 -9.31
N ALA A 85 -19.44 -7.61 -8.52
CA ALA A 85 -19.75 -7.43 -7.11
C ALA A 85 -19.40 -8.70 -6.37
N VAL A 86 -19.16 -8.57 -5.06
CA VAL A 86 -18.84 -9.70 -4.20
C VAL A 86 -19.90 -9.77 -3.11
N ALA A 87 -20.64 -10.88 -3.08
CA ALA A 87 -21.70 -11.09 -2.11
C ALA A 87 -21.29 -12.19 -1.14
N GLY A 88 -21.37 -11.89 0.15
CA GLY A 88 -21.04 -12.85 1.18
C GLY A 88 -22.29 -13.46 1.78
N GLY A 89 -22.16 -14.70 2.22
CA GLY A 89 -23.26 -15.37 2.89
C GLY A 89 -23.49 -14.81 4.28
N GLU A 90 -24.57 -15.28 4.89
CA GLU A 90 -24.96 -14.76 6.20
C GLU A 90 -23.92 -15.10 7.25
N THR A 91 -23.55 -14.09 8.05
CA THR A 91 -22.68 -14.23 9.20
C THR A 91 -21.27 -14.68 8.85
N ALA A 92 -21.11 -15.93 8.40
CA ALA A 92 -19.79 -16.54 8.33
C ALA A 92 -18.92 -15.90 7.26
N GLY A 93 -19.44 -15.74 6.04
CA GLY A 93 -18.62 -15.31 4.93
C GLY A 93 -18.50 -13.82 4.71
N ILE A 94 -19.13 -13.01 5.54
CA ILE A 94 -19.12 -11.55 5.38
C ILE A 94 -17.71 -10.97 5.51
N PRO A 95 -16.90 -11.35 6.51
CA PRO A 95 -15.54 -10.78 6.57
C PRO A 95 -14.69 -11.09 5.36
N PHE A 96 -14.72 -12.36 4.92
CA PHE A 96 -13.95 -12.75 3.73
C PHE A 96 -14.46 -12.03 2.50
N ALA A 97 -15.77 -11.87 2.37
CA ALA A 97 -16.33 -11.13 1.25
C ALA A 97 -15.87 -9.68 1.27
N ALA A 98 -15.86 -9.06 2.45
CA ALA A 98 -15.42 -7.68 2.55
C ALA A 98 -13.96 -7.53 2.14
N TRP A 99 -13.10 -8.44 2.62
CA TRP A 99 -11.68 -8.35 2.29
C TRP A 99 -11.45 -8.61 0.80
N ILE A 100 -12.15 -9.59 0.22
CA ILE A 100 -12.00 -9.89 -1.20
C ILE A 100 -12.49 -8.71 -2.03
N ALA A 101 -13.60 -8.09 -1.63
CA ALA A 101 -14.10 -6.92 -2.36
C ALA A 101 -13.12 -5.75 -2.28
N ASP A 102 -12.50 -5.56 -1.12
CA ASP A 102 -11.50 -4.50 -0.99
C ASP A 102 -10.31 -4.78 -1.89
N ARG A 103 -9.86 -6.04 -1.95
CA ARG A 103 -8.72 -6.38 -2.80
C ARG A 103 -9.06 -6.23 -4.28
N MET A 104 -10.27 -6.61 -4.67
CA MET A 104 -10.71 -6.57 -6.05
C MET A 104 -11.28 -5.21 -6.46
N MET A 105 -11.42 -4.29 -5.52
CA MET A 105 -12.00 -2.97 -5.74
C MET A 105 -13.34 -3.06 -6.47
N VAL A 106 -14.25 -3.84 -5.87
CA VAL A 106 -15.59 -4.04 -6.42
C VAL A 106 -16.61 -3.79 -5.32
N PRO A 107 -17.83 -3.43 -5.70
CA PRO A 107 -18.91 -3.28 -4.70
C PRO A 107 -19.16 -4.59 -3.95
N MET A 108 -19.55 -4.45 -2.69
CA MET A 108 -19.82 -5.58 -1.83
C MET A 108 -21.27 -5.58 -1.38
N GLN A 109 -21.88 -6.77 -1.35
CA GLN A 109 -23.19 -7.00 -0.77
C GLN A 109 -23.10 -8.21 0.15
N TYR A 110 -24.19 -8.49 0.86
CA TYR A 110 -24.27 -9.72 1.63
C TYR A 110 -25.73 -10.14 1.73
N VAL A 111 -25.95 -11.45 1.73
CA VAL A 111 -27.28 -12.03 1.63
C VAL A 111 -27.67 -12.59 2.99
N ARG A 112 -28.83 -12.17 3.50
CA ARG A 112 -29.36 -12.73 4.73
C ARG A 112 -29.89 -14.14 4.48
N LYS A 113 -29.92 -14.93 5.55
CA LYS A 113 -30.43 -16.30 5.44
C LYS A 113 -31.93 -16.32 5.16
N LYS A 114 -32.67 -15.33 5.67
CA LYS A 114 -34.10 -15.25 5.49
C LYS A 114 -34.48 -13.85 5.02
N PRO A 115 -35.57 -13.73 4.26
CA PRO A 115 -35.98 -12.41 3.79
C PRO A 115 -36.39 -11.50 4.94
N LYS A 116 -36.16 -10.20 4.74
CA LYS A 116 -36.52 -9.18 5.72
C LYS A 116 -37.53 -8.18 5.18
N GLY A 117 -38.31 -8.57 4.18
CA GLY A 117 -39.30 -7.69 3.60
C GLY A 117 -40.15 -8.35 2.55
N PHE A 118 -40.62 -7.56 1.58
CA PHE A 118 -41.44 -8.09 0.50
C PHE A 118 -40.95 -7.74 -0.90
N GLY A 119 -39.97 -6.85 -1.03
CA GLY A 119 -39.48 -6.46 -2.33
C GLY A 119 -38.51 -7.47 -2.92
N ARG A 120 -38.06 -7.17 -4.14
CA ARG A 120 -37.08 -8.03 -4.79
C ARG A 120 -35.75 -8.01 -4.04
N ASN A 121 -35.34 -6.84 -3.56
CA ASN A 121 -34.10 -6.70 -2.79
C ASN A 121 -34.38 -6.84 -1.29
N ALA A 122 -35.02 -7.95 -0.92
CA ALA A 122 -35.36 -8.20 0.48
C ALA A 122 -34.28 -9.01 1.20
N GLN A 123 -33.63 -9.92 0.49
CA GLN A 123 -32.59 -10.77 1.07
C GLN A 123 -31.20 -10.20 0.94
N ILE A 124 -31.04 -9.06 0.26
CA ILE A 124 -29.73 -8.49 -0.05
C ILE A 124 -29.60 -7.16 0.68
N GLU A 125 -28.52 -7.01 1.45
CA GLU A 125 -28.23 -5.79 2.19
C GLU A 125 -27.12 -5.06 1.45
N GLY A 126 -27.50 -4.07 0.66
CA GLY A 126 -26.55 -3.32 -0.15
C GLY A 126 -27.25 -2.76 -1.36
N HIS A 127 -26.45 -2.29 -2.32
CA HIS A 127 -26.96 -1.81 -3.59
C HIS A 127 -26.45 -2.73 -4.69
N LEU A 128 -27.38 -3.27 -5.47
CA LEU A 128 -27.06 -4.22 -6.53
C LEU A 128 -27.66 -3.68 -7.83
N GLU A 129 -26.78 -3.21 -8.72
CA GLU A 129 -27.24 -2.75 -10.03
C GLU A 129 -27.68 -3.93 -10.89
N GLU A 130 -28.70 -3.71 -11.70
CA GLU A 130 -29.21 -4.77 -12.56
C GLU A 130 -28.16 -5.18 -13.59
N GLY A 131 -28.04 -6.49 -13.80
CA GLY A 131 -27.08 -7.02 -14.74
C GLY A 131 -25.69 -7.21 -14.17
N SER A 132 -25.46 -6.91 -12.90
CA SER A 132 -24.16 -7.09 -12.31
C SER A 132 -23.81 -8.56 -12.17
N ARG A 133 -22.57 -8.89 -12.48
CA ARG A 133 -22.05 -10.25 -12.31
C ARG A 133 -21.45 -10.35 -10.92
N VAL A 134 -22.03 -11.22 -10.08
CA VAL A 134 -21.74 -11.25 -8.66
C VAL A 134 -21.05 -12.55 -8.29
N LEU A 135 -20.01 -12.45 -7.47
CA LEU A 135 -19.28 -13.59 -6.95
C LEU A 135 -19.73 -13.85 -5.51
N LEU A 136 -20.19 -15.06 -5.24
CA LEU A 136 -20.69 -15.42 -3.91
C LEU A 136 -19.57 -16.02 -3.10
N VAL A 137 -19.30 -15.44 -1.93
CA VAL A 137 -18.18 -15.82 -1.08
C VAL A 137 -18.71 -16.38 0.23
N GLU A 138 -18.23 -17.56 0.59
CA GLU A 138 -18.59 -18.23 1.84
C GLU A 138 -17.33 -18.84 2.45
N ASP A 139 -17.41 -19.13 3.76
CA ASP A 139 -16.24 -19.65 4.46
C ASP A 139 -15.96 -21.09 4.06
N LEU A 140 -16.98 -21.94 3.97
CA LEU A 140 -16.78 -23.32 3.60
C LEU A 140 -18.08 -23.87 3.02
N THR A 141 -17.95 -24.94 2.24
CA THR A 141 -19.09 -25.67 1.71
C THR A 141 -18.96 -27.14 2.07
N THR A 142 -20.09 -27.77 2.34
CA THR A 142 -20.15 -29.19 2.69
C THR A 142 -20.84 -30.00 1.59
N ASP A 143 -22.08 -29.67 1.26
CA ASP A 143 -22.80 -30.30 0.17
C ASP A 143 -23.41 -29.30 -0.79
N SER A 144 -23.21 -28.00 -0.54
CA SER A 144 -23.67 -26.91 -1.40
C SER A 144 -25.18 -26.89 -1.57
N ARG A 145 -25.92 -27.51 -0.64
CA ARG A 145 -27.38 -27.41 -0.68
C ARG A 145 -27.85 -26.08 -0.15
N SER A 146 -27.08 -25.43 0.74
CA SER A 146 -27.45 -24.13 1.25
C SER A 146 -27.05 -23.00 0.31
N LYS A 147 -26.22 -23.28 -0.70
CA LYS A 147 -25.81 -22.25 -1.65
C LYS A 147 -26.93 -21.85 -2.60
N ILE A 148 -27.88 -22.75 -2.84
CA ILE A 148 -28.95 -22.46 -3.80
C ILE A 148 -29.81 -21.31 -3.31
N ASN A 149 -30.05 -21.24 -2.00
CA ASN A 149 -30.83 -20.14 -1.44
C ASN A 149 -30.20 -18.80 -1.75
N PHE A 150 -28.90 -18.67 -1.47
CA PHE A 150 -28.20 -17.41 -1.72
C PHE A 150 -28.13 -17.10 -3.21
N VAL A 151 -27.91 -18.13 -4.04
CA VAL A 151 -27.81 -17.90 -5.48
C VAL A 151 -29.15 -17.41 -6.02
N ASN A 152 -30.24 -18.03 -5.60
CA ASN A 152 -31.56 -17.60 -6.06
C ASN A 152 -31.90 -16.22 -5.52
N ALA A 153 -31.47 -15.91 -4.30
CA ALA A 153 -31.70 -14.57 -3.75
C ALA A 153 -30.97 -13.52 -4.58
N LEU A 154 -29.73 -13.78 -4.96
CA LEU A 154 -29.00 -12.83 -5.80
C LEU A 154 -29.62 -12.73 -7.20
N ARG A 155 -30.06 -13.85 -7.76
CA ARG A 155 -30.67 -13.82 -9.08
C ARG A 155 -32.03 -13.13 -9.10
N THR A 156 -32.75 -13.15 -7.98
CA THR A 156 -34.02 -12.43 -7.90
C THR A 156 -33.81 -10.94 -8.03
N ALA A 157 -32.72 -10.43 -7.45
CA ALA A 157 -32.40 -9.00 -7.55
C ALA A 157 -31.94 -8.60 -8.94
N GLY A 158 -31.71 -9.55 -9.84
CA GLY A 158 -31.24 -9.26 -11.17
C GLY A 158 -29.78 -9.54 -11.41
N ALA A 159 -29.03 -9.92 -10.37
CA ALA A 159 -27.62 -10.23 -10.54
C ALA A 159 -27.44 -11.55 -11.29
N THR A 160 -26.31 -11.65 -11.99
CA THR A 160 -25.96 -12.85 -12.74
C THR A 160 -24.88 -13.57 -11.95
N VAL A 161 -25.23 -14.71 -11.38
CA VAL A 161 -24.33 -15.49 -10.53
C VAL A 161 -23.91 -16.73 -11.31
N ASN A 162 -22.62 -16.81 -11.66
CA ASN A 162 -22.07 -17.98 -12.32
C ASN A 162 -20.88 -18.57 -11.57
N HIS A 163 -20.44 -17.95 -10.48
CA HIS A 163 -19.29 -18.43 -9.74
C HIS A 163 -19.53 -18.28 -8.25
N CYS A 164 -18.99 -19.22 -7.48
CA CYS A 164 -19.04 -19.20 -6.03
C CYS A 164 -17.68 -19.57 -5.48
N PHE A 165 -17.21 -18.79 -4.51
CA PHE A 165 -15.89 -19.00 -3.91
C PHE A 165 -16.05 -19.40 -2.45
N VAL A 166 -15.33 -20.46 -2.05
CA VAL A 166 -15.28 -20.91 -0.67
C VAL A 166 -13.82 -21.12 -0.28
N LEU A 167 -13.48 -20.75 0.95
CA LEU A 167 -12.12 -20.95 1.42
C LEU A 167 -11.78 -22.43 1.53
N PHE A 168 -12.72 -23.22 2.03
CA PHE A 168 -12.51 -24.65 2.25
C PHE A 168 -13.65 -25.43 1.61
N HIS A 169 -13.30 -26.40 0.78
CA HIS A 169 -14.27 -27.30 0.16
C HIS A 169 -14.21 -28.64 0.86
N TYR A 170 -15.32 -29.05 1.46
CA TYR A 170 -15.34 -30.30 2.20
C TYR A 170 -15.07 -31.49 1.29
N ASN A 171 -15.50 -31.39 0.03
CA ASN A 171 -15.38 -32.46 -0.97
C ASN A 171 -16.15 -33.67 -0.45
N ILE A 172 -15.55 -34.85 -0.38
CA ILE A 172 -16.23 -36.08 0.07
C ILE A 172 -17.51 -36.32 -0.74
N PHE A 173 -18.57 -35.60 -0.39
CA PHE A 173 -19.87 -35.82 -1.02
C PHE A 173 -19.81 -35.51 -2.50
N LYS A 174 -20.42 -36.39 -3.30
CA LYS A 174 -20.29 -36.30 -4.76
C LYS A 174 -21.10 -35.16 -5.34
N GLU A 175 -22.21 -34.80 -4.72
CA GLU A 175 -23.09 -33.77 -5.27
C GLU A 175 -22.62 -32.36 -4.97
N SER A 176 -21.55 -32.19 -4.19
CA SER A 176 -21.13 -30.88 -3.71
C SER A 176 -20.88 -29.89 -4.83
N VAL A 177 -20.46 -30.35 -6.00
CA VAL A 177 -20.31 -29.48 -7.16
C VAL A 177 -21.44 -29.65 -8.16
N SER A 178 -22.10 -30.81 -8.20
CA SER A 178 -23.15 -31.04 -9.17
C SER A 178 -24.39 -30.20 -8.88
N VAL A 179 -24.71 -29.98 -7.60
CA VAL A 179 -25.89 -29.19 -7.28
C VAL A 179 -25.74 -27.77 -7.79
N LEU A 180 -24.53 -27.22 -7.66
CA LEU A 180 -24.28 -25.87 -8.17
C LEU A 180 -24.18 -25.86 -9.69
N LYS A 181 -23.57 -26.89 -10.27
CA LYS A 181 -23.42 -26.93 -11.73
C LYS A 181 -24.77 -27.07 -12.43
N ASP A 182 -25.74 -27.70 -11.77
CA ASP A 182 -27.07 -27.83 -12.35
C ASP A 182 -27.77 -26.48 -12.50
N ILE A 183 -27.41 -25.48 -11.69
CA ILE A 183 -27.96 -24.14 -11.80
C ILE A 183 -26.91 -23.16 -12.33
N ASP A 184 -25.90 -23.66 -13.04
CA ASP A 184 -24.89 -22.85 -13.72
C ASP A 184 -24.10 -21.98 -12.73
N VAL A 185 -23.57 -22.61 -11.68
CA VAL A 185 -22.68 -21.97 -10.74
C VAL A 185 -21.46 -22.86 -10.57
N ASP A 186 -20.28 -22.29 -10.80
CA ASP A 186 -19.03 -23.03 -10.65
C ASP A 186 -18.46 -22.81 -9.26
N LEU A 187 -17.92 -23.86 -8.67
CA LEU A 187 -17.40 -23.84 -7.31
C LEU A 187 -15.88 -23.80 -7.34
N HIS A 188 -15.31 -22.81 -6.67
CA HIS A 188 -13.87 -22.63 -6.56
C HIS A 188 -13.48 -22.65 -5.09
N ALA A 189 -12.31 -23.23 -4.80
CA ALA A 189 -11.87 -23.38 -3.43
C ALA A 189 -10.35 -23.33 -3.36
N LEU A 190 -9.84 -23.03 -2.16
CA LEU A 190 -8.41 -23.00 -1.94
C LEU A 190 -7.88 -24.38 -1.56
N ALA A 191 -8.58 -25.09 -0.69
CA ALA A 191 -8.13 -26.40 -0.23
C ALA A 191 -9.35 -27.27 0.07
N THR A 192 -9.12 -28.58 0.03
CA THR A 192 -10.12 -29.58 0.36
C THR A 192 -9.64 -30.39 1.56
N TRP A 193 -10.45 -31.37 1.97
CA TRP A 193 -10.04 -32.23 3.07
C TRP A 193 -8.88 -33.13 2.68
N TRP A 194 -8.79 -33.48 1.40
CA TRP A 194 -7.67 -34.30 0.93
C TRP A 194 -6.35 -33.56 1.07
N ASP A 195 -6.33 -32.26 0.75
CA ASP A 195 -5.12 -31.47 0.91
C ASP A 195 -4.69 -31.40 2.37
N VAL A 196 -5.66 -31.19 3.27
CA VAL A 196 -5.35 -31.12 4.69
C VAL A 196 -4.82 -32.47 5.18
N LEU A 197 -5.44 -33.56 4.75
CA LEU A 197 -4.97 -34.89 5.15
C LEU A 197 -3.57 -35.16 4.64
N ARG A 198 -3.28 -34.79 3.39
CA ARG A 198 -1.96 -35.01 2.83
C ARG A 198 -0.90 -34.21 3.58
N VAL A 199 -1.20 -32.94 3.88
CA VAL A 199 -0.23 -32.12 4.59
C VAL A 199 -0.04 -32.61 6.01
N ALA A 200 -1.12 -33.08 6.65
CA ALA A 200 -0.98 -33.62 8.00
C ALA A 200 -0.14 -34.89 8.01
N LYS A 201 -0.33 -35.76 7.02
CA LYS A 201 0.50 -36.96 6.92
C LYS A 201 1.95 -36.61 6.68
N ALA A 202 2.21 -35.61 5.83
CA ALA A 202 3.58 -35.19 5.56
C ALA A 202 4.24 -34.59 6.81
N SER A 203 3.47 -33.82 7.59
CA SER A 203 4.04 -33.15 8.74
C SER A 203 4.52 -34.15 9.80
N GLY A 204 3.75 -35.20 10.03
CA GLY A 204 4.12 -36.20 11.01
C GLY A 204 3.74 -35.87 12.43
N TYR A 205 2.95 -34.81 12.66
CA TYR A 205 2.53 -34.46 14.00
C TYR A 205 1.32 -35.25 14.46
N PHE A 206 0.70 -36.04 13.58
CA PHE A 206 -0.47 -36.85 13.92
C PHE A 206 -0.14 -38.33 13.82
N GLU A 207 -0.73 -39.11 14.73
CA GLU A 207 -0.48 -40.53 14.79
C GLU A 207 -1.07 -41.24 13.56
N THR A 208 -0.53 -42.43 13.29
CA THR A 208 -0.95 -43.17 12.09
C THR A 208 -2.40 -43.61 12.20
N LYS A 209 -2.83 -44.05 13.39
CA LYS A 209 -4.20 -44.53 13.55
C LYS A 209 -5.21 -43.43 13.29
N THR A 210 -4.95 -42.23 13.81
CA THR A 210 -5.88 -41.13 13.60
C THR A 210 -6.02 -40.78 12.12
N LEU A 211 -4.90 -40.69 11.41
CA LEU A 211 -4.96 -40.34 9.99
C LEU A 211 -5.60 -41.46 9.18
N ASP A 212 -5.38 -42.72 9.57
CA ASP A 212 -6.06 -43.82 8.90
C ASP A 212 -7.57 -43.73 9.09
N GLU A 213 -8.02 -43.40 10.30
CA GLU A 213 -9.45 -43.23 10.54
C GLU A 213 -10.01 -42.08 9.72
N VAL A 214 -9.28 -40.97 9.65
CA VAL A 214 -9.73 -39.84 8.82
C VAL A 214 -9.81 -40.23 7.36
N GLU A 215 -8.84 -41.00 6.86
CA GLU A 215 -8.88 -41.43 5.46
C GLU A 215 -10.09 -42.31 5.21
N LYS A 216 -10.37 -43.24 6.13
CA LYS A 216 -11.54 -44.09 5.98
C LYS A 216 -12.82 -43.26 5.99
N PHE A 217 -12.90 -42.27 6.87
CA PHE A 217 -14.06 -41.39 6.90
C PHE A 217 -14.22 -40.62 5.60
N LEU A 218 -13.12 -40.09 5.07
CA LEU A 218 -13.18 -39.30 3.85
C LEU A 218 -13.62 -40.16 2.67
N HIS A 219 -13.17 -41.41 2.63
CA HIS A 219 -13.56 -42.28 1.53
C HIS A 219 -15.00 -42.76 1.65
N ALA A 220 -15.46 -43.05 2.88
CA ALA A 220 -16.82 -43.51 3.13
C ALA A 220 -17.42 -42.70 4.28
N PRO A 221 -17.98 -41.53 3.99
CA PRO A 221 -18.51 -40.67 5.06
C PRO A 221 -19.74 -41.23 5.76
N ALA A 222 -20.76 -41.61 4.99
CA ALA A 222 -22.01 -42.07 5.58
C ALA A 222 -21.83 -43.37 6.35
N GLU A 223 -21.06 -44.30 5.79
CA GLU A 223 -20.81 -45.56 6.48
C GLU A 223 -20.04 -45.32 7.79
N TRP A 224 -19.06 -44.43 7.76
CA TRP A 224 -18.31 -44.14 8.98
C TRP A 224 -19.21 -43.48 10.03
N SER A 225 -20.07 -42.56 9.60
CA SER A 225 -20.99 -41.93 10.54
C SER A 225 -21.95 -42.95 11.16
N ALA A 226 -22.47 -43.86 10.34
CA ALA A 226 -23.36 -44.89 10.87
C ALA A 226 -22.63 -45.82 11.82
N ALA A 227 -21.39 -46.19 11.50
CA ALA A 227 -20.67 -47.16 12.32
C ALA A 227 -20.23 -46.54 13.65
N HIS A 228 -19.70 -45.33 13.64
CA HIS A 228 -19.12 -44.71 14.81
C HIS A 228 -20.07 -43.75 15.52
N GLY A 229 -21.32 -43.67 15.08
CA GLY A 229 -22.27 -42.77 15.72
C GLY A 229 -23.66 -42.86 15.13
N GLY A 230 -24.31 -41.72 14.96
CA GLY A 230 -25.66 -41.69 14.42
C GLY A 230 -25.75 -41.02 13.06
N THR B 10 -0.53 16.27 0.48
CA THR B 10 -0.07 16.94 1.69
C THR B 10 -0.87 18.22 1.90
N GLY B 11 -2.13 18.07 2.28
CA GLY B 11 -2.99 19.20 2.55
C GLY B 11 -4.35 18.73 3.03
N TYR B 12 -5.09 19.66 3.62
CA TYR B 12 -6.43 19.38 4.12
C TYR B 12 -7.52 20.20 3.45
N ASP B 13 -7.35 21.51 3.36
CA ASP B 13 -8.35 22.40 2.80
C ASP B 13 -7.86 22.96 1.47
N ARG B 14 -8.70 23.80 0.86
CA ARG B 14 -8.36 24.39 -0.44
C ARG B 14 -7.13 25.30 -0.33
N GLN B 15 -7.09 26.13 0.73
CA GLN B 15 -6.00 27.06 0.89
C GLN B 15 -4.67 26.34 1.09
N SER B 16 -4.66 25.32 1.96
CA SER B 16 -3.43 24.58 2.22
C SER B 16 -2.98 23.83 0.98
N ILE B 17 -3.91 23.22 0.25
CA ILE B 17 -3.55 22.51 -0.98
C ILE B 17 -2.95 23.47 -1.99
N SER B 18 -3.56 24.65 -2.14
CA SER B 18 -3.04 25.63 -3.09
CA SER B 18 -3.04 25.63 -3.09
C SER B 18 -1.65 26.11 -2.68
N ASP B 19 -1.44 26.39 -1.39
CA ASP B 19 -0.14 26.83 -0.93
C ASP B 19 0.92 25.77 -1.15
N THR B 20 0.59 24.51 -0.86
CA THR B 20 1.58 23.44 -1.04
C THR B 20 1.88 23.22 -2.52
N THR B 21 0.86 23.35 -3.38
CA THR B 21 1.10 23.23 -4.82
C THR B 21 1.99 24.36 -5.32
N ALA B 22 1.77 25.57 -4.84
CA ALA B 22 2.64 26.68 -5.22
C ALA B 22 4.07 26.46 -4.76
N LYS B 23 4.24 25.98 -3.53
CA LYS B 23 5.58 25.67 -3.04
C LYS B 23 6.24 24.58 -3.86
N ILE B 24 5.47 23.56 -4.25
CA ILE B 24 6.00 22.49 -5.08
C ILE B 24 6.45 23.02 -6.43
N LEU B 25 5.62 23.87 -7.06
CA LEU B 25 5.95 24.41 -8.37
C LEU B 25 7.22 25.27 -8.30
N LEU B 26 7.34 26.09 -7.26
CA LEU B 26 8.52 26.94 -7.16
C LEU B 26 9.75 26.14 -6.75
N GLU B 27 9.57 25.02 -6.05
CA GLU B 27 10.71 24.25 -5.56
C GLU B 27 11.41 23.51 -6.69
N VAL B 28 10.65 22.88 -7.57
CA VAL B 28 11.21 22.10 -8.67
C VAL B 28 11.44 23.01 -9.88
N GLN B 29 11.26 24.31 -9.68
CA GLN B 29 11.47 25.32 -10.71
C GLN B 29 10.60 25.08 -11.94
N ALA B 30 9.39 24.55 -11.71
CA ALA B 30 8.40 24.49 -12.79
C ALA B 30 7.81 25.86 -13.11
N VAL B 31 8.07 26.86 -12.26
CA VAL B 31 7.58 28.21 -12.45
C VAL B 31 8.79 29.13 -12.56
N HIS B 32 8.85 29.90 -13.64
CA HIS B 32 9.97 30.80 -13.91
C HIS B 32 9.48 32.23 -14.01
N PHE B 33 10.24 33.15 -13.43
CA PHE B 33 9.95 34.58 -13.47
C PHE B 33 11.10 35.30 -14.16
N ASN B 34 10.75 36.16 -15.13
CA ASN B 34 11.76 36.95 -15.83
C ASN B 34 11.08 38.21 -16.36
N ALA B 35 11.30 39.33 -15.68
CA ALA B 35 10.71 40.60 -16.09
C ALA B 35 11.56 41.36 -17.08
N GLU B 36 12.89 41.24 -16.99
CA GLU B 36 13.77 41.97 -17.91
C GLU B 36 13.66 41.42 -19.32
N LYS B 37 13.59 40.09 -19.48
CA LYS B 37 13.51 39.44 -20.78
C LYS B 37 12.29 38.53 -20.79
N PRO B 38 11.14 39.04 -21.22
CA PRO B 38 9.93 38.22 -21.24
C PRO B 38 10.05 37.04 -22.19
N PHE B 39 9.35 35.96 -21.85
CA PHE B 39 9.41 34.75 -22.64
C PHE B 39 8.62 34.90 -23.94
N ILE B 40 9.25 34.58 -25.06
CA ILE B 40 8.63 34.65 -26.38
C ILE B 40 8.05 36.02 -26.66
N SER B 43 4.81 32.63 -30.91
CA SER B 43 3.43 33.03 -31.19
C SER B 43 3.08 34.32 -30.48
N GLY B 44 4.10 35.15 -30.23
CA GLY B 44 3.86 36.39 -29.52
C GLY B 44 3.51 36.15 -28.06
N TRP B 45 2.75 37.08 -27.49
CA TRP B 45 2.30 37.02 -26.09
C TRP B 45 3.49 36.91 -25.15
N ALA B 46 4.30 37.97 -25.15
CA ALA B 46 5.44 38.03 -24.24
C ALA B 46 4.94 38.14 -22.81
N SER B 47 5.36 37.20 -21.96
CA SER B 47 4.95 37.18 -20.56
C SER B 47 6.17 37.00 -19.67
N PRO B 48 6.14 37.56 -18.46
CA PRO B 48 7.27 37.40 -17.54
C PRO B 48 7.23 36.10 -16.75
N VAL B 49 6.21 35.27 -16.96
CA VAL B 49 6.03 34.04 -16.20
C VAL B 49 6.02 32.87 -17.17
N TYR B 50 6.70 31.79 -16.81
CA TYR B 50 6.72 30.57 -17.59
C TYR B 50 6.48 29.38 -16.67
N ILE B 51 5.58 28.50 -17.08
CA ILE B 51 5.23 27.33 -16.29
C ILE B 51 5.35 26.09 -17.17
N ASP B 52 5.97 25.04 -16.64
CA ASP B 52 6.14 23.77 -17.33
C ASP B 52 5.71 22.66 -16.36
N CYS B 53 4.42 22.31 -16.41
CA CYS B 53 3.90 21.28 -15.53
C CYS B 53 4.37 19.88 -15.91
N ARG B 54 4.99 19.71 -17.09
CA ARG B 54 5.50 18.41 -17.48
C ARG B 54 6.79 18.06 -16.76
N LYS B 55 7.46 19.03 -16.15
CA LYS B 55 8.60 18.74 -15.29
C LYS B 55 8.18 18.04 -14.01
N LEU B 56 6.90 18.14 -13.65
CA LEU B 56 6.37 17.59 -12.40
C LEU B 56 6.36 16.08 -12.38
N ILE B 57 6.35 15.42 -13.54
CA ILE B 57 6.33 13.96 -13.59
C ILE B 57 7.71 13.34 -13.44
N SER B 58 8.76 14.14 -13.44
CA SER B 58 10.12 13.64 -13.27
C SER B 58 10.56 13.64 -11.82
N TYR B 59 9.69 14.02 -10.89
CA TYR B 59 10.00 14.02 -9.47
C TYR B 59 8.99 13.14 -8.74
N PRO B 60 9.41 12.01 -8.18
CA PRO B 60 8.43 11.04 -7.66
C PRO B 60 7.63 11.54 -6.46
N ARG B 61 8.31 12.07 -5.44
CA ARG B 61 7.61 12.55 -4.26
C ARG B 61 6.65 13.69 -4.60
N VAL B 62 7.09 14.60 -5.46
CA VAL B 62 6.26 15.72 -5.86
C VAL B 62 4.99 15.23 -6.55
N ARG B 63 5.13 14.28 -7.47
CA ARG B 63 3.95 13.78 -8.18
C ARG B 63 3.04 12.98 -7.26
N ARG B 64 3.60 12.25 -6.30
CA ARG B 64 2.77 11.54 -5.34
C ARG B 64 1.95 12.51 -4.50
N ALA B 65 2.58 13.56 -4.00
CA ALA B 65 1.87 14.56 -3.21
C ALA B 65 0.80 15.25 -4.04
N LEU B 66 1.12 15.60 -5.28
CA LEU B 66 0.17 16.28 -6.14
C LEU B 66 -1.02 15.39 -6.46
N MET B 67 -0.79 14.09 -6.65
CA MET B 67 -1.90 13.18 -6.92
C MET B 67 -2.76 12.96 -5.69
N GLU B 68 -2.16 12.93 -4.49
CA GLU B 68 -2.96 12.88 -3.27
C GLU B 68 -3.84 14.11 -3.16
N MET B 69 -3.27 15.29 -3.43
CA MET B 69 -4.05 16.52 -3.41
C MET B 69 -5.15 16.51 -4.46
N ALA B 70 -4.85 15.97 -5.65
CA ALA B 70 -5.84 15.89 -6.71
C ALA B 70 -7.02 15.01 -6.30
N GLU B 71 -6.73 13.85 -5.72
CA GLU B 71 -7.79 12.97 -5.25
C GLU B 71 -8.61 13.64 -4.16
N THR B 72 -7.95 14.33 -3.24
CA THR B 72 -8.67 15.05 -2.18
C THR B 72 -9.60 16.10 -2.77
N THR B 73 -9.10 16.88 -3.73
CA THR B 73 -9.92 17.92 -4.35
C THR B 73 -11.10 17.32 -5.09
N ILE B 74 -10.86 16.24 -5.84
CA ILE B 74 -11.94 15.61 -6.60
C ILE B 74 -13.02 15.08 -5.67
N THR B 75 -12.62 14.40 -4.59
CA THR B 75 -13.60 13.86 -3.66
C THR B 75 -14.35 14.96 -2.92
N ARG B 76 -13.66 16.04 -2.54
CA ARG B 76 -14.30 17.08 -1.75
C ARG B 76 -15.23 17.95 -2.58
N ASP B 77 -14.82 18.30 -3.80
CA ASP B 77 -15.59 19.23 -4.62
C ASP B 77 -16.62 18.55 -5.50
N ILE B 78 -16.26 17.42 -6.13
CA ILE B 78 -17.19 16.72 -7.01
C ILE B 78 -18.00 15.73 -6.21
N GLY B 79 -17.34 14.78 -5.58
CA GLY B 79 -17.99 13.74 -4.81
C GLY B 79 -17.23 12.43 -4.94
N PHE B 80 -17.48 11.53 -4.00
CA PHE B 80 -16.76 10.26 -3.99
C PHE B 80 -17.24 9.31 -5.08
N GLU B 81 -18.55 9.24 -5.32
CA GLU B 81 -19.11 8.31 -6.29
C GLU B 81 -19.82 9.05 -7.43
N GLN B 82 -19.21 10.13 -7.92
CA GLN B 82 -19.75 10.89 -9.05
C GLN B 82 -18.97 10.69 -10.34
N ILE B 83 -17.87 9.94 -10.31
CA ILE B 83 -17.00 9.76 -11.46
C ILE B 83 -16.85 8.27 -11.74
N ASP B 84 -17.11 7.87 -12.99
CA ASP B 84 -16.97 6.48 -13.40
C ASP B 84 -15.81 6.25 -14.35
N ALA B 85 -15.14 7.31 -14.80
CA ALA B 85 -13.95 7.19 -15.65
C ALA B 85 -13.16 8.48 -15.57
N VAL B 86 -11.87 8.37 -15.90
CA VAL B 86 -10.98 9.53 -15.93
C VAL B 86 -10.30 9.55 -17.29
N ALA B 87 -10.51 10.64 -18.03
CA ALA B 87 -9.91 10.83 -19.34
C ALA B 87 -8.96 12.03 -19.29
N GLY B 88 -7.84 11.90 -20.00
CA GLY B 88 -6.81 12.92 -20.00
C GLY B 88 -6.60 13.51 -21.37
N GLY B 89 -6.14 14.77 -21.40
CA GLY B 89 -5.79 15.39 -22.65
C GLY B 89 -4.54 14.75 -23.25
N GLU B 90 -4.39 14.92 -24.55
CA GLU B 90 -3.33 14.22 -25.27
C GLU B 90 -1.96 14.85 -24.97
N THR B 91 -1.00 13.99 -24.63
CA THR B 91 0.42 14.32 -24.58
C THR B 91 0.74 15.22 -23.38
N ALA B 92 -0.29 15.72 -22.71
CA ALA B 92 -0.07 16.65 -21.60
C ALA B 92 -0.50 16.09 -20.26
N GLY B 93 -1.77 15.67 -20.13
CA GLY B 93 -2.30 15.19 -18.87
C GLY B 93 -2.51 13.70 -18.78
N ILE B 94 -1.95 12.91 -19.69
CA ILE B 94 -2.10 11.46 -19.65
C ILE B 94 -1.47 10.86 -18.40
N PRO B 95 -0.23 11.22 -18.01
CA PRO B 95 0.31 10.64 -16.77
C PRO B 95 -0.50 10.99 -15.53
N PHE B 96 -0.93 12.24 -15.41
CA PHE B 96 -1.74 12.65 -14.26
C PHE B 96 -3.08 11.92 -14.27
N ALA B 97 -3.67 11.75 -15.45
CA ALA B 97 -4.92 11.00 -15.54
C ALA B 97 -4.72 9.55 -15.12
N ALA B 98 -3.59 8.95 -15.53
CA ALA B 98 -3.32 7.57 -15.16
C ALA B 98 -3.17 7.44 -13.65
N TRP B 99 -2.42 8.36 -13.03
CA TRP B 99 -2.24 8.29 -11.59
C TRP B 99 -3.55 8.51 -10.84
N ILE B 100 -4.37 9.45 -11.31
CA ILE B 100 -5.67 9.70 -10.68
C ILE B 100 -6.57 8.47 -10.82
N ALA B 101 -6.59 7.87 -12.01
CA ALA B 101 -7.42 6.68 -12.21
C ALA B 101 -6.97 5.53 -11.34
N ASP B 102 -5.64 5.34 -11.19
CA ASP B 102 -5.14 4.31 -10.30
C ASP B 102 -5.54 4.58 -8.87
N ARG B 103 -5.47 5.84 -8.43
CA ARG B 103 -5.86 6.17 -7.06
C ARG B 103 -7.35 5.93 -6.83
N MET B 104 -8.17 6.26 -7.82
CA MET B 104 -9.62 6.19 -7.68
C MET B 104 -10.22 4.83 -8.06
N MET B 105 -9.39 3.83 -8.32
CA MET B 105 -9.81 2.53 -8.87
C MET B 105 -10.91 2.71 -9.91
N VAL B 106 -10.60 3.50 -10.92
CA VAL B 106 -11.59 3.92 -11.91
C VAL B 106 -10.97 3.72 -13.30
N PRO B 107 -11.77 3.37 -14.31
CA PRO B 107 -11.20 3.17 -15.66
C PRO B 107 -10.62 4.46 -16.21
N MET B 108 -9.62 4.30 -17.08
CA MET B 108 -8.91 5.41 -17.69
C MET B 108 -9.10 5.41 -19.21
N GLN B 109 -9.25 6.60 -19.77
CA GLN B 109 -9.23 6.81 -21.21
C GLN B 109 -8.36 8.04 -21.49
N TYR B 110 -8.13 8.30 -22.78
CA TYR B 110 -7.47 9.53 -23.18
C TYR B 110 -7.99 9.94 -24.55
N VAL B 111 -8.07 11.25 -24.76
CA VAL B 111 -8.71 11.82 -25.94
C VAL B 111 -7.65 12.42 -26.84
N ARG B 112 -7.65 12.03 -28.10
CA ARG B 112 -6.72 12.57 -29.08
C ARG B 112 -7.12 13.97 -29.49
N LYS B 113 -6.12 14.80 -29.80
CA LYS B 113 -6.39 16.16 -30.25
C LYS B 113 -7.10 16.17 -31.59
N LYS B 114 -6.71 15.29 -32.51
CA LYS B 114 -7.33 15.18 -33.81
C LYS B 114 -7.81 13.75 -34.04
N PRO B 115 -9.00 13.57 -34.59
CA PRO B 115 -9.54 12.22 -34.77
C PRO B 115 -8.71 11.39 -35.74
N LYS B 116 -8.66 10.09 -35.48
CA LYS B 116 -7.96 9.12 -36.32
C LYS B 116 -8.93 8.00 -36.62
N GLY B 117 -9.73 8.17 -37.67
CA GLY B 117 -10.74 7.19 -38.01
C GLY B 117 -12.12 7.81 -38.17
N PHE B 118 -13.17 7.01 -38.05
CA PHE B 118 -14.53 7.50 -38.15
C PHE B 118 -15.44 6.71 -37.23
N GLY B 119 -16.37 7.41 -36.60
CA GLY B 119 -17.40 6.76 -35.81
C GLY B 119 -17.22 6.88 -34.30
N ARG B 120 -17.96 7.81 -33.69
CA ARG B 120 -18.04 7.97 -32.25
C ARG B 120 -16.69 7.96 -31.55
N ASN B 121 -16.09 6.78 -31.41
CA ASN B 121 -14.87 6.59 -30.64
C ASN B 121 -13.60 6.83 -31.45
N ALA B 122 -13.68 7.62 -32.52
CA ALA B 122 -12.50 7.88 -33.33
C ALA B 122 -11.49 8.74 -32.57
N GLN B 123 -11.96 9.64 -31.72
CA GLN B 123 -11.10 10.57 -31.01
C GLN B 123 -10.77 10.12 -29.59
N ILE B 124 -11.27 8.96 -29.15
CA ILE B 124 -11.06 8.48 -27.80
C ILE B 124 -10.38 7.11 -27.86
N GLU B 125 -9.29 6.96 -27.11
CA GLU B 125 -8.57 5.70 -27.01
C GLU B 125 -8.86 5.08 -25.65
N GLY B 126 -9.25 3.82 -25.66
CA GLY B 126 -9.72 3.13 -24.48
C GLY B 126 -11.18 2.73 -24.61
N HIS B 127 -11.67 2.05 -23.58
CA HIS B 127 -13.04 1.55 -23.57
C HIS B 127 -13.91 2.52 -22.77
N LEU B 128 -14.93 3.07 -23.42
CA LEU B 128 -15.82 4.06 -22.83
C LEU B 128 -17.24 3.50 -22.85
N GLU B 129 -17.73 3.07 -21.70
CA GLU B 129 -19.10 2.58 -21.61
C GLU B 129 -20.08 3.72 -21.80
N GLU B 130 -21.21 3.41 -22.44
CA GLU B 130 -22.23 4.42 -22.69
C GLU B 130 -22.84 4.91 -21.38
N GLY B 131 -22.98 6.22 -21.26
CA GLY B 131 -23.54 6.81 -20.06
C GLY B 131 -22.56 7.01 -18.93
N SER B 132 -21.28 6.69 -19.12
CA SER B 132 -20.29 6.83 -18.08
C SER B 132 -20.05 8.29 -17.75
N ARG B 133 -19.77 8.55 -16.48
CA ARG B 133 -19.44 9.89 -16.01
C ARG B 133 -17.92 10.03 -15.99
N VAL B 134 -17.40 10.95 -16.81
CA VAL B 134 -15.98 11.05 -17.09
C VAL B 134 -15.45 12.38 -16.57
N LEU B 135 -14.31 12.32 -15.90
CA LEU B 135 -13.59 13.50 -15.44
C LEU B 135 -12.43 13.78 -16.40
N LEU B 136 -12.39 14.99 -16.94
CA LEU B 136 -11.35 15.39 -17.87
C LEU B 136 -10.18 15.98 -17.09
N VAL B 137 -8.99 15.44 -17.31
CA VAL B 137 -7.79 15.83 -16.56
C VAL B 137 -6.78 16.40 -17.53
N GLU B 138 -6.23 17.56 -17.19
CA GLU B 138 -5.19 18.20 -17.98
C GLU B 138 -4.10 18.73 -17.05
N ASP B 139 -2.93 19.01 -17.63
CA ASP B 139 -1.83 19.53 -16.84
C ASP B 139 -2.09 20.97 -16.39
N LEU B 140 -2.52 21.83 -17.30
CA LEU B 140 -2.82 23.21 -16.96
C LEU B 140 -3.74 23.79 -18.02
N THR B 141 -4.42 24.87 -17.65
CA THR B 141 -5.31 25.57 -18.55
C THR B 141 -5.05 27.08 -18.46
N THR B 142 -5.23 27.76 -19.58
CA THR B 142 -5.07 29.21 -19.64
C THR B 142 -6.38 29.93 -19.92
N ASP B 143 -7.05 29.57 -21.02
CA ASP B 143 -8.36 30.13 -21.35
C ASP B 143 -9.41 29.03 -21.51
N SER B 144 -9.05 27.76 -21.29
CA SER B 144 -9.94 26.62 -21.43
C SER B 144 -10.62 26.58 -22.80
N ARG B 145 -9.95 27.12 -23.82
CA ARG B 145 -10.47 27.03 -25.17
C ARG B 145 -10.21 25.65 -25.78
N SER B 146 -9.09 25.02 -25.43
CA SER B 146 -8.76 23.70 -25.95
C SER B 146 -9.55 22.58 -25.29
N LYS B 147 -10.19 22.83 -24.15
CA LYS B 147 -10.97 21.80 -23.49
C LYS B 147 -12.31 21.56 -24.18
N ILE B 148 -12.77 22.50 -24.99
CA ILE B 148 -14.05 22.34 -25.68
C ILE B 148 -14.00 21.12 -26.60
N ASN B 149 -12.91 20.98 -27.34
CA ASN B 149 -12.78 19.87 -28.27
C ASN B 149 -12.81 18.53 -27.53
N PHE B 150 -12.07 18.42 -26.43
CA PHE B 150 -12.04 17.17 -25.68
C PHE B 150 -13.41 16.86 -25.07
N VAL B 151 -14.08 17.87 -24.54
CA VAL B 151 -15.39 17.64 -23.94
C VAL B 151 -16.39 17.19 -24.99
N ASN B 152 -16.38 17.82 -26.16
CA ASN B 152 -17.30 17.41 -27.22
C ASN B 152 -16.96 16.02 -27.74
N ALA B 153 -15.66 15.69 -27.82
CA ALA B 153 -15.27 14.35 -28.25
C ALA B 153 -15.77 13.30 -27.26
N LEU B 154 -15.64 13.58 -25.97
CA LEU B 154 -16.12 12.63 -24.96
C LEU B 154 -17.64 12.52 -24.99
N ARG B 155 -18.34 13.63 -25.20
CA ARG B 155 -19.80 13.60 -25.20
C ARG B 155 -20.34 12.93 -26.45
N THR B 156 -19.60 12.97 -27.56
CA THR B 156 -20.04 12.29 -28.78
C THR B 156 -20.09 10.78 -28.58
N ALA B 157 -19.17 10.25 -27.77
CA ALA B 157 -19.12 8.81 -27.51
C ALA B 157 -20.13 8.36 -26.45
N GLY B 158 -20.92 9.27 -25.89
CA GLY B 158 -21.92 8.92 -24.91
C GLY B 158 -21.54 9.22 -23.48
N ALA B 159 -20.33 9.70 -23.23
CA ALA B 159 -19.92 10.01 -21.87
C ALA B 159 -20.59 11.29 -21.38
N THR B 160 -20.79 11.36 -20.06
CA THR B 160 -21.35 12.52 -19.39
C THR B 160 -20.20 13.28 -18.75
N VAL B 161 -19.84 14.42 -19.32
CA VAL B 161 -18.73 15.24 -18.82
C VAL B 161 -19.32 16.46 -18.15
N ASN B 162 -19.14 16.55 -16.84
CA ASN B 162 -19.59 17.71 -16.06
C ASN B 162 -18.50 18.33 -15.21
N HIS B 163 -17.32 17.71 -15.14
CA HIS B 163 -16.24 18.22 -14.30
C HIS B 163 -14.93 18.14 -15.06
N CYS B 164 -14.07 19.12 -14.83
CA CYS B 164 -12.76 19.17 -15.45
C CYS B 164 -11.73 19.51 -14.38
N PHE B 165 -10.61 18.79 -14.39
CA PHE B 165 -9.55 18.97 -13.41
C PHE B 165 -8.25 19.33 -14.09
N VAL B 166 -7.57 20.35 -13.56
CA VAL B 166 -6.27 20.79 -14.04
C VAL B 166 -5.38 21.07 -12.84
N LEU B 167 -4.10 20.70 -12.94
CA LEU B 167 -3.18 20.96 -11.84
C LEU B 167 -2.99 22.46 -11.60
N PHE B 168 -2.85 23.22 -12.68
CA PHE B 168 -2.63 24.66 -12.58
C PHE B 168 -3.68 25.39 -13.42
N HIS B 169 -4.14 26.53 -12.90
CA HIS B 169 -5.12 27.36 -13.58
C HIS B 169 -4.60 28.80 -13.55
N TYR B 170 -4.49 29.40 -14.74
CA TYR B 170 -3.87 30.72 -14.82
C TYR B 170 -4.68 31.75 -14.04
N ASN B 171 -6.00 31.73 -14.18
CA ASN B 171 -6.90 32.62 -13.46
C ASN B 171 -6.55 34.09 -13.68
N ILE B 172 -6.09 34.40 -14.89
CA ILE B 172 -5.82 35.78 -15.29
C ILE B 172 -6.63 36.20 -16.50
N PHE B 173 -7.44 35.30 -17.06
CA PHE B 173 -8.30 35.59 -18.19
C PHE B 173 -9.76 35.44 -17.76
N LYS B 174 -10.63 36.31 -18.27
CA LYS B 174 -12.00 36.35 -17.79
C LYS B 174 -12.80 35.13 -18.21
N GLU B 175 -12.45 34.51 -19.34
CA GLU B 175 -13.22 33.41 -19.89
C GLU B 175 -12.63 32.04 -19.54
N SER B 176 -11.72 31.98 -18.59
CA SER B 176 -11.08 30.70 -18.26
C SER B 176 -12.06 29.72 -17.64
N VAL B 177 -13.09 30.22 -16.94
CA VAL B 177 -14.06 29.35 -16.30
C VAL B 177 -15.44 29.44 -16.94
N SER B 178 -15.80 30.60 -17.50
CA SER B 178 -17.13 30.76 -18.08
C SER B 178 -17.31 29.95 -19.34
N VAL B 179 -16.25 29.77 -20.13
CA VAL B 179 -16.39 29.04 -21.38
C VAL B 179 -16.69 27.56 -21.11
N LEU B 180 -16.14 27.00 -20.03
CA LEU B 180 -16.47 25.64 -19.65
C LEU B 180 -17.85 25.55 -18.99
N LYS B 181 -18.24 26.59 -18.26
CA LYS B 181 -19.56 26.60 -17.63
C LYS B 181 -20.67 26.71 -18.67
N ASP B 182 -20.41 27.35 -19.80
CA ASP B 182 -21.43 27.48 -20.85
C ASP B 182 -21.84 26.11 -21.39
N ILE B 183 -20.91 25.16 -21.43
CA ILE B 183 -21.22 23.80 -21.86
C ILE B 183 -21.49 22.88 -20.67
N ASP B 184 -21.75 23.46 -19.50
CA ASP B 184 -22.06 22.72 -18.27
C ASP B 184 -20.91 21.81 -17.86
N VAL B 185 -19.72 22.42 -17.71
CA VAL B 185 -18.53 21.72 -17.22
C VAL B 185 -17.87 22.61 -16.18
N ASP B 186 -17.58 22.05 -15.02
CA ASP B 186 -16.95 22.79 -13.94
C ASP B 186 -15.44 22.56 -13.95
N LEU B 187 -14.70 23.60 -13.60
CA LEU B 187 -13.24 23.56 -13.62
C LEU B 187 -12.72 23.54 -12.18
N HIS B 188 -11.97 22.49 -11.86
CA HIS B 188 -11.33 22.34 -10.56
C HIS B 188 -9.82 22.38 -10.74
N ALA B 189 -9.16 23.15 -9.88
CA ALA B 189 -7.73 23.36 -10.00
C ALA B 189 -7.08 23.30 -8.62
N LEU B 190 -5.80 22.92 -8.60
CA LEU B 190 -5.05 22.90 -7.35
C LEU B 190 -4.54 24.28 -6.99
N ALA B 191 -3.96 25.00 -7.94
CA ALA B 191 -3.36 26.30 -7.67
C ALA B 191 -3.63 27.25 -8.83
N THR B 192 -3.54 28.54 -8.52
CA THR B 192 -3.66 29.60 -9.50
C THR B 192 -2.38 30.44 -9.49
N TRP B 193 -2.28 31.36 -10.47
CA TRP B 193 -1.11 32.24 -10.52
C TRP B 193 -1.06 33.16 -9.31
N TRP B 194 -2.22 33.55 -8.79
CA TRP B 194 -2.25 34.42 -7.61
C TRP B 194 -1.62 33.74 -6.40
N ASP B 195 -1.88 32.44 -6.24
CA ASP B 195 -1.35 31.73 -5.07
C ASP B 195 0.14 31.50 -5.20
N VAL B 196 0.62 31.21 -6.40
CA VAL B 196 2.06 31.12 -6.64
C VAL B 196 2.72 32.46 -6.36
N LEU B 197 2.09 33.55 -6.81
CA LEU B 197 2.62 34.89 -6.55
C LEU B 197 2.68 35.18 -5.05
N ARG B 198 1.64 34.80 -4.31
CA ARG B 198 1.62 35.02 -2.87
C ARG B 198 2.73 34.24 -2.18
N VAL B 199 2.91 32.97 -2.56
CA VAL B 199 3.93 32.15 -1.94
C VAL B 199 5.33 32.71 -2.27
N ALA B 200 5.54 33.13 -3.52
CA ALA B 200 6.83 33.70 -3.90
C ALA B 200 7.11 34.99 -3.15
N LYS B 201 6.08 35.83 -2.97
CA LYS B 201 6.27 37.06 -2.21
C LYS B 201 6.59 36.77 -0.76
N ALA B 202 5.93 35.77 -0.17
CA ALA B 202 6.17 35.44 1.23
C ALA B 202 7.56 34.83 1.42
N SER B 203 8.02 34.03 0.45
CA SER B 203 9.30 33.34 0.60
C SER B 203 10.46 34.32 0.71
N GLY B 204 10.45 35.37 -0.09
CA GLY B 204 11.51 36.35 -0.06
C GLY B 204 12.73 36.01 -0.89
N TYR B 205 12.66 34.97 -1.71
CA TYR B 205 13.78 34.60 -2.58
C TYR B 205 13.77 35.36 -3.89
N PHE B 206 12.77 36.22 -4.13
CA PHE B 206 12.65 36.98 -5.36
C PHE B 206 12.72 38.46 -5.07
N GLU B 207 13.31 39.20 -6.01
CA GLU B 207 13.44 40.65 -5.84
C GLU B 207 12.08 41.32 -5.94
N THR B 208 11.97 42.49 -5.31
CA THR B 208 10.70 43.21 -5.27
C THR B 208 10.27 43.66 -6.66
N LYS B 209 11.22 44.13 -7.47
CA LYS B 209 10.88 44.63 -8.80
C LYS B 209 10.28 43.53 -9.68
N THR B 210 10.87 42.34 -9.64
CA THR B 210 10.36 41.24 -10.45
C THR B 210 8.94 40.87 -10.03
N LEU B 211 8.69 40.79 -8.72
CA LEU B 211 7.37 40.43 -8.25
C LEU B 211 6.34 41.52 -8.56
N ASP B 212 6.75 42.78 -8.49
CA ASP B 212 5.83 43.87 -8.87
C ASP B 212 5.49 43.79 -10.35
N GLU B 213 6.48 43.52 -11.20
CA GLU B 213 6.20 43.36 -12.62
C GLU B 213 5.28 42.18 -12.88
N VAL B 214 5.51 41.06 -12.18
CA VAL B 214 4.64 39.89 -12.35
C VAL B 214 3.22 40.21 -11.91
N GLU B 215 3.07 40.95 -10.81
CA GLU B 215 1.73 41.31 -10.34
C GLU B 215 1.02 42.22 -11.34
N LYS B 216 1.72 43.24 -11.86
CA LYS B 216 1.09 44.12 -12.83
C LYS B 216 0.79 43.40 -14.13
N PHE B 217 1.54 42.33 -14.44
CA PHE B 217 1.19 41.50 -15.59
C PHE B 217 -0.06 40.67 -15.32
N LEU B 218 -0.14 40.06 -14.13
CA LEU B 218 -1.28 39.20 -13.84
C LEU B 218 -2.57 40.00 -13.69
N HIS B 219 -2.46 41.28 -13.34
CA HIS B 219 -3.66 42.12 -13.31
C HIS B 219 -4.17 42.41 -14.72
N ALA B 220 -3.27 42.79 -15.63
CA ALA B 220 -3.63 43.12 -17.02
C ALA B 220 -2.68 42.38 -17.95
N PRO B 221 -3.01 41.14 -18.34
CA PRO B 221 -2.09 40.36 -19.17
C PRO B 221 -1.94 40.91 -20.59
N ALA B 222 -3.07 41.19 -21.24
CA ALA B 222 -3.03 41.64 -22.63
C ALA B 222 -2.32 42.99 -22.76
N GLU B 223 -2.60 43.92 -21.84
CA GLU B 223 -1.95 45.22 -21.91
C GLU B 223 -0.44 45.09 -21.72
N TRP B 224 -0.01 44.26 -20.76
CA TRP B 224 1.42 44.05 -20.55
C TRP B 224 2.08 43.42 -21.77
N SER B 225 1.42 42.42 -22.36
CA SER B 225 1.97 41.78 -23.55
C SER B 225 2.09 42.76 -24.70
N ALA B 226 1.08 43.59 -24.91
CA ALA B 226 1.13 44.59 -25.98
C ALA B 226 2.24 45.61 -25.71
N ALA B 227 2.39 46.03 -24.46
CA ALA B 227 3.38 47.06 -24.13
C ALA B 227 4.80 46.53 -24.23
N HIS B 228 5.00 45.23 -23.99
CA HIS B 228 6.33 44.64 -24.00
C HIS B 228 6.63 43.85 -25.26
N GLY B 229 6.18 44.35 -26.42
CA GLY B 229 6.51 43.73 -27.69
C GLY B 229 5.89 42.37 -27.92
N GLY B 230 4.59 42.23 -27.70
CA GLY B 230 3.90 40.98 -27.95
C GLY B 230 3.07 41.02 -29.21
N THR C 10 -0.78 11.42 11.35
CA THR C 10 -1.72 11.91 12.36
C THR C 10 -1.69 13.44 12.77
N GLY C 11 -1.70 14.34 11.80
CA GLY C 11 -1.75 15.78 12.05
C GLY C 11 -1.52 16.49 10.72
N TYR C 12 -1.79 17.78 10.60
CA TYR C 12 -1.46 18.56 9.42
C TYR C 12 -0.46 19.67 9.73
N ASP C 13 -0.77 20.54 10.68
CA ASP C 13 0.11 21.65 11.00
C ASP C 13 1.11 21.24 12.08
N ARG C 14 1.99 22.18 12.45
CA ARG C 14 3.01 21.91 13.44
C ARG C 14 2.42 21.63 14.82
N GLN C 15 1.41 22.43 15.22
CA GLN C 15 0.86 22.29 16.56
C GLN C 15 0.15 20.96 16.75
N SER C 16 -0.64 20.54 15.76
CA SER C 16 -1.33 19.26 15.86
C SER C 16 -0.33 18.11 15.89
N ILE C 17 0.72 18.20 15.08
CA ILE C 17 1.75 17.16 15.07
C ILE C 17 2.42 17.07 16.44
N SER C 18 2.75 18.21 17.03
CA SER C 18 3.39 18.21 18.35
C SER C 18 2.45 17.65 19.42
N ASP C 19 1.17 18.01 19.37
CA ASP C 19 0.21 17.48 20.33
C ASP C 19 0.06 15.97 20.20
N THR C 20 0.00 15.48 18.95
CA THR C 20 -0.11 14.04 18.74
C THR C 20 1.15 13.32 19.22
N THR C 21 2.32 13.90 18.98
CA THR C 21 3.56 13.29 19.46
C THR C 21 3.58 13.23 20.98
N ALA C 22 3.16 14.31 21.65
CA ALA C 22 3.13 14.32 23.10
C ALA C 22 2.16 13.28 23.64
N LYS C 23 0.97 13.17 23.03
CA LYS C 23 0.01 12.16 23.45
C LYS C 23 0.56 10.76 23.25
N ILE C 24 1.24 10.53 22.13
CA ILE C 24 1.84 9.23 21.87
C ILE C 24 2.88 8.90 22.92
N LEU C 25 3.75 9.87 23.25
CA LEU C 25 4.80 9.62 24.23
C LEU C 25 4.22 9.33 25.60
N LEU C 26 3.20 10.09 26.01
CA LEU C 26 2.61 9.86 27.33
C LEU C 26 1.79 8.58 27.38
N GLU C 27 1.24 8.15 26.25
CA GLU C 27 0.38 6.98 26.22
C GLU C 27 1.18 5.69 26.38
N VAL C 28 2.32 5.60 25.68
CA VAL C 28 3.13 4.38 25.71
C VAL C 28 4.12 4.46 26.88
N GLN C 29 3.94 5.47 27.72
CA GLN C 29 4.78 5.68 28.91
C GLN C 29 6.25 5.82 28.54
N ALA C 30 6.54 6.39 27.37
CA ALA C 30 7.91 6.73 27.03
C ALA C 30 8.40 7.95 27.80
N VAL C 31 7.51 8.71 28.41
CA VAL C 31 7.84 9.90 29.19
C VAL C 31 7.42 9.66 30.62
N HIS C 32 8.37 9.80 31.55
CA HIS C 32 8.14 9.55 32.97
C HIS C 32 8.42 10.82 33.76
N PHE C 33 7.57 11.08 34.76
CA PHE C 33 7.73 12.21 35.66
C PHE C 33 7.91 11.69 37.08
N ASN C 34 8.91 12.23 37.79
CA ASN C 34 9.14 11.83 39.18
C ASN C 34 9.85 12.99 39.88
N ALA C 35 9.10 13.74 40.69
CA ALA C 35 9.66 14.87 41.41
C ALA C 35 10.21 14.47 42.77
N GLU C 36 9.65 13.44 43.40
CA GLU C 36 10.14 13.01 44.71
C GLU C 36 11.49 12.33 44.61
N LYS C 37 11.66 11.46 43.62
CA LYS C 37 12.92 10.73 43.39
C LYS C 37 13.42 11.06 41.99
N PRO C 38 14.32 12.03 41.86
CA PRO C 38 14.80 12.43 40.53
C PRO C 38 15.62 11.34 39.88
N PHE C 39 15.69 11.41 38.55
CA PHE C 39 16.47 10.46 37.77
C PHE C 39 17.90 10.98 37.63
N ILE C 40 18.86 10.23 38.19
CA ILE C 40 20.26 10.63 38.15
C ILE C 40 20.97 9.95 36.98
N SER C 43 25.91 9.39 36.15
CA SER C 43 26.46 10.52 35.41
C SER C 43 25.93 11.84 35.96
N GLY C 44 25.35 11.79 37.14
CA GLY C 44 24.77 12.97 37.76
C GLY C 44 23.55 13.47 37.01
N TRP C 45 23.36 14.79 37.01
CA TRP C 45 22.25 15.44 36.31
C TRP C 45 20.90 14.87 36.75
N ALA C 46 20.60 15.10 38.03
CA ALA C 46 19.31 14.68 38.57
C ALA C 46 18.19 15.47 37.93
N SER C 47 17.28 14.77 37.25
CA SER C 47 16.17 15.41 36.58
C SER C 47 14.88 14.68 36.91
N PRO C 48 13.75 15.39 36.97
CA PRO C 48 12.47 14.75 37.27
C PRO C 48 11.78 14.14 36.05
N VAL C 49 12.36 14.29 34.86
CA VAL C 49 11.75 13.83 33.63
C VAL C 49 12.67 12.79 33.00
N TYR C 50 12.10 11.69 32.54
CA TYR C 50 12.83 10.65 31.84
C TYR C 50 12.09 10.30 30.56
N ILE C 51 12.82 10.21 29.46
CA ILE C 51 12.27 9.89 28.15
C ILE C 51 13.07 8.75 27.53
N ASP C 52 12.36 7.76 26.99
CA ASP C 52 12.97 6.63 26.30
C ASP C 52 12.26 6.48 24.95
N CYS C 53 12.75 7.20 23.94
CA CYS C 53 12.14 7.17 22.63
C CYS C 53 12.35 5.85 21.90
N ARG C 54 13.21 4.98 22.42
CA ARG C 54 13.43 3.67 21.83
C ARG C 54 12.33 2.67 22.14
N LYS C 55 11.42 3.01 23.06
CA LYS C 55 10.24 2.17 23.27
C LYS C 55 9.22 2.32 22.14
N LEU C 56 9.29 3.42 21.38
CA LEU C 56 8.32 3.66 20.33
C LEU C 56 8.45 2.68 19.17
N ILE C 57 9.58 1.97 19.08
CA ILE C 57 9.76 0.97 18.02
C ILE C 57 9.05 -0.34 18.32
N SER C 58 8.59 -0.54 19.55
CA SER C 58 7.91 -1.76 19.95
C SER C 58 6.39 -1.65 19.84
N TYR C 59 5.87 -0.52 19.39
CA TYR C 59 4.44 -0.34 19.20
C TYR C 59 4.16 -0.02 17.74
N PRO C 60 3.50 -0.92 17.01
CA PRO C 60 3.41 -0.74 15.54
C PRO C 60 2.62 0.48 15.11
N ARG C 61 1.40 0.66 15.62
CA ARG C 61 0.59 1.81 15.22
C ARG C 61 1.26 3.11 15.61
N VAL C 62 1.88 3.16 16.79
CA VAL C 62 2.56 4.36 17.24
C VAL C 62 3.69 4.73 16.29
N ARG C 63 4.49 3.73 15.90
CA ARG C 63 5.62 4.03 15.02
C ARG C 63 5.15 4.39 13.61
N ARG C 64 4.05 3.80 13.15
CA ARG C 64 3.49 4.17 11.86
C ARG C 64 3.02 5.63 11.87
N ALA C 65 2.31 6.02 12.92
CA ALA C 65 1.86 7.40 13.02
C ALA C 65 3.03 8.37 13.13
N LEU C 66 4.04 8.01 13.93
CA LEU C 66 5.20 8.88 14.09
C LEU C 66 5.94 9.04 12.78
N MET C 67 6.07 7.97 12.00
CA MET C 67 6.76 8.07 10.72
C MET C 67 5.96 8.86 9.69
N GLU C 68 4.63 8.72 9.72
CA GLU C 68 3.81 9.56 8.84
C GLU C 68 3.99 11.04 9.17
N MET C 69 3.96 11.37 10.47
CA MET C 69 4.17 12.76 10.86
C MET C 69 5.59 13.22 10.57
N ALA C 70 6.57 12.32 10.66
CA ALA C 70 7.94 12.66 10.31
C ALA C 70 8.07 13.02 8.84
N GLU C 71 7.47 12.20 7.98
CA GLU C 71 7.49 12.49 6.55
C GLU C 71 6.78 13.80 6.25
N THR C 72 5.64 14.05 6.91
CA THR C 72 4.93 15.30 6.71
C THR C 72 5.80 16.49 7.11
N THR C 73 6.47 16.40 8.26
CA THR C 73 7.32 17.48 8.73
C THR C 73 8.49 17.71 7.78
N ILE C 74 9.12 16.64 7.31
CA ILE C 74 10.24 16.77 6.39
C ILE C 74 9.80 17.43 5.09
N THR C 75 8.66 16.99 4.54
CA THR C 75 8.17 17.58 3.29
C THR C 75 7.79 19.04 3.47
N ARG C 76 7.15 19.38 4.60
CA ARG C 76 6.65 20.73 4.78
C ARG C 76 7.78 21.71 5.10
N ASP C 77 8.73 21.31 5.94
CA ASP C 77 9.75 22.23 6.42
C ASP C 77 11.02 22.24 5.58
N ILE C 78 11.39 21.11 4.98
CA ILE C 78 12.60 21.04 4.16
C ILE C 78 12.23 21.16 2.69
N GLY C 79 11.44 20.23 2.20
CA GLY C 79 11.05 20.20 0.80
C GLY C 79 10.89 18.79 0.32
N PHE C 80 10.15 18.64 -0.79
CA PHE C 80 9.86 17.32 -1.32
C PHE C 80 11.06 16.71 -2.03
N GLU C 81 11.82 17.52 -2.77
CA GLU C 81 12.94 17.05 -3.57
C GLU C 81 14.25 17.72 -3.14
N GLN C 82 14.47 17.80 -1.83
CA GLN C 82 15.70 18.37 -1.29
C GLN C 82 16.59 17.34 -0.60
N ILE C 83 16.09 16.13 -0.37
CA ILE C 83 16.84 15.09 0.34
C ILE C 83 17.00 13.90 -0.58
N ASP C 84 18.24 13.44 -0.74
CA ASP C 84 18.53 12.28 -1.57
C ASP C 84 18.90 11.04 -0.77
N ALA C 85 19.17 11.18 0.52
CA ALA C 85 19.50 10.04 1.36
C ALA C 85 19.16 10.36 2.80
N VAL C 86 18.99 9.31 3.60
CA VAL C 86 18.68 9.44 5.02
C VAL C 86 19.72 8.64 5.79
N ALA C 87 20.43 9.32 6.69
CA ALA C 87 21.47 8.70 7.51
C ALA C 87 21.04 8.71 8.97
N GLY C 88 21.13 7.55 9.61
CA GLY C 88 20.74 7.42 11.00
C GLY C 88 21.89 7.71 11.96
N GLY C 89 21.56 7.59 13.24
CA GLY C 89 22.55 7.79 14.29
C GLY C 89 23.39 6.55 14.51
N GLU C 90 23.89 6.37 15.74
CA GLU C 90 24.73 5.21 16.02
C GLU C 90 23.88 3.95 16.14
N THR C 91 22.98 3.91 17.13
CA THR C 91 22.12 2.75 17.31
C THR C 91 20.67 3.08 17.60
N ALA C 92 20.33 4.31 17.99
CA ALA C 92 18.96 4.62 18.38
C ALA C 92 18.12 5.14 17.21
N GLY C 93 18.70 5.91 16.32
CA GLY C 93 17.97 6.46 15.20
C GLY C 93 17.95 5.62 13.95
N ILE C 94 18.56 4.45 13.96
CA ILE C 94 18.63 3.58 12.78
C ILE C 94 17.24 3.09 12.37
N PRO C 95 16.39 2.59 13.28
CA PRO C 95 15.06 2.14 12.82
C PRO C 95 14.21 3.27 12.26
N PHE C 96 14.22 4.44 12.91
CA PHE C 96 13.46 5.57 12.41
C PHE C 96 14.01 6.03 11.06
N ALA C 97 15.33 6.03 10.91
CA ALA C 97 15.93 6.37 9.62
C ALA C 97 15.51 5.39 8.54
N ALA C 98 15.47 4.10 8.88
CA ALA C 98 15.06 3.09 7.91
C ALA C 98 13.62 3.31 7.47
N TRP C 99 12.73 3.56 8.43
CA TRP C 99 11.33 3.79 8.08
C TRP C 99 11.15 5.05 7.25
N ILE C 100 11.86 6.12 7.62
CA ILE C 100 11.75 7.38 6.86
C ILE C 100 12.30 7.19 5.46
N ALA C 101 13.41 6.46 5.31
CA ALA C 101 13.95 6.22 3.99
C ALA C 101 13.01 5.39 3.14
N ASP C 102 12.36 4.40 3.75
CA ASP C 102 11.38 3.60 3.01
C ASP C 102 10.20 4.46 2.56
N ARG C 103 9.71 5.34 3.44
CA ARG C 103 8.59 6.21 3.07
C ARG C 103 8.99 7.19 1.98
N MET C 104 10.19 7.77 2.08
CA MET C 104 10.66 8.78 1.16
C MET C 104 11.30 8.19 -0.09
N MET C 105 11.40 6.86 -0.18
CA MET C 105 11.99 6.18 -1.34
C MET C 105 13.36 6.76 -1.68
N VAL C 106 14.21 6.84 -0.67
CA VAL C 106 15.56 7.36 -0.82
C VAL C 106 16.52 6.36 -0.20
N PRO C 107 17.77 6.33 -0.67
CA PRO C 107 18.76 5.42 -0.06
C PRO C 107 18.99 5.72 1.41
N MET C 108 19.31 4.68 2.16
CA MET C 108 19.54 4.78 3.59
C MET C 108 20.99 4.45 3.93
N GLN C 109 21.56 5.22 4.85
CA GLN C 109 22.87 4.96 5.40
C GLN C 109 22.78 5.12 6.92
N TYR C 110 23.84 4.72 7.62
CA TYR C 110 23.91 5.00 9.05
C TYR C 110 25.37 5.24 9.44
N VAL C 111 25.58 6.13 10.40
CA VAL C 111 26.91 6.60 10.77
C VAL C 111 27.27 6.04 12.14
N ARG C 112 28.46 5.46 12.23
CA ARG C 112 28.96 4.91 13.48
C ARG C 112 29.52 6.01 14.36
N LYS C 113 29.51 5.76 15.67
CA LYS C 113 30.04 6.74 16.62
C LYS C 113 31.56 6.85 16.52
N LYS C 114 32.24 5.73 16.28
CA LYS C 114 33.69 5.73 16.17
C LYS C 114 34.11 5.09 14.85
N PRO C 115 35.16 5.59 14.22
CA PRO C 115 35.59 5.03 12.94
C PRO C 115 36.07 3.60 13.09
N LYS C 116 35.82 2.80 12.05
CA LYS C 116 36.27 1.42 11.97
C LYS C 116 36.95 1.23 10.62
N GLY C 117 38.24 1.53 10.57
CA GLY C 117 39.02 1.42 9.36
C GLY C 117 39.69 2.74 9.01
N PHE C 118 40.20 2.80 7.78
CA PHE C 118 40.87 3.99 7.27
C PHE C 118 40.22 4.42 5.97
N GLY C 119 40.06 5.73 5.80
CA GLY C 119 39.47 6.28 4.60
C GLY C 119 38.43 7.34 4.87
N ARG C 120 37.79 7.85 3.81
CA ARG C 120 36.76 8.87 3.92
C ARG C 120 35.38 8.27 4.15
N ASN C 121 35.26 6.94 4.13
CA ASN C 121 33.99 6.26 4.36
C ASN C 121 34.11 5.24 5.49
N ALA C 122 34.96 5.52 6.47
CA ALA C 122 35.15 4.59 7.58
C ALA C 122 33.97 4.62 8.54
N GLN C 123 33.43 5.81 8.83
CA GLN C 123 32.34 5.93 9.80
C GLN C 123 30.98 5.59 9.19
N ILE C 124 30.84 5.71 7.87
CA ILE C 124 29.55 5.54 7.22
C ILE C 124 29.42 4.13 6.68
N GLU C 125 28.33 3.46 7.05
CA GLU C 125 27.99 2.14 6.54
C GLU C 125 26.86 2.27 5.52
N GLY C 126 27.09 1.75 4.32
CA GLY C 126 26.20 1.91 3.21
C GLY C 126 26.86 2.70 2.09
N HIS C 127 26.15 2.76 0.96
CA HIS C 127 26.67 3.46 -0.21
C HIS C 127 26.19 4.90 -0.20
N LEU C 128 27.13 5.83 -0.29
CA LEU C 128 26.84 7.26 -0.26
C LEU C 128 27.51 7.90 -1.46
N GLU C 129 26.71 8.40 -2.40
CA GLU C 129 27.25 9.01 -3.60
C GLU C 129 27.83 10.39 -3.29
N GLU C 130 28.80 10.80 -4.10
CA GLU C 130 29.41 12.11 -3.94
C GLU C 130 28.39 13.21 -4.20
N GLY C 131 28.37 14.20 -3.30
CA GLY C 131 27.47 15.33 -3.45
C GLY C 131 26.04 15.08 -3.05
N SER C 132 25.73 13.91 -2.50
CA SER C 132 24.36 13.61 -2.12
C SER C 132 23.91 14.48 -0.96
N ARG C 133 22.62 14.79 -0.94
CA ARG C 133 22.02 15.57 0.13
C ARG C 133 21.42 14.61 1.16
N VAL C 134 21.99 14.62 2.36
CA VAL C 134 21.72 13.62 3.39
C VAL C 134 21.01 14.29 4.56
N LEU C 135 19.97 13.63 5.05
CA LEU C 135 19.23 14.07 6.23
C LEU C 135 19.55 13.16 7.40
N LEU C 136 20.03 13.76 8.49
CA LEU C 136 20.35 13.03 9.71
C LEU C 136 19.08 12.81 10.53
N VAL C 137 18.84 11.56 10.93
CA VAL C 137 17.67 11.18 11.70
C VAL C 137 18.11 10.38 12.92
N GLU C 138 17.81 10.90 14.11
CA GLU C 138 18.01 10.16 15.34
C GLU C 138 16.84 10.41 16.29
N ASP C 139 16.85 9.70 17.42
CA ASP C 139 15.69 9.65 18.30
C ASP C 139 15.44 10.98 19.02
N LEU C 140 16.45 11.56 19.64
CA LEU C 140 16.23 12.76 20.45
C LEU C 140 17.53 13.53 20.58
N THR C 141 17.40 14.80 20.97
CA THR C 141 18.53 15.67 21.25
C THR C 141 18.38 16.26 22.64
N THR C 142 19.52 16.50 23.28
CA THR C 142 19.57 17.26 24.52
C THR C 142 20.32 18.57 24.32
N ASP C 143 21.58 18.50 23.85
CA ASP C 143 22.37 19.68 23.58
C ASP C 143 22.86 19.75 22.13
N SER C 144 22.54 18.76 21.30
CA SER C 144 22.99 18.70 19.91
C SER C 144 24.51 18.70 19.80
N ARG C 145 25.19 18.22 20.84
CA ARG C 145 26.64 18.12 20.81
C ARG C 145 27.14 16.78 20.32
N SER C 146 26.29 15.75 20.33
CA SER C 146 26.61 14.49 19.68
C SER C 146 26.33 14.53 18.18
N LYS C 147 25.73 15.61 17.69
CA LYS C 147 25.42 15.81 16.29
C LYS C 147 26.64 16.19 15.47
N ILE C 148 27.63 16.84 16.09
CA ILE C 148 28.79 17.34 15.35
C ILE C 148 29.55 16.18 14.72
N ASN C 149 29.75 15.10 15.48
CA ASN C 149 30.54 13.99 14.98
C ASN C 149 29.89 13.37 13.73
N PHE C 150 28.58 13.14 13.77
CA PHE C 150 27.92 12.49 12.64
C PHE C 150 27.87 13.41 11.43
N VAL C 151 27.59 14.70 11.64
CA VAL C 151 27.55 15.64 10.51
C VAL C 151 28.92 15.75 9.87
N ASN C 152 29.98 15.85 10.68
CA ASN C 152 31.32 15.94 10.13
C ASN C 152 31.73 14.64 9.44
N ALA C 153 31.30 13.49 9.97
CA ALA C 153 31.58 12.22 9.31
C ALA C 153 30.91 12.15 7.95
N LEU C 154 29.66 12.60 7.86
CA LEU C 154 28.97 12.60 6.57
C LEU C 154 29.58 13.60 5.60
N ARG C 155 30.01 14.76 6.10
CA ARG C 155 30.60 15.76 5.22
C ARG C 155 32.00 15.35 4.75
N THR C 156 32.72 14.57 5.56
CA THR C 156 34.03 14.09 5.14
C THR C 156 33.92 13.12 3.97
N ALA C 157 32.78 12.42 3.87
CA ALA C 157 32.56 11.50 2.77
C ALA C 157 31.96 12.16 1.54
N GLY C 158 31.72 13.47 1.57
CA GLY C 158 31.23 14.20 0.42
C GLY C 158 29.76 14.55 0.46
N ALA C 159 29.01 14.08 1.45
CA ALA C 159 27.59 14.38 1.51
C ALA C 159 27.35 15.84 1.90
N THR C 160 26.18 16.33 1.55
CA THR C 160 25.73 17.67 1.90
C THR C 160 24.70 17.55 3.01
N VAL C 161 25.09 17.91 4.23
CA VAL C 161 24.23 17.84 5.40
C VAL C 161 23.82 19.25 5.77
N ASN C 162 22.53 19.55 5.62
CA ASN C 162 21.99 20.84 6.01
C ASN C 162 20.75 20.73 6.89
N HIS C 163 20.18 19.54 7.04
CA HIS C 163 18.97 19.35 7.83
C HIS C 163 19.13 18.14 8.75
N CYS C 164 18.57 18.25 9.94
CA CYS C 164 18.59 17.18 10.92
C CYS C 164 17.20 17.00 11.50
N PHE C 165 16.72 15.76 11.51
CA PHE C 165 15.40 15.43 12.03
C PHE C 165 15.54 14.55 13.26
N VAL C 166 14.77 14.85 14.30
CA VAL C 166 14.75 14.09 15.53
C VAL C 166 13.31 14.00 16.03
N LEU C 167 12.96 12.86 16.63
CA LEU C 167 11.60 12.67 17.13
C LEU C 167 11.29 13.63 18.26
N PHE C 168 12.22 13.83 19.18
CA PHE C 168 12.01 14.65 20.36
C PHE C 168 13.17 15.64 20.51
N HIS C 169 12.84 16.84 20.98
CA HIS C 169 13.82 17.90 21.19
C HIS C 169 13.59 18.48 22.57
N TYR C 170 14.63 18.46 23.41
CA TYR C 170 14.46 18.90 24.79
C TYR C 170 14.05 20.37 24.87
N ASN C 171 14.72 21.22 24.08
CA ASN C 171 14.39 22.64 23.98
C ASN C 171 14.44 23.34 25.34
N ILE C 172 15.28 22.83 26.24
CA ILE C 172 15.49 23.45 27.54
C ILE C 172 16.91 23.97 27.71
N PHE C 173 17.77 23.78 26.71
CA PHE C 173 19.14 24.28 26.72
C PHE C 173 19.31 25.30 25.60
N LYS C 174 20.09 26.35 25.89
CA LYS C 174 20.20 27.47 24.96
C LYS C 174 20.84 27.05 23.64
N GLU C 175 21.89 26.24 23.70
CA GLU C 175 22.67 25.89 22.52
C GLU C 175 22.14 24.65 21.81
N SER C 176 20.85 24.33 21.98
CA SER C 176 20.29 23.14 21.35
C SER C 176 20.23 23.30 19.83
N VAL C 177 19.89 24.49 19.35
CA VAL C 177 19.72 24.73 17.92
C VAL C 177 20.82 25.63 17.36
N SER C 178 21.47 26.42 18.22
CA SER C 178 22.54 27.29 17.74
C SER C 178 23.78 26.48 17.37
N VAL C 179 24.04 25.38 18.07
CA VAL C 179 25.21 24.57 17.77
C VAL C 179 25.13 24.01 16.36
N LEU C 180 23.95 23.49 15.98
CA LEU C 180 23.79 22.96 14.63
C LEU C 180 23.74 24.06 13.59
N LYS C 181 23.21 25.23 13.96
CA LYS C 181 23.15 26.35 13.02
C LYS C 181 24.55 26.87 12.71
N ASP C 182 25.45 26.86 13.69
CA ASP C 182 26.82 27.35 13.46
C ASP C 182 27.53 26.52 12.39
N ILE C 183 27.17 25.24 12.26
CA ILE C 183 27.74 24.39 11.23
C ILE C 183 26.79 24.27 10.04
N ASP C 184 25.81 25.17 9.92
CA ASP C 184 24.87 25.21 8.81
C ASP C 184 24.04 23.93 8.71
N VAL C 185 23.42 23.55 9.82
CA VAL C 185 22.53 22.41 9.88
C VAL C 185 21.28 22.83 10.65
N ASP C 186 20.12 22.62 10.04
CA ASP C 186 18.84 22.97 10.66
C ASP C 186 18.28 21.78 11.42
N LEU C 187 17.69 22.06 12.58
CA LEU C 187 17.14 21.03 13.44
C LEU C 187 15.62 21.02 13.31
N HIS C 188 15.07 19.86 12.94
CA HIS C 188 13.64 19.67 12.84
C HIS C 188 13.22 18.60 13.85
N ALA C 189 12.16 18.90 14.61
CA ALA C 189 11.71 18.01 15.66
C ALA C 189 10.20 17.88 15.62
N LEU C 190 9.73 16.69 15.99
CA LEU C 190 8.28 16.46 16.02
C LEU C 190 7.64 17.15 17.21
N ALA C 191 8.30 17.10 18.37
CA ALA C 191 7.75 17.66 19.60
C ALA C 191 8.88 18.14 20.50
N THR C 192 8.51 18.85 21.56
CA THR C 192 9.42 19.37 22.55
C THR C 192 8.91 19.04 23.95
N TRP C 193 9.72 19.35 24.97
CA TRP C 193 9.30 19.13 26.34
C TRP C 193 8.12 20.01 26.72
N TRP C 194 8.05 21.22 26.15
CA TRP C 194 6.95 22.11 26.45
C TRP C 194 5.62 21.54 25.96
N ASP C 195 5.63 20.90 24.78
CA ASP C 195 4.41 20.30 24.25
C ASP C 195 3.94 19.15 25.13
N VAL C 196 4.86 18.30 25.58
CA VAL C 196 4.52 17.21 26.48
C VAL C 196 3.98 17.76 27.79
N LEU C 197 4.61 18.81 28.31
CA LEU C 197 4.14 19.42 29.55
C LEU C 197 2.72 19.97 29.40
N ARG C 198 2.46 20.65 28.29
CA ARG C 198 1.13 21.21 28.06
C ARG C 198 0.07 20.12 27.93
N VAL C 199 0.39 19.05 27.19
CA VAL C 199 -0.57 17.96 27.04
C VAL C 199 -0.82 17.27 28.37
N ALA C 200 0.23 17.06 29.17
CA ALA C 200 0.06 16.43 30.48
C ALA C 200 -0.77 17.31 31.41
N LYS C 201 -0.54 18.62 31.37
CA LYS C 201 -1.34 19.53 32.18
C LYS C 201 -2.81 19.50 31.75
N ALA C 202 -3.05 19.46 30.44
CA ALA C 202 -4.43 19.43 29.95
C ALA C 202 -5.13 18.12 30.31
N SER C 203 -4.40 17.01 30.28
CA SER C 203 -5.04 15.71 30.50
C SER C 203 -5.59 15.59 31.91
N GLY C 204 -4.85 16.07 32.90
CA GLY C 204 -5.32 15.99 34.27
C GLY C 204 -5.03 14.68 34.98
N TYR C 205 -4.19 13.83 34.40
CA TYR C 205 -3.83 12.56 35.02
C TYR C 205 -2.61 12.68 35.94
N PHE C 206 -2.03 13.86 36.06
CA PHE C 206 -0.85 14.08 36.88
C PHE C 206 -1.16 15.06 38.00
N GLU C 207 -0.53 14.85 39.15
CA GLU C 207 -0.72 15.72 40.29
C GLU C 207 -0.13 17.11 40.02
N THR C 208 -0.68 18.12 40.69
CA THR C 208 -0.26 19.49 40.45
C THR C 208 1.19 19.72 40.87
N LYS C 209 1.60 19.15 42.00
CA LYS C 209 2.96 19.37 42.49
C LYS C 209 3.99 18.82 41.53
N THR C 210 3.74 17.63 40.97
CA THR C 210 4.68 17.04 40.03
C THR C 210 4.84 17.92 38.79
N LEU C 211 3.72 18.44 38.26
CA LEU C 211 3.79 19.28 37.07
C LEU C 211 4.47 20.61 37.37
N ASP C 212 4.24 21.17 38.57
CA ASP C 212 4.93 22.39 38.95
C ASP C 212 6.44 22.17 39.05
N GLU C 213 6.85 21.05 39.64
CA GLU C 213 8.28 20.73 39.71
C GLU C 213 8.88 20.53 38.33
N VAL C 214 8.14 19.86 37.44
CA VAL C 214 8.63 19.66 36.08
C VAL C 214 8.78 20.99 35.35
N GLU C 215 7.81 21.90 35.53
CA GLU C 215 7.92 23.22 34.90
C GLU C 215 9.11 23.99 35.45
N LYS C 216 9.33 23.92 36.77
CA LYS C 216 10.48 24.59 37.36
C LYS C 216 11.79 24.03 36.79
N PHE C 217 11.88 22.71 36.64
CA PHE C 217 13.07 22.11 36.04
C PHE C 217 13.25 22.56 34.60
N LEU C 218 12.16 22.57 33.82
CA LEU C 218 12.27 22.92 32.41
C LEU C 218 12.65 24.38 32.22
N HIS C 219 12.26 25.25 33.15
CA HIS C 219 12.65 26.65 33.03
C HIS C 219 14.14 26.83 33.31
N ALA C 220 14.65 26.22 34.38
CA ALA C 220 16.06 26.31 34.77
C ALA C 220 16.59 24.91 35.03
N PRO C 221 17.08 24.22 34.00
CA PRO C 221 17.52 22.84 34.17
C PRO C 221 18.75 22.70 35.06
N ALA C 222 19.78 23.51 34.81
CA ALA C 222 21.02 23.39 35.58
C ALA C 222 20.81 23.73 37.05
N GLU C 223 20.06 24.79 37.33
CA GLU C 223 19.82 25.18 38.72
C GLU C 223 19.04 24.12 39.47
N TRP C 224 18.02 23.54 38.83
CA TRP C 224 17.25 22.48 39.46
C TRP C 224 18.10 21.24 39.69
N SER C 225 18.93 20.88 38.71
CA SER C 225 19.76 19.69 38.85
C SER C 225 20.80 19.85 39.96
N ALA C 226 21.42 21.03 40.04
CA ALA C 226 22.44 21.25 41.06
C ALA C 226 21.84 21.27 42.46
N ALA C 227 20.60 21.75 42.60
CA ALA C 227 19.97 21.90 43.90
C ALA C 227 19.21 20.67 44.35
N HIS C 228 19.20 19.59 43.57
CA HIS C 228 18.45 18.39 43.91
C HIS C 228 19.30 17.13 43.85
N GLY C 229 20.62 17.26 43.91
CA GLY C 229 21.48 16.09 43.91
C GLY C 229 22.40 15.98 42.71
N GLY C 230 22.79 17.11 42.15
CA GLY C 230 23.68 17.12 41.00
C GLY C 230 25.10 17.49 41.36
N THR D 10 -11.24 13.15 3.08
CA THR D 10 -10.99 12.71 4.45
C THR D 10 -10.44 13.85 5.30
N GLY D 11 -11.19 14.22 6.34
CA GLY D 11 -10.81 15.32 7.20
C GLY D 11 -9.91 14.89 8.34
N TYR D 12 -9.58 15.87 9.19
CA TYR D 12 -8.70 15.65 10.34
C TYR D 12 -9.41 15.87 11.66
N ASP D 13 -10.07 17.01 11.83
CA ASP D 13 -10.75 17.31 13.09
C ASP D 13 -12.11 16.62 13.14
N ARG D 14 -12.74 16.70 14.32
CA ARG D 14 -14.05 16.08 14.51
C ARG D 14 -15.11 16.73 13.64
N GLN D 15 -15.12 18.06 13.57
CA GLN D 15 -16.15 18.76 12.81
C GLN D 15 -16.06 18.43 11.32
N SER D 16 -14.85 18.44 10.76
CA SER D 16 -14.69 18.10 9.35
C SER D 16 -15.10 16.66 9.08
N ILE D 17 -14.72 15.75 9.96
CA ILE D 17 -15.09 14.35 9.78
C ILE D 17 -16.60 14.19 9.77
N SER D 18 -17.28 14.83 10.72
CA SER D 18 -18.74 14.74 10.77
C SER D 18 -19.39 15.37 9.53
N ASP D 19 -18.86 16.51 9.08
CA ASP D 19 -19.45 17.19 7.92
C ASP D 19 -19.34 16.33 6.67
N THR D 20 -18.13 15.80 6.40
CA THR D 20 -17.98 14.99 5.19
C THR D 20 -18.63 13.62 5.32
N THR D 21 -18.79 13.11 6.55
CA THR D 21 -19.57 11.90 6.73
C THR D 21 -21.04 12.14 6.38
N ALA D 22 -21.58 13.28 6.80
CA ALA D 22 -22.94 13.63 6.42
C ALA D 22 -23.05 13.80 4.91
N LYS D 23 -22.05 14.43 4.30
CA LYS D 23 -22.05 14.59 2.85
C LYS D 23 -22.03 13.24 2.14
N ILE D 24 -21.23 12.29 2.65
CA ILE D 24 -21.18 10.95 2.08
C ILE D 24 -22.53 10.27 2.22
N LEU D 25 -23.16 10.37 3.38
CA LEU D 25 -24.46 9.73 3.59
C LEU D 25 -25.51 10.30 2.65
N LEU D 26 -25.51 11.62 2.44
CA LEU D 26 -26.51 12.23 1.58
C LEU D 26 -26.21 11.97 0.10
N GLU D 27 -24.94 11.78 -0.25
CA GLU D 27 -24.57 11.63 -1.65
C GLU D 27 -24.98 10.26 -2.18
N VAL D 28 -24.78 9.21 -1.39
CA VAL D 28 -25.09 7.85 -1.81
C VAL D 28 -26.55 7.55 -1.49
N GLN D 29 -27.30 8.56 -1.06
CA GLN D 29 -28.71 8.44 -0.73
C GLN D 29 -28.96 7.40 0.37
N ALA D 30 -28.02 7.26 1.29
CA ALA D 30 -28.26 6.45 2.48
C ALA D 30 -29.14 7.15 3.50
N VAL D 31 -29.43 8.43 3.29
CA VAL D 31 -30.29 9.22 4.17
C VAL D 31 -31.47 9.70 3.34
N HIS D 32 -32.68 9.37 3.77
CA HIS D 32 -33.90 9.76 3.09
C HIS D 32 -34.76 10.63 4.00
N PHE D 33 -35.31 11.70 3.44
CA PHE D 33 -36.21 12.59 4.14
C PHE D 33 -37.58 12.56 3.48
N ASN D 34 -38.63 12.39 4.28
CA ASN D 34 -39.99 12.37 3.75
C ASN D 34 -40.94 12.81 4.87
N ALA D 35 -41.38 14.07 4.80
CA ALA D 35 -42.31 14.59 5.80
C ALA D 35 -43.77 14.32 5.47
N GLU D 36 -44.12 14.25 4.19
CA GLU D 36 -45.51 14.01 3.81
C GLU D 36 -45.94 12.59 4.17
N LYS D 37 -45.12 11.60 3.89
CA LYS D 37 -45.41 10.20 4.18
C LYS D 37 -44.31 9.66 5.09
N PRO D 38 -44.52 9.69 6.40
CA PRO D 38 -43.46 9.24 7.32
C PRO D 38 -43.19 7.76 7.19
N PHE D 39 -41.96 7.37 7.51
CA PHE D 39 -41.54 5.98 7.46
C PHE D 39 -42.02 5.25 8.70
N ILE D 40 -42.90 4.27 8.51
CA ILE D 40 -43.42 3.46 9.61
C ILE D 40 -42.46 2.29 9.79
N PHE D 41 -41.59 2.39 10.78
CA PHE D 41 -40.60 1.35 11.05
C PHE D 41 -41.20 0.22 11.87
N SER D 43 -42.86 -1.80 13.84
CA SER D 43 -43.12 -1.41 15.22
C SER D 43 -43.62 0.03 15.29
N GLY D 44 -44.29 0.47 14.23
CA GLY D 44 -44.76 1.84 14.16
C GLY D 44 -43.63 2.84 14.09
N TRP D 45 -43.66 3.83 14.98
CA TRP D 45 -42.61 4.86 15.08
C TRP D 45 -42.43 5.58 13.74
N ALA D 46 -43.49 6.28 13.34
CA ALA D 46 -43.43 7.08 12.12
C ALA D 46 -42.36 8.15 12.24
N SER D 47 -41.38 8.10 11.34
CA SER D 47 -40.29 9.04 11.33
C SER D 47 -40.07 9.55 9.91
N PRO D 48 -39.74 10.84 9.76
CA PRO D 48 -39.49 11.37 8.42
C PRO D 48 -38.10 11.10 7.89
N VAL D 49 -37.22 10.51 8.70
CA VAL D 49 -35.82 10.29 8.34
C VAL D 49 -35.55 8.79 8.29
N TYR D 50 -34.79 8.37 7.28
CA TYR D 50 -34.42 6.98 7.12
C TYR D 50 -32.93 6.88 6.81
N ILE D 51 -32.23 6.03 7.56
CA ILE D 51 -30.81 5.81 7.38
C ILE D 51 -30.58 4.33 7.09
N ASP D 52 -29.82 4.04 6.05
CA ASP D 52 -29.48 2.67 5.65
C ASP D 52 -27.96 2.65 5.49
N CYS D 53 -27.25 2.38 6.59
CA CYS D 53 -25.80 2.38 6.57
C CYS D 53 -25.21 1.13 5.92
N ARG D 54 -26.02 0.11 5.67
CA ARG D 54 -25.53 -1.09 4.98
C ARG D 54 -25.37 -0.87 3.49
N LYS D 55 -25.98 0.17 2.94
CA LYS D 55 -25.74 0.58 1.56
C LYS D 55 -24.33 1.13 1.37
N LEU D 56 -23.68 1.54 2.46
CA LEU D 56 -22.38 2.17 2.41
C LEU D 56 -21.27 1.20 2.00
N ILE D 57 -21.54 -0.11 2.07
CA ILE D 57 -20.53 -1.11 1.72
C ILE D 57 -20.49 -1.42 0.24
N SER D 58 -21.43 -0.90 -0.54
CA SER D 58 -21.47 -1.14 -1.98
C SER D 58 -20.74 -0.08 -2.77
N TYR D 59 -20.08 0.87 -2.12
CA TYR D 59 -19.33 1.92 -2.79
C TYR D 59 -17.89 1.90 -2.32
N PRO D 60 -16.92 1.61 -3.18
CA PRO D 60 -15.54 1.42 -2.71
C PRO D 60 -14.91 2.69 -2.12
N ARG D 61 -14.97 3.80 -2.85
CA ARG D 61 -14.34 5.03 -2.37
C ARG D 61 -14.99 5.51 -1.08
N VAL D 62 -16.31 5.41 -0.99
CA VAL D 62 -17.02 5.86 0.20
C VAL D 62 -16.58 5.05 1.41
N ARG D 63 -16.51 3.73 1.27
CA ARG D 63 -16.13 2.89 2.40
C ARG D 63 -14.66 3.07 2.76
N ARG D 64 -13.79 3.30 1.77
CA ARG D 64 -12.39 3.59 2.08
C ARG D 64 -12.26 4.87 2.89
N ALA D 65 -12.96 5.93 2.47
CA ALA D 65 -12.90 7.18 3.21
C ALA D 65 -13.46 7.02 4.61
N LEU D 66 -14.59 6.31 4.74
CA LEU D 66 -15.21 6.12 6.05
C LEU D 66 -14.30 5.33 6.98
N MET D 67 -13.59 4.33 6.45
CA MET D 67 -12.72 3.54 7.30
C MET D 67 -11.47 4.31 7.68
N GLU D 68 -10.98 5.17 6.79
CA GLU D 68 -9.90 6.07 7.17
C GLU D 68 -10.32 6.98 8.32
N MET D 69 -11.53 7.54 8.22
CA MET D 69 -12.03 8.40 9.28
C MET D 69 -12.28 7.63 10.57
N ALA D 70 -12.71 6.37 10.45
CA ALA D 70 -12.90 5.53 11.62
C ALA D 70 -11.58 5.29 12.34
N GLU D 71 -10.53 4.95 11.59
CA GLU D 71 -9.22 4.77 12.20
C GLU D 71 -8.74 6.06 12.85
N THR D 72 -8.90 7.19 12.16
CA THR D 72 -8.47 8.47 12.73
C THR D 72 -9.20 8.76 14.03
N THR D 73 -10.52 8.54 14.06
CA THR D 73 -11.29 8.80 15.27
C THR D 73 -10.88 7.87 16.40
N ILE D 74 -10.65 6.60 16.08
CA ILE D 74 -10.25 5.63 17.12
C ILE D 74 -8.92 6.02 17.74
N THR D 75 -7.94 6.37 16.90
CA THR D 75 -6.64 6.76 17.44
C THR D 75 -6.72 8.08 18.20
N ARG D 76 -7.52 9.03 17.72
CA ARG D 76 -7.55 10.34 18.35
C ARG D 76 -8.30 10.32 19.68
N ASP D 77 -9.41 9.59 19.76
CA ASP D 77 -10.26 9.63 20.95
C ASP D 77 -9.95 8.52 21.94
N ILE D 78 -9.59 7.33 21.45
CA ILE D 78 -9.31 6.20 22.34
C ILE D 78 -7.81 6.15 22.63
N GLY D 79 -7.02 5.97 21.58
CA GLY D 79 -5.58 5.86 21.71
C GLY D 79 -5.02 4.93 20.66
N PHE D 80 -3.71 5.01 20.44
CA PHE D 80 -3.08 4.19 19.40
C PHE D 80 -2.90 2.75 19.84
N GLU D 81 -2.57 2.51 21.10
CA GLU D 81 -2.30 1.16 21.59
C GLU D 81 -3.22 0.77 22.74
N GLN D 82 -4.48 1.23 22.70
CA GLN D 82 -5.47 0.88 23.70
C GLN D 82 -6.41 -0.24 23.25
N ILE D 83 -6.28 -0.71 22.02
CA ILE D 83 -7.19 -1.72 21.46
C ILE D 83 -6.36 -2.88 20.94
N ASP D 84 -6.72 -4.10 21.35
CA ASP D 84 -6.04 -5.31 20.89
C ASP D 84 -6.92 -6.18 20.02
N ALA D 85 -8.24 -5.97 20.01
CA ALA D 85 -9.14 -6.73 19.16
C ALA D 85 -10.31 -5.84 18.77
N VAL D 86 -10.89 -6.13 17.62
CA VAL D 86 -12.04 -5.41 17.10
C VAL D 86 -13.15 -6.42 16.86
N ALA D 87 -14.25 -6.30 17.61
CA ALA D 87 -15.37 -7.21 17.49
C ALA D 87 -16.59 -6.45 16.99
N GLY D 88 -17.18 -6.92 15.90
CA GLY D 88 -18.35 -6.30 15.33
C GLY D 88 -19.64 -6.89 15.88
N GLY D 89 -20.75 -6.35 15.38
CA GLY D 89 -22.05 -6.87 15.75
C GLY D 89 -22.35 -8.15 15.02
N GLU D 90 -23.62 -8.36 14.66
CA GLU D 90 -24.02 -9.53 13.89
C GLU D 90 -24.70 -9.06 12.62
N THR D 91 -24.04 -9.29 11.47
CA THR D 91 -24.52 -9.01 10.13
C THR D 91 -24.79 -7.54 9.88
N ALA D 92 -24.50 -6.65 10.82
CA ALA D 92 -24.68 -5.22 10.61
C ALA D 92 -23.36 -4.48 10.44
N GLY D 93 -22.46 -4.60 11.41
CA GLY D 93 -21.17 -3.96 11.38
C GLY D 93 -20.00 -4.88 11.17
N ILE D 94 -20.22 -6.11 10.73
CA ILE D 94 -19.14 -7.05 10.46
C ILE D 94 -18.19 -6.55 9.36
N PRO D 95 -18.69 -6.05 8.22
CA PRO D 95 -17.74 -5.53 7.22
C PRO D 95 -16.92 -4.35 7.70
N PHE D 96 -17.55 -3.41 8.41
CA PHE D 96 -16.82 -2.27 8.94
C PHE D 96 -15.80 -2.72 9.97
N ALA D 97 -16.17 -3.68 10.81
CA ALA D 97 -15.23 -4.21 11.78
C ALA D 97 -14.06 -4.89 11.09
N ALA D 98 -14.32 -5.61 10.01
CA ALA D 98 -13.24 -6.27 9.26
C ALA D 98 -12.28 -5.24 8.68
N TRP D 99 -12.82 -4.18 8.07
CA TRP D 99 -11.97 -3.15 7.50
C TRP D 99 -11.19 -2.42 8.56
N ILE D 100 -11.82 -2.11 9.70
CA ILE D 100 -11.13 -1.44 10.79
C ILE D 100 -10.02 -2.31 11.36
N ALA D 101 -10.28 -3.61 11.52
CA ALA D 101 -9.25 -4.52 12.02
C ALA D 101 -8.10 -4.63 11.05
N ASP D 102 -8.39 -4.70 9.74
CA ASP D 102 -7.32 -4.75 8.76
C ASP D 102 -6.47 -3.49 8.78
N ARG D 103 -7.12 -2.32 8.87
CA ARG D 103 -6.38 -1.07 8.94
C ARG D 103 -5.55 -0.97 10.22
N MET D 104 -6.12 -1.42 11.33
CA MET D 104 -5.50 -1.29 12.64
C MET D 104 -4.50 -2.39 12.93
N MET D 105 -4.34 -3.35 12.02
CA MET D 105 -3.40 -4.47 12.19
C MET D 105 -3.71 -5.21 13.49
N VAL D 106 -4.99 -5.49 13.69
CA VAL D 106 -5.51 -5.99 14.96
C VAL D 106 -6.46 -7.15 14.70
N PRO D 107 -6.47 -8.17 15.56
CA PRO D 107 -7.36 -9.33 15.33
C PRO D 107 -8.83 -8.93 15.36
N MET D 108 -9.64 -9.72 14.66
CA MET D 108 -11.06 -9.48 14.52
C MET D 108 -11.87 -10.61 15.13
N GLN D 109 -12.96 -10.25 15.80
CA GLN D 109 -13.99 -11.19 16.23
C GLN D 109 -15.35 -10.63 15.85
N TYR D 110 -16.40 -11.40 16.09
CA TYR D 110 -17.75 -10.87 15.92
C TYR D 110 -18.71 -11.66 16.81
N VAL D 111 -19.75 -10.97 17.26
CA VAL D 111 -20.66 -11.47 18.28
C VAL D 111 -22.03 -11.71 17.67
N ARG D 112 -22.63 -12.86 17.97
CA ARG D 112 -23.96 -13.19 17.48
C ARG D 112 -25.03 -12.57 18.38
N LYS D 113 -26.22 -12.40 17.81
CA LYS D 113 -27.35 -11.92 18.61
C LYS D 113 -27.71 -12.92 19.71
N LYS D 114 -27.75 -14.20 19.38
CA LYS D 114 -28.17 -15.23 20.31
C LYS D 114 -27.09 -16.30 20.43
N PRO D 115 -26.95 -16.90 21.61
CA PRO D 115 -25.91 -17.92 21.78
C PRO D 115 -26.18 -19.16 20.95
N LYS D 116 -25.09 -19.82 20.55
CA LYS D 116 -25.15 -21.07 19.80
C LYS D 116 -24.24 -22.06 20.52
N GLY D 117 -24.79 -22.76 21.49
CA GLY D 117 -24.03 -23.72 22.27
C GLY D 117 -23.72 -23.25 23.68
N ARG D 120 -19.03 -19.58 27.72
CA ARG D 120 -18.12 -18.45 27.67
C ARG D 120 -18.01 -17.89 26.25
N ASN D 121 -17.49 -18.69 25.34
CA ASN D 121 -17.34 -18.32 23.94
C ASN D 121 -18.48 -18.81 23.06
N ALA D 122 -19.67 -18.97 23.62
CA ALA D 122 -20.80 -19.45 22.83
C ALA D 122 -21.36 -18.37 21.92
N GLN D 123 -21.26 -17.11 22.32
CA GLN D 123 -21.81 -16.00 21.55
C GLN D 123 -20.77 -15.28 20.71
N ILE D 124 -19.50 -15.69 20.76
CA ILE D 124 -18.42 -15.02 20.07
C ILE D 124 -17.80 -15.99 19.07
N GLU D 125 -17.66 -15.54 17.82
CA GLU D 125 -17.02 -16.31 16.77
C GLU D 125 -15.64 -15.71 16.50
N GLY D 126 -14.62 -16.56 16.54
CA GLY D 126 -13.24 -16.13 16.45
C GLY D 126 -12.50 -16.37 17.75
N HIS D 127 -11.19 -16.14 17.69
CA HIS D 127 -10.32 -16.36 18.84
C HIS D 127 -10.23 -15.08 19.67
N LEU D 128 -10.52 -15.21 20.96
CA LEU D 128 -10.55 -14.07 21.87
C LEU D 128 -9.69 -14.39 23.08
N GLU D 129 -8.48 -13.86 23.11
CA GLU D 129 -7.58 -14.09 24.23
C GLU D 129 -8.11 -13.40 25.48
N GLU D 130 -7.93 -14.05 26.62
CA GLU D 130 -8.42 -13.51 27.88
C GLU D 130 -7.67 -12.24 28.26
N GLY D 131 -8.41 -11.24 28.73
CA GLY D 131 -7.84 -9.97 29.11
C GLY D 131 -7.61 -9.00 27.98
N SER D 132 -7.92 -9.37 26.74
CA SER D 132 -7.70 -8.49 25.62
C SER D 132 -8.69 -7.33 25.63
N ARG D 133 -8.25 -6.20 25.11
CA ARG D 133 -9.09 -5.00 25.01
C ARG D 133 -9.78 -4.98 23.65
N VAL D 134 -11.11 -4.98 23.67
CA VAL D 134 -11.92 -5.20 22.49
C VAL D 134 -12.75 -3.95 22.22
N LEU D 135 -12.80 -3.53 20.96
CA LEU D 135 -13.59 -2.40 20.52
C LEU D 135 -14.80 -2.89 19.73
N LEU D 136 -16.00 -2.50 20.16
CA LEU D 136 -17.22 -2.80 19.46
C LEU D 136 -17.38 -1.89 18.26
N VAL D 137 -17.69 -2.47 17.10
CA VAL D 137 -17.96 -1.73 15.88
C VAL D 137 -19.32 -2.13 15.36
N GLU D 138 -20.20 -1.14 15.16
CA GLU D 138 -21.54 -1.38 14.65
C GLU D 138 -21.86 -0.34 13.60
N ASP D 139 -22.93 -0.60 12.83
CA ASP D 139 -23.28 0.28 11.73
C ASP D 139 -23.92 1.59 12.22
N LEU D 140 -24.81 1.51 13.21
CA LEU D 140 -25.42 2.72 13.76
C LEU D 140 -26.01 2.42 15.13
N THR D 141 -26.26 3.49 15.88
CA THR D 141 -26.91 3.40 17.18
C THR D 141 -28.16 4.27 17.17
N THR D 142 -29.21 3.75 17.81
CA THR D 142 -30.45 4.49 18.01
C THR D 142 -30.69 4.84 19.46
N ASP D 143 -30.69 3.84 20.35
CA ASP D 143 -30.80 4.08 21.78
C ASP D 143 -29.73 3.30 22.55
N SER D 144 -28.82 2.62 21.86
CA SER D 144 -27.73 1.85 22.48
C SER D 144 -28.27 0.79 23.43
N ARG D 145 -29.45 0.24 23.14
CA ARG D 145 -30.02 -0.81 23.96
C ARG D 145 -29.59 -2.19 23.49
N SER D 146 -29.38 -2.37 22.19
CA SER D 146 -28.92 -3.63 21.65
C SER D 146 -27.44 -3.89 21.90
N LYS D 147 -26.67 -2.86 22.25
CA LYS D 147 -25.24 -3.03 22.47
C LYS D 147 -24.93 -3.62 23.84
N ILE D 148 -25.88 -3.55 24.77
CA ILE D 148 -25.68 -4.12 26.10
C ILE D 148 -25.41 -5.62 25.99
N ASN D 149 -26.20 -6.31 25.15
CA ASN D 149 -26.04 -7.74 24.98
C ASN D 149 -24.65 -8.08 24.44
N PHE D 150 -24.19 -7.35 23.43
CA PHE D 150 -22.89 -7.64 22.84
C PHE D 150 -21.76 -7.35 23.83
N VAL D 151 -21.87 -6.25 24.58
CA VAL D 151 -20.84 -5.93 25.54
C VAL D 151 -20.78 -6.98 26.64
N ASN D 152 -21.93 -7.43 27.12
CA ASN D 152 -21.94 -8.46 28.15
C ASN D 152 -21.44 -9.80 27.61
N ALA D 153 -21.74 -10.10 26.36
CA ALA D 153 -21.24 -11.32 25.75
C ALA D 153 -19.72 -11.30 25.65
N LEU D 154 -19.15 -10.15 25.28
CA LEU D 154 -17.70 -10.05 25.19
C LEU D 154 -17.06 -10.09 26.58
N ARG D 155 -17.67 -9.44 27.56
CA ARG D 155 -17.12 -9.44 28.91
C ARG D 155 -17.23 -10.81 29.58
N THR D 156 -18.20 -11.63 29.18
CA THR D 156 -18.29 -12.99 29.70
C THR D 156 -17.08 -13.82 29.27
N ALA D 157 -16.62 -13.62 28.04
CA ALA D 157 -15.48 -14.37 27.51
C ALA D 157 -14.14 -13.85 28.00
N GLY D 158 -14.12 -12.82 28.84
CA GLY D 158 -12.89 -12.30 29.39
C GLY D 158 -12.38 -11.03 28.76
N ALA D 159 -13.00 -10.55 27.69
CA ALA D 159 -12.53 -9.34 27.03
C ALA D 159 -12.84 -8.11 27.87
N THR D 160 -12.01 -7.08 27.70
CA THR D 160 -12.21 -5.79 28.34
C THR D 160 -12.81 -4.83 27.33
N VAL D 161 -14.08 -4.50 27.51
CA VAL D 161 -14.79 -3.62 26.59
C VAL D 161 -15.03 -2.29 27.29
N ASN D 162 -14.39 -1.24 26.77
CA ASN D 162 -14.58 0.11 27.29
C ASN D 162 -14.90 1.14 26.21
N HIS D 163 -14.87 0.75 24.94
CA HIS D 163 -15.10 1.68 23.85
C HIS D 163 -15.99 1.04 22.80
N CYS D 164 -16.93 1.82 22.27
CA CYS D 164 -17.84 1.37 21.23
C CYS D 164 -17.83 2.38 20.09
N PHE D 165 -17.67 1.89 18.86
CA PHE D 165 -17.61 2.74 17.68
C PHE D 165 -18.76 2.42 16.75
N VAL D 166 -19.42 3.46 16.25
CA VAL D 166 -20.52 3.33 15.30
C VAL D 166 -20.40 4.42 14.26
N LEU D 167 -20.73 4.09 13.01
CA LEU D 167 -20.61 5.07 11.93
C LEU D 167 -21.57 6.23 12.13
N PHE D 168 -22.80 5.95 12.54
CA PHE D 168 -23.84 6.97 12.67
C PHE D 168 -24.48 6.83 14.04
N HIS D 169 -24.68 7.97 14.70
CA HIS D 169 -25.33 8.03 16.00
C HIS D 169 -26.52 8.97 15.90
N TYR D 170 -27.69 8.49 16.30
CA TYR D 170 -28.91 9.29 16.15
C TYR D 170 -28.83 10.58 16.96
N ASN D 171 -28.38 10.47 18.20
CA ASN D 171 -28.20 11.63 19.09
C ASN D 171 -29.48 12.43 19.27
N ILE D 172 -30.63 11.77 19.12
CA ILE D 172 -31.93 12.40 19.36
C ILE D 172 -32.64 11.78 20.55
N PHE D 173 -32.08 10.75 21.16
CA PHE D 173 -32.61 10.12 22.36
C PHE D 173 -31.67 10.37 23.52
N LYS D 174 -32.25 10.62 24.70
CA LYS D 174 -31.44 11.03 25.85
C LYS D 174 -30.54 9.92 26.35
N GLU D 175 -31.00 8.67 26.29
CA GLU D 175 -30.30 7.53 26.88
C GLU D 175 -29.36 6.83 25.90
N SER D 176 -29.18 7.39 24.70
CA SER D 176 -28.35 6.72 23.70
C SER D 176 -26.88 6.69 24.09
N VAL D 177 -26.47 7.47 25.08
CA VAL D 177 -25.08 7.51 25.52
C VAL D 177 -24.93 7.05 26.96
N SER D 178 -25.82 7.50 27.84
CA SER D 178 -25.68 7.19 29.26
C SER D 178 -25.87 5.71 29.55
N VAL D 179 -26.66 5.01 28.73
CA VAL D 179 -26.88 3.59 28.97
C VAL D 179 -25.59 2.80 28.75
N LEU D 180 -24.68 3.33 27.95
CA LEU D 180 -23.39 2.68 27.75
C LEU D 180 -22.37 3.15 28.78
N LYS D 181 -22.47 4.40 29.22
CA LYS D 181 -21.59 4.88 30.28
C LYS D 181 -21.90 4.24 31.62
N ASP D 182 -23.13 3.77 31.83
CA ASP D 182 -23.46 3.08 33.07
C ASP D 182 -22.70 1.77 33.18
N ILE D 183 -22.46 1.10 32.07
CA ILE D 183 -21.67 -0.13 32.06
C ILE D 183 -20.21 0.15 31.70
N ASP D 184 -19.78 1.40 31.78
CA ASP D 184 -18.39 1.80 31.54
C ASP D 184 -17.96 1.49 30.11
N VAL D 185 -18.75 1.94 29.14
CA VAL D 185 -18.43 1.81 27.72
C VAL D 185 -18.66 3.17 27.06
N ASP D 186 -17.62 3.69 26.42
CA ASP D 186 -17.69 4.97 25.74
C ASP D 186 -18.20 4.78 24.32
N LEU D 187 -18.99 5.73 23.85
CA LEU D 187 -19.57 5.69 22.52
C LEU D 187 -18.87 6.71 21.62
N HIS D 188 -18.27 6.22 20.54
CA HIS D 188 -17.61 7.06 19.54
C HIS D 188 -18.36 6.94 18.23
N ALA D 189 -18.62 8.09 17.60
CA ALA D 189 -19.42 8.10 16.38
C ALA D 189 -18.78 9.04 15.37
N LEU D 190 -19.00 8.73 14.10
CA LEU D 190 -18.46 9.58 13.04
C LEU D 190 -19.34 10.80 12.82
N ALA D 191 -20.65 10.63 12.86
CA ALA D 191 -21.60 11.71 12.60
C ALA D 191 -22.88 11.47 13.38
N THR D 192 -23.64 12.55 13.55
CA THR D 192 -24.95 12.53 14.20
C THR D 192 -26.00 13.06 13.22
N TRP D 193 -27.27 12.97 13.64
CA TRP D 193 -28.34 13.50 12.81
C TRP D 193 -28.24 15.01 12.68
N TRP D 194 -27.68 15.69 13.68
CA TRP D 194 -27.53 17.13 13.61
C TRP D 194 -26.56 17.53 12.50
N ASP D 195 -25.48 16.77 12.32
CA ASP D 195 -24.54 17.06 11.24
C ASP D 195 -25.19 16.88 9.88
N VAL D 196 -25.97 15.81 9.72
CA VAL D 196 -26.68 15.57 8.47
C VAL D 196 -27.67 16.70 8.20
N LEU D 197 -28.39 17.12 9.24
CA LEU D 197 -29.35 18.21 9.08
C LEU D 197 -28.65 19.50 8.68
N ARG D 198 -27.52 19.80 9.31
CA ARG D 198 -26.78 21.02 8.97
C ARG D 198 -26.28 20.99 7.54
N VAL D 199 -25.72 19.85 7.11
CA VAL D 199 -25.19 19.76 5.76
C VAL D 199 -26.32 19.84 4.74
N ALA D 200 -27.45 19.21 5.02
CA ALA D 200 -28.59 19.27 4.11
C ALA D 200 -29.14 20.69 4.01
N LYS D 201 -29.21 21.40 5.14
CA LYS D 201 -29.64 22.79 5.11
C LYS D 201 -28.68 23.66 4.30
N ALA D 202 -27.37 23.44 4.48
CA ALA D 202 -26.39 24.24 3.77
C ALA D 202 -26.42 23.97 2.27
N SER D 203 -26.61 22.71 1.87
CA SER D 203 -26.55 22.34 0.46
C SER D 203 -27.65 23.04 -0.33
N GLY D 204 -28.86 23.10 0.21
CA GLY D 204 -29.96 23.75 -0.47
C GLY D 204 -30.68 22.88 -1.49
N TYR D 205 -30.43 21.58 -1.50
CA TYR D 205 -31.13 20.67 -2.40
C TYR D 205 -32.45 20.16 -1.83
N PHE D 206 -32.79 20.54 -0.60
CA PHE D 206 -34.01 20.10 0.05
C PHE D 206 -34.93 21.29 0.30
N GLU D 207 -36.24 21.04 0.21
CA GLU D 207 -37.22 22.09 0.44
C GLU D 207 -37.23 22.50 1.90
N THR D 208 -37.65 23.75 2.14
CA THR D 208 -37.63 24.30 3.49
C THR D 208 -38.59 23.55 4.41
N LYS D 209 -39.79 23.21 3.92
CA LYS D 209 -40.78 22.55 4.76
C LYS D 209 -40.27 21.19 5.23
N THR D 210 -39.65 20.41 4.33
CA THR D 210 -39.14 19.10 4.70
C THR D 210 -38.07 19.22 5.80
N LEU D 211 -37.16 20.17 5.66
CA LEU D 211 -36.11 20.34 6.66
C LEU D 211 -36.68 20.84 7.98
N ASP D 212 -37.68 21.72 7.94
CA ASP D 212 -38.32 22.17 9.18
C ASP D 212 -39.00 21.01 9.90
N GLU D 213 -39.72 20.17 9.16
CA GLU D 213 -40.35 19.00 9.76
C GLU D 213 -39.31 18.05 10.33
N VAL D 214 -38.20 17.86 9.61
CA VAL D 214 -37.14 16.99 10.10
C VAL D 214 -36.55 17.53 11.40
N GLU D 215 -36.33 18.84 11.46
CA GLU D 215 -35.80 19.44 12.69
C GLU D 215 -36.78 19.30 13.85
N LYS D 216 -38.08 19.51 13.58
CA LYS D 216 -39.08 19.31 14.62
C LYS D 216 -39.09 17.88 15.14
N PHE D 217 -38.95 16.91 14.22
CA PHE D 217 -38.84 15.52 14.64
C PHE D 217 -37.59 15.28 15.48
N LEU D 218 -36.46 15.85 15.06
CA LEU D 218 -35.20 15.61 15.77
C LEU D 218 -35.21 16.22 17.15
N HIS D 219 -35.94 17.32 17.35
CA HIS D 219 -36.02 17.91 18.68
C HIS D 219 -36.87 17.06 19.62
N ALA D 220 -38.03 16.60 19.15
CA ALA D 220 -38.95 15.79 19.96
C ALA D 220 -39.37 14.57 19.14
N PRO D 221 -38.62 13.47 19.25
CA PRO D 221 -38.92 12.28 18.43
C PRO D 221 -40.24 11.62 18.81
N ALA D 222 -40.43 11.37 20.11
CA ALA D 222 -41.61 10.63 20.56
C ALA D 222 -42.90 11.40 20.26
N GLU D 223 -42.90 12.72 20.50
CA GLU D 223 -44.10 13.51 20.23
C GLU D 223 -44.43 13.51 18.75
N TRP D 224 -43.43 13.65 17.89
CA TRP D 224 -43.67 13.62 16.45
C TRP D 224 -44.18 12.26 16.01
N SER D 225 -43.61 11.19 16.55
CA SER D 225 -44.06 9.85 16.17
C SER D 225 -45.50 9.61 16.60
N ALA D 226 -45.86 10.03 17.82
CA ALA D 226 -47.22 9.85 18.31
C ALA D 226 -48.20 10.70 17.50
N ALA D 227 -47.83 11.94 17.17
CA ALA D 227 -48.74 12.82 16.46
C ALA D 227 -49.05 12.31 15.06
N HIS D 228 -48.05 11.78 14.36
CA HIS D 228 -48.21 11.38 12.97
C HIS D 228 -48.56 9.91 12.80
N GLY D 229 -48.78 9.18 13.89
CA GLY D 229 -49.21 7.80 13.80
C GLY D 229 -48.18 6.80 14.28
N GLY D 230 -48.37 6.28 15.49
CA GLY D 230 -47.45 5.31 16.06
C GLY D 230 -47.68 5.07 17.54
N THR E 10 -1.24 -12.57 -12.42
CA THR E 10 0.19 -12.33 -12.54
C THR E 10 0.98 -13.62 -12.32
N GLY E 11 2.13 -13.73 -12.99
CA GLY E 11 2.98 -14.89 -12.87
C GLY E 11 4.32 -14.58 -12.22
N TYR E 12 5.16 -15.60 -12.17
CA TYR E 12 6.49 -15.50 -11.60
C TYR E 12 7.61 -15.82 -12.57
N ASP E 13 7.37 -16.65 -13.57
CA ASP E 13 8.36 -16.99 -14.58
C ASP E 13 7.92 -16.45 -15.94
N ARG E 14 8.80 -16.63 -16.93
CA ARG E 14 8.53 -16.08 -18.26
C ARG E 14 7.32 -16.75 -18.89
N GLN E 15 7.24 -18.07 -18.81
CA GLN E 15 6.13 -18.79 -19.42
C GLN E 15 4.80 -18.44 -18.75
N SER E 16 4.79 -18.38 -17.41
CA SER E 16 3.57 -18.02 -16.70
C SER E 16 3.14 -16.59 -17.03
N ILE E 17 4.10 -15.67 -17.09
CA ILE E 17 3.77 -14.29 -17.44
C ILE E 17 3.18 -14.21 -18.84
N SER E 18 3.79 -14.93 -19.80
CA SER E 18 3.28 -14.92 -21.16
C SER E 18 1.87 -15.50 -21.24
N ASP E 19 1.64 -16.63 -20.56
CA ASP E 19 0.32 -17.25 -20.61
C ASP E 19 -0.74 -16.35 -19.95
N THR E 20 -0.40 -15.74 -18.82
CA THR E 20 -1.36 -14.85 -18.16
C THR E 20 -1.66 -13.63 -19.01
N THR E 21 -0.63 -13.07 -19.67
CA THR E 21 -0.84 -11.92 -20.53
C THR E 21 -1.71 -12.28 -21.72
N ALA E 22 -1.49 -13.46 -22.31
CA ALA E 22 -2.33 -13.90 -23.42
C ALA E 22 -3.77 -14.09 -22.99
N LYS E 23 -3.99 -14.69 -21.81
CA LYS E 23 -5.35 -14.85 -21.31
C LYS E 23 -6.00 -13.49 -21.05
N ILE E 24 -5.22 -12.53 -20.52
CA ILE E 24 -5.75 -11.20 -20.29
C ILE E 24 -6.16 -10.54 -21.60
N LEU E 25 -5.30 -10.64 -22.61
CA LEU E 25 -5.59 -10.00 -23.89
C LEU E 25 -6.82 -10.62 -24.54
N LEU E 26 -6.96 -11.95 -24.44
CA LEU E 26 -8.11 -12.61 -25.05
C LEU E 26 -9.39 -12.38 -24.24
N GLU E 27 -9.28 -12.17 -22.93
CA GLU E 27 -10.46 -12.00 -22.10
C GLU E 27 -11.11 -10.63 -22.31
N VAL E 28 -10.31 -9.59 -22.39
CA VAL E 28 -10.82 -8.23 -22.54
C VAL E 28 -10.99 -7.92 -24.02
N GLN E 29 -10.78 -8.92 -24.86
CA GLN E 29 -10.94 -8.81 -26.31
C GLN E 29 -10.07 -7.69 -26.88
N ALA E 30 -8.85 -7.56 -26.37
CA ALA E 30 -7.88 -6.65 -26.97
C ALA E 30 -7.24 -7.26 -28.21
N VAL E 31 -7.43 -8.56 -28.43
CA VAL E 31 -6.92 -9.26 -29.60
C VAL E 31 -8.12 -9.83 -30.36
N HIS E 32 -8.21 -9.50 -31.65
CA HIS E 32 -9.29 -9.95 -32.50
C HIS E 32 -8.74 -10.84 -33.61
N PHE E 33 -9.46 -11.91 -33.91
CA PHE E 33 -9.11 -12.83 -34.99
C PHE E 33 -10.24 -12.86 -36.01
N ASN E 34 -9.88 -12.70 -37.28
CA ASN E 34 -10.86 -12.77 -38.36
C ASN E 34 -10.13 -13.13 -39.65
N ALA E 35 -10.33 -14.36 -40.12
CA ALA E 35 -9.70 -14.80 -41.37
C ALA E 35 -10.60 -14.55 -42.58
N GLU E 36 -11.91 -14.56 -42.40
CA GLU E 36 -12.81 -14.31 -43.52
C GLU E 36 -12.67 -12.87 -44.04
N LYS E 37 -12.56 -11.91 -43.14
CA LYS E 37 -12.41 -10.50 -43.50
C LYS E 37 -11.14 -9.96 -42.83
N PRO E 38 -10.00 -10.04 -43.50
CA PRO E 38 -8.74 -9.61 -42.87
C PRO E 38 -8.75 -8.13 -42.55
N PHE E 39 -8.00 -7.77 -41.51
CA PHE E 39 -7.89 -6.38 -41.07
C PHE E 39 -6.91 -5.67 -41.99
N ILE E 40 -7.43 -4.89 -42.94
CA ILE E 40 -6.61 -4.13 -43.88
C ILE E 40 -6.48 -2.72 -43.33
N PHE E 41 -5.26 -2.33 -42.98
CA PHE E 41 -5.02 -1.00 -42.42
C PHE E 41 -3.85 -0.31 -43.11
N SER E 43 -2.98 1.76 -45.29
CA SER E 43 -1.64 1.33 -45.65
C SER E 43 -1.64 -0.12 -46.14
N GLY E 44 -2.84 -0.65 -46.39
CA GLY E 44 -2.94 -2.03 -46.83
C GLY E 44 -2.54 -3.00 -45.73
N TRP E 45 -1.75 -4.00 -46.10
CA TRP E 45 -1.21 -5.00 -45.17
C TRP E 45 -2.35 -5.72 -44.45
N ALA E 46 -3.13 -6.45 -45.25
CA ALA E 46 -4.22 -7.25 -44.69
C ALA E 46 -3.66 -8.33 -43.78
N SER E 47 -4.21 -8.41 -42.57
CA SER E 47 -3.80 -9.37 -41.57
C SER E 47 -5.03 -9.92 -40.87
N PRO E 48 -5.02 -11.20 -40.47
CA PRO E 48 -6.16 -11.78 -39.76
C PRO E 48 -6.19 -11.44 -38.27
N VAL E 49 -5.18 -10.75 -37.76
CA VAL E 49 -5.05 -10.47 -36.34
C VAL E 49 -5.11 -8.96 -36.15
N TYR E 50 -5.65 -8.54 -35.00
CA TYR E 50 -5.71 -7.14 -34.62
C TYR E 50 -5.53 -7.06 -33.10
N ILE E 51 -4.68 -6.12 -32.67
CA ILE E 51 -4.41 -5.93 -31.25
C ILE E 51 -4.57 -4.45 -30.92
N ASP E 52 -5.25 -4.18 -29.81
CA ASP E 52 -5.49 -2.81 -29.34
C ASP E 52 -5.03 -2.76 -27.88
N CYS E 53 -3.73 -2.50 -27.68
CA CYS E 53 -3.18 -2.44 -26.33
C CYS E 53 -3.67 -1.22 -25.55
N ARG E 54 -4.26 -0.24 -26.21
CA ARG E 54 -4.79 0.93 -25.52
C ARG E 54 -6.10 0.65 -24.79
N LYS E 55 -6.71 -0.52 -25.01
CA LYS E 55 -7.90 -0.89 -24.26
C LYS E 55 -7.59 -1.33 -22.84
N LEU E 56 -6.36 -1.80 -22.59
CA LEU E 56 -6.01 -2.34 -21.29
C LEU E 56 -6.01 -1.28 -20.19
N ILE E 57 -5.93 0.00 -20.55
CA ILE E 57 -5.93 1.05 -19.55
C ILE E 57 -7.32 1.32 -18.99
N SER E 58 -8.36 0.78 -19.63
CA SER E 58 -9.73 0.98 -19.19
C SER E 58 -10.20 -0.09 -18.22
N TYR E 59 -9.32 -1.02 -17.84
CA TYR E 59 -9.66 -2.09 -16.90
C TYR E 59 -8.72 -2.03 -15.71
N PRO E 60 -9.22 -1.74 -14.50
CA PRO E 60 -8.29 -1.57 -13.36
C PRO E 60 -7.50 -2.82 -13.01
N ARG E 61 -8.18 -3.95 -12.78
CA ARG E 61 -7.48 -5.16 -12.37
C ARG E 61 -6.52 -5.64 -13.45
N VAL E 62 -6.94 -5.55 -14.71
CA VAL E 62 -6.11 -6.00 -15.82
C VAL E 62 -4.82 -5.19 -15.87
N ARG E 63 -4.93 -3.86 -15.79
CA ARG E 63 -3.73 -3.04 -15.88
C ARG E 63 -2.86 -3.18 -14.65
N ARG E 64 -3.46 -3.42 -13.47
CA ARG E 64 -2.66 -3.65 -12.27
C ARG E 64 -1.85 -4.93 -12.40
N ALA E 65 -2.48 -6.01 -12.87
CA ALA E 65 -1.75 -7.26 -13.08
C ALA E 65 -0.67 -7.10 -14.13
N LEU E 66 -0.98 -6.38 -15.22
CA LEU E 66 0.02 -6.15 -16.25
C LEU E 66 1.20 -5.37 -15.70
N MET E 67 0.95 -4.43 -14.79
CA MET E 67 2.04 -3.66 -14.20
C MET E 67 2.87 -4.51 -13.26
N GLU E 68 2.23 -5.40 -12.50
CA GLU E 68 3.00 -6.32 -11.66
C GLU E 68 3.92 -7.19 -12.50
N MET E 69 3.38 -7.75 -13.59
CA MET E 69 4.19 -8.57 -14.47
C MET E 69 5.29 -7.77 -15.16
N ALA E 70 5.01 -6.52 -15.53
CA ALA E 70 6.01 -5.67 -16.14
C ALA E 70 7.16 -5.40 -15.19
N GLU E 71 6.85 -5.08 -13.94
CA GLU E 71 7.89 -4.86 -12.95
C GLU E 71 8.70 -6.13 -12.71
N THR E 72 8.02 -7.29 -12.64
CA THR E 72 8.73 -8.54 -12.45
C THR E 72 9.68 -8.82 -13.61
N THR E 73 9.21 -8.63 -14.84
CA THR E 73 10.07 -8.85 -16.01
C THR E 73 11.25 -7.89 -16.03
N ILE E 74 11.02 -6.62 -15.70
CA ILE E 74 12.10 -5.64 -15.70
C ILE E 74 13.15 -6.01 -14.67
N THR E 75 12.71 -6.37 -13.46
CA THR E 75 13.66 -6.72 -12.41
C THR E 75 14.41 -8.02 -12.74
N ARG E 76 13.74 -8.99 -13.35
CA ARG E 76 14.37 -10.28 -13.63
C ARG E 76 15.35 -10.19 -14.80
N ASP E 77 14.99 -9.47 -15.86
CA ASP E 77 15.82 -9.47 -17.06
C ASP E 77 16.88 -8.38 -17.02
N ILE E 78 16.50 -7.16 -16.61
CA ILE E 78 17.42 -6.03 -16.63
C ILE E 78 18.16 -5.97 -15.30
N GLY E 79 17.42 -5.86 -14.21
CA GLY E 79 18.01 -5.77 -12.89
C GLY E 79 17.25 -4.79 -12.02
N PHE E 80 17.54 -4.85 -10.73
CA PHE E 80 16.85 -4.00 -9.77
C PHE E 80 17.37 -2.56 -9.80
N GLU E 81 18.67 -2.38 -9.96
CA GLU E 81 19.30 -1.07 -9.87
C GLU E 81 20.05 -0.72 -11.15
N GLN E 82 19.43 -0.97 -12.30
CA GLN E 82 20.03 -0.67 -13.60
C GLN E 82 19.24 0.35 -14.40
N ILE E 83 18.14 0.89 -13.86
CA ILE E 83 17.30 1.85 -14.56
C ILE E 83 17.12 3.07 -13.67
N ASP E 84 17.39 4.25 -14.24
CA ASP E 84 17.26 5.50 -13.50
C ASP E 84 16.07 6.34 -13.91
N ALA E 85 15.48 6.07 -15.07
CA ALA E 85 14.28 6.78 -15.50
C ALA E 85 13.50 5.89 -16.45
N VAL E 86 12.21 6.18 -16.56
CA VAL E 86 11.30 5.46 -17.46
C VAL E 86 10.71 6.45 -18.43
N ALA E 87 10.94 6.22 -19.74
CA ALA E 87 10.48 7.12 -20.78
C ALA E 87 9.46 6.42 -21.66
N GLY E 88 8.29 7.04 -21.81
CA GLY E 88 7.25 6.50 -22.66
C GLY E 88 7.38 6.96 -24.10
N GLY E 89 6.48 6.45 -24.94
CA GLY E 89 6.46 6.82 -26.34
C GLY E 89 5.62 8.05 -26.60
N GLU E 90 4.71 7.94 -27.57
CA GLU E 90 3.85 9.06 -27.96
C GLU E 90 2.39 8.62 -27.83
N THR E 91 1.78 8.96 -26.69
CA THR E 91 0.36 8.78 -26.41
C THR E 91 -0.04 7.32 -26.33
N ALA E 92 0.89 6.40 -26.58
CA ALA E 92 0.58 4.98 -26.53
C ALA E 92 1.14 4.30 -25.30
N GLY E 93 2.41 4.51 -24.99
CA GLY E 93 3.04 3.93 -23.82
C GLY E 93 3.20 4.87 -22.65
N ILE E 94 2.61 6.06 -22.70
CA ILE E 94 2.71 7.03 -21.60
C ILE E 94 2.03 6.51 -20.34
N PRO E 95 0.80 5.97 -20.39
CA PRO E 95 0.21 5.43 -19.15
C PRO E 95 1.00 4.28 -18.56
N PHE E 96 1.45 3.35 -19.41
CA PHE E 96 2.24 2.23 -18.94
C PHE E 96 3.55 2.72 -18.32
N ALA E 97 4.18 3.71 -18.94
CA ALA E 97 5.41 4.27 -18.41
C ALA E 97 5.17 4.94 -17.06
N ALA E 98 4.05 5.66 -16.93
CA ALA E 98 3.73 6.30 -15.65
C ALA E 98 3.54 5.27 -14.55
N TRP E 99 2.80 4.21 -14.85
CA TRP E 99 2.57 3.17 -13.84
C TRP E 99 3.87 2.44 -13.49
N ILE E 100 4.70 2.13 -14.49
CA ILE E 100 5.96 1.45 -14.23
C ILE E 100 6.88 2.33 -13.41
N ALA E 101 6.91 3.63 -13.71
CA ALA E 101 7.75 4.55 -12.93
C ALA E 101 7.25 4.65 -11.49
N ASP E 102 5.93 4.66 -11.29
CA ASP E 102 5.40 4.68 -9.94
C ASP E 102 5.79 3.42 -9.17
N ARG E 103 5.74 2.26 -9.83
CA ARG E 103 6.09 1.02 -9.16
C ARG E 103 7.59 0.92 -8.89
N MET E 104 8.40 1.47 -9.78
CA MET E 104 9.86 1.44 -9.66
C MET E 104 10.42 2.63 -8.90
N MET E 105 9.57 3.59 -8.53
CA MET E 105 9.99 4.80 -7.81
C MET E 105 11.16 5.49 -8.53
N VAL E 106 10.94 5.79 -9.80
CA VAL E 106 11.96 6.43 -10.63
C VAL E 106 11.34 7.61 -11.35
N PRO E 107 12.16 8.58 -11.75
CA PRO E 107 11.64 9.69 -12.57
C PRO E 107 11.08 9.18 -13.89
N MET E 108 10.07 9.90 -14.40
CA MET E 108 9.41 9.56 -15.64
C MET E 108 9.53 10.70 -16.64
N GLN E 109 9.80 10.36 -17.88
CA GLN E 109 9.76 11.30 -19.00
C GLN E 109 8.95 10.67 -20.11
N TYR E 110 8.73 11.43 -21.19
CA TYR E 110 8.09 10.89 -22.38
C TYR E 110 8.60 11.64 -23.59
N VAL E 111 8.74 10.91 -24.70
CA VAL E 111 9.39 11.41 -25.90
C VAL E 111 8.31 11.72 -26.93
N ARG E 112 8.33 12.93 -27.46
CA ARG E 112 7.42 13.30 -28.52
C ARG E 112 7.80 12.60 -29.83
N LYS E 113 6.80 12.41 -30.69
CA LYS E 113 7.06 11.79 -31.98
C LYS E 113 7.95 12.67 -32.85
N LYS E 114 7.73 13.98 -32.81
CA LYS E 114 8.53 14.94 -33.54
C LYS E 114 8.99 16.05 -32.60
N PRO E 115 10.17 16.61 -32.84
CA PRO E 115 10.68 17.65 -31.95
C PRO E 115 9.81 18.90 -31.99
N LYS E 116 9.71 19.56 -30.84
CA LYS E 116 8.95 20.79 -30.68
C LYS E 116 9.88 21.83 -30.06
N GLY E 117 10.64 22.53 -30.90
CA GLY E 117 11.57 23.54 -30.46
C GLY E 117 12.99 23.23 -30.91
N PHE E 118 13.95 23.80 -30.20
CA PHE E 118 15.36 23.60 -30.48
C PHE E 118 16.09 23.26 -29.18
N GLY E 119 17.15 22.47 -29.30
CA GLY E 119 17.95 22.07 -28.17
C GLY E 119 17.99 20.55 -28.00
N ARG E 120 18.80 20.14 -27.03
CA ARG E 120 18.95 18.71 -26.76
C ARG E 120 17.66 18.11 -26.20
N ASN E 121 16.92 18.87 -25.41
CA ASN E 121 15.68 18.41 -24.79
C ASN E 121 14.44 18.86 -25.55
N ALA E 122 14.53 18.94 -26.88
CA ALA E 122 13.37 19.37 -27.67
C ALA E 122 12.33 18.26 -27.77
N GLN E 123 12.77 17.02 -27.86
CA GLN E 123 11.88 15.88 -28.05
C GLN E 123 11.47 15.21 -26.76
N ILE E 124 11.99 15.64 -25.61
CA ILE E 124 11.76 15.00 -24.33
C ILE E 124 11.05 15.97 -23.40
N GLU E 125 9.93 15.54 -22.82
CA GLU E 125 9.17 16.33 -21.87
C GLU E 125 9.45 15.79 -20.48
N GLY E 126 9.92 16.66 -19.60
CA GLY E 126 10.36 16.28 -18.27
C GLY E 126 11.85 16.44 -18.10
N HIS E 127 12.26 16.51 -16.84
CA HIS E 127 13.66 16.70 -16.51
C HIS E 127 14.41 15.39 -16.62
N LEU E 128 15.55 15.40 -17.32
CA LEU E 128 16.37 14.22 -17.52
C LEU E 128 17.80 14.58 -17.15
N GLU E 129 18.29 14.01 -16.06
CA GLU E 129 19.66 14.27 -15.63
C GLU E 129 20.65 13.60 -16.57
N GLU E 130 21.81 14.23 -16.75
CA GLU E 130 22.83 13.68 -17.62
C GLU E 130 23.39 12.38 -17.04
N GLY E 131 23.62 11.40 -17.91
CA GLY E 131 24.14 10.12 -17.49
C GLY E 131 23.09 9.15 -16.96
N SER E 132 21.82 9.53 -16.96
CA SER E 132 20.78 8.64 -16.47
C SER E 132 20.59 7.46 -17.40
N ARG E 133 20.41 6.27 -16.82
CA ARG E 133 20.09 5.07 -17.57
C ARG E 133 18.57 4.98 -17.68
N VAL E 134 18.05 5.13 -18.89
CA VAL E 134 16.63 5.32 -19.13
C VAL E 134 16.06 4.07 -19.79
N LEU E 135 14.90 3.64 -19.31
CA LEU E 135 14.18 2.51 -19.89
C LEU E 135 13.02 3.05 -20.73
N LEU E 136 12.94 2.59 -21.98
CA LEU E 136 11.92 3.04 -22.91
C LEU E 136 10.75 2.08 -22.86
N VAL E 137 9.56 2.62 -22.59
CA VAL E 137 8.35 1.82 -22.43
C VAL E 137 7.35 2.20 -23.52
N GLU E 138 6.88 1.20 -24.26
CA GLU E 138 5.86 1.37 -25.28
C GLU E 138 4.84 0.25 -25.13
N ASP E 139 3.76 0.35 -25.90
CA ASP E 139 2.70 -0.65 -25.83
C ASP E 139 2.99 -1.88 -26.67
N LEU E 140 3.54 -1.72 -27.87
CA LEU E 140 3.83 -2.85 -28.73
C LEU E 140 4.86 -2.46 -29.78
N THR E 141 5.57 -3.47 -30.27
CA THR E 141 6.47 -3.33 -31.41
C THR E 141 6.05 -4.28 -32.52
N THR E 142 5.99 -3.76 -33.74
CA THR E 142 5.78 -4.60 -34.92
C THR E 142 7.12 -4.99 -35.54
N ASP E 143 7.90 -3.99 -35.94
CA ASP E 143 9.24 -4.22 -36.48
C ASP E 143 10.30 -3.39 -35.76
N SER E 144 9.90 -2.67 -34.72
CA SER E 144 10.77 -1.81 -33.94
C SER E 144 11.58 -0.82 -34.71
N ARG E 145 11.07 -0.45 -35.88
CA ARG E 145 11.72 0.60 -36.66
C ARG E 145 11.46 1.98 -36.07
N SER E 146 10.29 2.18 -35.46
CA SER E 146 9.95 3.46 -34.87
C SER E 146 10.64 3.70 -33.53
N LYS E 147 11.20 2.65 -32.91
CA LYS E 147 11.87 2.82 -31.63
C LYS E 147 13.22 3.48 -31.77
N ILE E 148 13.83 3.44 -32.96
CA ILE E 148 15.14 4.04 -33.15
C ILE E 148 15.06 5.55 -32.97
N ASN E 149 13.97 6.17 -33.42
CA ASN E 149 13.79 7.60 -33.27
C ASN E 149 13.76 8.00 -31.80
N PHE E 150 12.97 7.27 -31.00
CA PHE E 150 12.89 7.57 -29.57
C PHE E 150 14.21 7.32 -28.87
N VAL E 151 14.90 6.23 -29.24
CA VAL E 151 16.18 5.92 -28.62
C VAL E 151 17.20 7.01 -28.92
N ASN E 152 17.25 7.47 -30.17
CA ASN E 152 18.16 8.55 -30.54
C ASN E 152 17.80 9.86 -29.85
N ALA E 153 16.49 10.13 -29.70
CA ALA E 153 16.08 11.34 -28.99
C ALA E 153 16.53 11.30 -27.53
N LEU E 154 16.38 10.14 -26.88
CA LEU E 154 16.83 10.03 -25.49
C LEU E 154 18.34 10.13 -25.38
N ARG E 155 19.07 9.51 -26.31
CA ARG E 155 20.52 9.56 -26.27
C ARG E 155 21.08 10.94 -26.61
N THR E 156 20.32 11.75 -27.34
CA THR E 156 20.76 13.11 -27.64
C THR E 156 20.85 13.94 -26.36
N ALA E 157 19.89 13.79 -25.45
CA ALA E 157 19.89 14.56 -24.22
C ALA E 157 20.86 14.02 -23.16
N GLY E 158 21.64 13.00 -23.48
CA GLY E 158 22.62 12.47 -22.56
C GLY E 158 22.24 11.18 -21.89
N ALA E 159 21.00 10.71 -22.05
CA ALA E 159 20.58 9.47 -21.42
C ALA E 159 21.27 8.28 -22.06
N THR E 160 21.46 7.23 -21.25
CA THR E 160 22.04 5.97 -21.71
C THR E 160 20.91 4.97 -21.83
N VAL E 161 20.57 4.62 -23.06
CA VAL E 161 19.44 3.72 -23.34
C VAL E 161 20.02 2.39 -23.82
N ASN E 162 19.82 1.34 -23.01
CA ASN E 162 20.24 0.01 -23.39
C ASN E 162 19.11 -1.01 -23.32
N HIS E 163 17.91 -0.61 -22.90
CA HIS E 163 16.79 -1.53 -22.77
C HIS E 163 15.51 -0.85 -23.21
N CYS E 164 14.59 -1.66 -23.72
CA CYS E 164 13.27 -1.19 -24.15
C CYS E 164 12.23 -2.24 -23.78
N PHE E 165 11.22 -1.82 -23.03
CA PHE E 165 10.17 -2.72 -22.56
C PHE E 165 8.86 -2.42 -23.28
N VAL E 166 8.19 -3.48 -23.72
CA VAL E 166 6.89 -3.37 -24.36
C VAL E 166 5.99 -4.49 -23.87
N LEU E 167 4.71 -4.17 -23.71
CA LEU E 167 3.75 -5.18 -23.24
C LEU E 167 3.60 -6.31 -24.24
N PHE E 168 3.56 -5.98 -25.53
CA PHE E 168 3.36 -6.96 -26.59
C PHE E 168 4.47 -6.84 -27.63
N HIS E 169 4.89 -7.98 -28.15
CA HIS E 169 5.89 -8.04 -29.21
C HIS E 169 5.39 -9.00 -30.28
N TYR E 170 5.30 -8.52 -31.52
CA TYR E 170 4.74 -9.34 -32.59
C TYR E 170 5.54 -10.61 -32.80
N ASN E 171 6.88 -10.49 -32.83
CA ASN E 171 7.79 -11.62 -33.00
C ASN E 171 7.47 -12.43 -34.25
N ILE E 172 7.06 -11.75 -35.33
CA ILE E 172 6.81 -12.40 -36.61
C ILE E 172 7.66 -11.81 -37.73
N PHE E 173 8.53 -10.85 -37.41
CA PHE E 173 9.47 -10.27 -38.37
C PHE E 173 10.89 -10.52 -37.88
N LYS E 174 11.77 -10.90 -38.81
CA LYS E 174 13.12 -11.31 -38.43
C LYS E 174 13.89 -10.17 -37.77
N GLU E 175 13.74 -8.96 -38.29
CA GLU E 175 14.45 -7.79 -37.78
C GLU E 175 13.70 -7.09 -36.65
N SER E 176 12.83 -7.79 -35.95
CA SER E 176 12.11 -7.18 -34.83
C SER E 176 13.05 -6.85 -33.68
N VAL E 177 14.02 -7.73 -33.42
CA VAL E 177 14.96 -7.52 -32.33
C VAL E 177 16.33 -7.08 -32.82
N SER E 178 16.73 -7.46 -34.04
CA SER E 178 18.07 -7.14 -34.52
C SER E 178 18.26 -5.64 -34.76
N VAL E 179 17.20 -4.94 -35.16
CA VAL E 179 17.34 -3.51 -35.44
C VAL E 179 17.68 -2.74 -34.18
N LEU E 180 17.05 -3.09 -33.05
CA LEU E 180 17.39 -2.45 -31.78
C LEU E 180 18.75 -2.92 -31.29
N LYS E 181 19.07 -4.20 -31.47
CA LYS E 181 20.35 -4.74 -31.00
C LYS E 181 21.53 -4.15 -31.75
N ASP E 182 21.33 -3.69 -32.99
CA ASP E 182 22.43 -3.08 -33.74
C ASP E 182 22.88 -1.77 -33.10
N ILE E 183 21.98 -1.09 -32.39
CA ILE E 183 22.33 0.14 -31.68
C ILE E 183 22.37 -0.09 -30.16
N ASP E 184 22.60 -1.33 -29.73
CA ASP E 184 22.82 -1.68 -28.33
C ASP E 184 21.59 -1.37 -27.48
N VAL E 185 20.44 -1.87 -27.91
CA VAL E 185 19.20 -1.79 -27.14
C VAL E 185 18.57 -3.18 -27.11
N ASP E 186 18.30 -3.67 -25.90
CA ASP E 186 17.68 -4.98 -25.73
C ASP E 186 16.18 -4.83 -25.58
N LEU E 187 15.43 -5.72 -26.22
CA LEU E 187 13.98 -5.67 -26.25
C LEU E 187 13.41 -6.74 -25.34
N HIS E 188 12.58 -6.31 -24.39
CA HIS E 188 11.92 -7.20 -23.45
C HIS E 188 10.41 -7.07 -23.62
N ALA E 189 9.70 -8.19 -23.49
CA ALA E 189 8.26 -8.21 -23.72
C ALA E 189 7.60 -9.20 -22.78
N LEU E 190 6.30 -9.02 -22.58
CA LEU E 190 5.53 -9.93 -21.74
C LEU E 190 4.98 -11.10 -22.54
N ALA E 191 4.50 -10.84 -23.75
CA ALA E 191 3.90 -11.87 -24.58
C ALA E 191 4.16 -11.58 -26.05
N THR E 192 4.09 -12.63 -26.85
CA THR E 192 4.22 -12.55 -28.30
C THR E 192 2.94 -13.06 -28.95
N TRP E 193 2.90 -12.99 -30.28
CA TRP E 193 1.74 -13.52 -30.99
C TRP E 193 1.66 -15.04 -30.86
N TRP E 194 2.80 -15.70 -30.72
CA TRP E 194 2.81 -17.15 -30.55
C TRP E 194 2.15 -17.54 -29.22
N ASP E 195 2.41 -16.79 -28.16
CA ASP E 195 1.78 -17.07 -26.88
C ASP E 195 0.27 -16.91 -26.96
N VAL E 196 -0.20 -15.84 -27.62
CA VAL E 196 -1.63 -15.63 -27.78
C VAL E 196 -2.26 -16.74 -28.59
N LEU E 197 -1.58 -17.15 -29.67
CA LEU E 197 -2.11 -18.24 -30.50
C LEU E 197 -2.19 -19.54 -29.72
N ARG E 198 -1.15 -19.84 -28.93
CA ARG E 198 -1.16 -21.07 -28.15
C ARG E 198 -2.27 -21.07 -27.11
N VAL E 199 -2.45 -19.94 -26.42
CA VAL E 199 -3.50 -19.87 -25.41
C VAL E 199 -4.88 -19.95 -26.05
N ALA E 200 -5.04 -19.32 -27.22
CA ALA E 200 -6.31 -19.39 -27.92
C ALA E 200 -6.62 -20.82 -28.37
N LYS E 201 -5.60 -21.53 -28.86
CA LYS E 201 -5.79 -22.94 -29.22
C LYS E 201 -6.16 -23.78 -28.02
N ALA E 202 -5.50 -23.53 -26.88
CA ALA E 202 -5.81 -24.30 -25.67
C ALA E 202 -7.21 -24.02 -25.18
N SER E 203 -7.65 -22.76 -25.25
CA SER E 203 -8.96 -22.39 -24.71
C SER E 203 -10.09 -23.10 -25.43
N GLY E 204 -9.99 -23.20 -26.76
CA GLY E 204 -11.03 -23.87 -27.53
C GLY E 204 -12.22 -23.01 -27.88
N TYR E 205 -12.17 -21.70 -27.62
CA TYR E 205 -13.25 -20.80 -27.99
C TYR E 205 -13.15 -20.33 -29.44
N PHE E 206 -12.10 -20.70 -30.15
CA PHE E 206 -11.89 -20.29 -31.52
C PHE E 206 -11.95 -21.49 -32.46
N GLU E 207 -12.53 -21.29 -33.63
CA GLU E 207 -12.67 -22.37 -34.60
C GLU E 207 -11.31 -22.78 -35.16
N THR E 208 -11.25 -24.03 -35.65
CA THR E 208 -9.99 -24.57 -36.13
C THR E 208 -9.48 -23.81 -37.37
N LYS E 209 -10.40 -23.48 -38.29
CA LYS E 209 -9.98 -22.81 -39.52
C LYS E 209 -9.36 -21.45 -39.23
N THR E 210 -9.96 -20.68 -38.33
CA THR E 210 -9.42 -19.37 -37.99
C THR E 210 -8.02 -19.49 -37.42
N LEU E 211 -7.81 -20.41 -36.48
CA LEU E 211 -6.51 -20.56 -35.86
C LEU E 211 -5.48 -21.08 -36.85
N ASP E 212 -5.89 -21.94 -37.77
CA ASP E 212 -4.97 -22.39 -38.81
C ASP E 212 -4.54 -21.24 -39.71
N GLU E 213 -5.49 -20.37 -40.08
CA GLU E 213 -5.14 -19.20 -40.89
C GLU E 213 -4.21 -18.27 -40.13
N VAL E 214 -4.46 -18.06 -38.84
CA VAL E 214 -3.56 -17.23 -38.04
C VAL E 214 -2.17 -17.83 -37.97
N GLU E 215 -2.08 -19.16 -37.81
CA GLU E 215 -0.76 -19.78 -37.76
C GLU E 215 -0.02 -19.62 -39.08
N LYS E 216 -0.74 -19.80 -40.20
CA LYS E 216 -0.12 -19.60 -41.51
C LYS E 216 0.36 -18.16 -41.67
N PHE E 217 -0.44 -17.19 -41.24
CA PHE E 217 -0.03 -15.79 -41.32
C PHE E 217 1.20 -15.52 -40.45
N LEU E 218 1.22 -16.07 -39.24
CA LEU E 218 2.34 -15.82 -38.33
C LEU E 218 3.62 -16.41 -38.88
N HIS E 219 3.54 -17.58 -39.53
CA HIS E 219 4.73 -18.20 -40.07
C HIS E 219 5.27 -17.45 -41.28
N ALA E 220 4.38 -16.83 -42.07
CA ALA E 220 4.77 -16.08 -43.26
C ALA E 220 3.83 -14.89 -43.42
N PRO E 221 4.16 -13.76 -42.78
CA PRO E 221 3.25 -12.60 -42.80
C PRO E 221 3.20 -11.90 -44.16
N ALA E 222 4.36 -11.68 -44.78
CA ALA E 222 4.41 -10.95 -46.04
C ALA E 222 3.69 -11.71 -47.14
N GLU E 223 3.91 -13.02 -47.23
CA GLU E 223 3.25 -13.82 -48.25
C GLU E 223 1.74 -13.85 -48.03
N TRP E 224 1.31 -13.96 -46.76
CA TRP E 224 -0.12 -13.97 -46.47
C TRP E 224 -0.76 -12.63 -46.84
N SER E 225 -0.08 -11.52 -46.54
CA SER E 225 -0.62 -10.21 -46.91
C SER E 225 -0.69 -10.06 -48.42
N ALA E 226 0.34 -10.51 -49.14
CA ALA E 226 0.32 -10.43 -50.59
C ALA E 226 -0.80 -11.27 -51.18
N ALA E 227 -1.04 -12.45 -50.59
CA ALA E 227 -2.07 -13.34 -51.12
C ALA E 227 -3.48 -12.86 -50.80
N HIS E 228 -3.67 -12.17 -49.67
CA HIS E 228 -5.00 -11.73 -49.25
C HIS E 228 -5.22 -10.23 -49.45
N GLY E 229 -4.29 -9.53 -50.08
CA GLY E 229 -4.50 -8.12 -50.38
C GLY E 229 -3.55 -7.19 -49.65
N GLY E 230 -3.03 -6.21 -50.35
CA GLY E 230 -2.12 -5.24 -49.76
C GLY E 230 -0.66 -5.49 -50.10
N THR F 10 11.52 -12.04 -5.62
CA THR F 10 10.65 -13.04 -5.00
C THR F 10 10.43 -14.22 -5.95
N GLY F 11 10.58 -15.44 -5.42
CA GLY F 11 10.39 -16.63 -6.23
C GLY F 11 9.40 -17.61 -5.62
N TYR F 12 9.13 -17.46 -4.32
CA TYR F 12 8.18 -18.29 -3.58
C TYR F 12 8.68 -19.72 -3.38
N ASP F 13 9.93 -19.99 -3.74
CA ASP F 13 10.57 -21.26 -3.43
C ASP F 13 12.02 -20.99 -3.04
N ARG F 14 12.63 -21.99 -2.42
CA ARG F 14 14.00 -21.82 -1.89
C ARG F 14 14.99 -21.53 -3.01
N GLN F 15 14.91 -22.30 -4.10
CA GLN F 15 15.89 -22.16 -5.19
C GLN F 15 15.76 -20.80 -5.86
N SER F 16 14.54 -20.38 -6.17
CA SER F 16 14.35 -19.10 -6.84
C SER F 16 14.75 -17.93 -5.93
N ILE F 17 14.39 -18.01 -4.65
CA ILE F 17 14.78 -16.97 -3.70
C ILE F 17 16.29 -16.88 -3.62
N SER F 18 16.96 -18.02 -3.51
CA SER F 18 18.41 -18.04 -3.42
C SER F 18 19.06 -17.46 -4.67
N ASP F 19 18.57 -17.85 -5.85
CA ASP F 19 19.14 -17.35 -7.09
C ASP F 19 18.94 -15.84 -7.22
N THR F 20 17.74 -15.35 -6.87
CA THR F 20 17.48 -13.92 -6.93
C THR F 20 18.37 -13.16 -5.95
N THR F 21 18.56 -13.70 -4.75
CA THR F 21 19.42 -13.05 -3.77
C THR F 21 20.87 -13.01 -4.24
N ALA F 22 21.34 -14.10 -4.84
CA ALA F 22 22.70 -14.11 -5.36
C ALA F 22 22.88 -13.10 -6.49
N LYS F 23 21.90 -13.01 -7.39
CA LYS F 23 21.96 -12.02 -8.45
C LYS F 23 21.94 -10.61 -7.89
N ILE F 24 21.13 -10.37 -6.85
CA ILE F 24 21.08 -9.06 -6.20
C ILE F 24 22.45 -8.70 -5.62
N LEU F 25 23.06 -9.66 -4.92
CA LEU F 25 24.33 -9.40 -4.28
C LEU F 25 25.43 -9.13 -5.31
N LEU F 26 25.42 -9.88 -6.41
CA LEU F 26 26.45 -9.69 -7.43
C LEU F 26 26.21 -8.43 -8.26
N GLU F 27 24.97 -8.00 -8.40
CA GLU F 27 24.67 -6.83 -9.23
C GLU F 27 25.08 -5.54 -8.53
N VAL F 28 24.79 -5.43 -7.24
CA VAL F 28 25.10 -4.22 -6.48
C VAL F 28 26.52 -4.30 -5.96
N GLN F 29 27.25 -5.35 -6.36
CA GLN F 29 28.64 -5.56 -5.96
C GLN F 29 28.80 -5.59 -4.44
N ALA F 30 27.84 -6.21 -3.77
CA ALA F 30 27.99 -6.46 -2.33
C ALA F 30 28.88 -7.64 -2.06
N VAL F 31 29.19 -8.43 -3.08
CA VAL F 31 30.09 -9.58 -2.97
C VAL F 31 31.26 -9.35 -3.91
N HIS F 32 32.47 -9.45 -3.37
CA HIS F 32 33.70 -9.24 -4.14
C HIS F 32 34.51 -10.53 -4.18
N PHE F 33 35.10 -10.80 -5.35
CA PHE F 33 35.99 -11.93 -5.53
C PHE F 33 37.38 -11.41 -5.89
N ASN F 34 38.40 -11.91 -5.20
CA ASN F 34 39.78 -11.54 -5.51
C ASN F 34 40.69 -12.66 -5.02
N ALA F 35 41.19 -13.47 -5.94
CA ALA F 35 42.10 -14.55 -5.59
C ALA F 35 43.56 -14.13 -5.64
N GLU F 36 43.90 -13.16 -6.50
CA GLU F 36 45.28 -12.69 -6.57
C GLU F 36 45.70 -12.01 -5.27
N LYS F 37 44.83 -11.19 -4.70
CA LYS F 37 45.09 -10.49 -3.44
C LYS F 37 43.96 -10.79 -2.47
N PRO F 38 44.09 -11.86 -1.69
CA PRO F 38 43.01 -12.25 -0.78
C PRO F 38 42.76 -11.20 0.29
N PHE F 39 41.52 -11.14 0.74
CA PHE F 39 41.10 -10.17 1.75
C PHE F 39 41.64 -10.60 3.10
N ILE F 40 42.72 -9.97 3.54
CA ILE F 40 43.29 -10.24 4.86
C ILE F 40 42.50 -9.39 5.86
N PHE F 41 41.72 -10.06 6.72
CA PHE F 41 40.86 -9.35 7.65
C PHE F 41 41.66 -8.89 8.87
N THR F 42 40.95 -8.32 9.84
CA THR F 42 41.61 -7.80 11.03
C THR F 42 42.20 -8.91 11.88
N SER F 43 41.59 -10.10 11.86
CA SER F 43 42.07 -11.23 12.64
C SER F 43 43.15 -12.03 11.91
N GLY F 44 43.55 -11.60 10.71
CA GLY F 44 44.52 -12.33 9.93
C GLY F 44 43.94 -13.38 9.01
N TRP F 45 42.64 -13.63 9.09
CA TRP F 45 42.00 -14.60 8.20
C TRP F 45 42.14 -14.14 6.74
N ALA F 46 42.51 -15.07 5.88
CA ALA F 46 42.68 -14.79 4.46
C ALA F 46 41.62 -15.52 3.66
N SER F 47 40.81 -14.76 2.93
CA SER F 47 39.75 -15.31 2.10
C SER F 47 39.70 -14.53 0.79
N PRO F 48 39.33 -15.19 -0.31
CA PRO F 48 39.16 -14.48 -1.58
C PRO F 48 37.79 -13.85 -1.76
N VAL F 49 36.93 -13.95 -0.76
CA VAL F 49 35.54 -13.51 -0.86
C VAL F 49 35.28 -12.46 0.20
N TYR F 50 34.63 -11.37 -0.21
CA TYR F 50 34.22 -10.32 0.71
C TYR F 50 32.75 -9.99 0.46
N ILE F 51 31.97 -9.93 1.53
CA ILE F 51 30.56 -9.58 1.44
C ILE F 51 30.27 -8.46 2.43
N ASP F 52 29.53 -7.45 1.97
CA ASP F 52 29.11 -6.32 2.79
C ASP F 52 27.59 -6.19 2.65
N CYS F 53 26.85 -6.86 3.53
CA CYS F 53 25.41 -6.80 3.50
C CYS F 53 24.85 -5.44 3.89
N ARG F 54 25.68 -4.56 4.45
CA ARG F 54 25.21 -3.23 4.83
C ARG F 54 25.04 -2.31 3.63
N LYS F 55 25.57 -2.69 2.47
CA LYS F 55 25.39 -1.87 1.27
C LYS F 55 23.99 -2.00 0.69
N LEU F 56 23.27 -3.08 1.04
CA LEU F 56 21.96 -3.33 0.46
C LEU F 56 20.91 -2.33 0.94
N ILE F 57 21.18 -1.60 2.03
CA ILE F 57 20.22 -0.64 2.53
C ILE F 57 20.27 0.67 1.77
N SER F 58 21.25 0.86 0.90
CA SER F 58 21.37 2.07 0.10
C SER F 58 20.69 1.93 -1.27
N TYR F 59 20.03 0.83 -1.53
CA TYR F 59 19.32 0.61 -2.78
C TYR F 59 17.86 0.32 -2.50
N PRO F 60 16.93 1.19 -2.91
CA PRO F 60 15.52 0.99 -2.52
C PRO F 60 14.91 -0.29 -3.06
N ARG F 61 14.97 -0.52 -4.38
CA ARG F 61 14.34 -1.70 -4.96
C ARG F 61 14.98 -2.97 -4.45
N VAL F 62 16.31 -2.98 -4.33
CA VAL F 62 17.02 -4.17 -3.84
C VAL F 62 16.57 -4.52 -2.44
N ARG F 63 16.53 -3.54 -1.54
CA ARG F 63 16.13 -3.83 -0.17
C ARG F 63 14.66 -4.21 -0.08
N ARG F 64 13.80 -3.61 -0.91
CA ARG F 64 12.39 -3.98 -0.90
C ARG F 64 12.21 -5.43 -1.31
N ALA F 65 12.89 -5.85 -2.39
CA ALA F 65 12.80 -7.24 -2.83
C ALA F 65 13.37 -8.18 -1.77
N LEU F 66 14.49 -7.79 -1.16
CA LEU F 66 15.09 -8.63 -0.12
C LEU F 66 14.14 -8.81 1.05
N MET F 67 13.44 -7.75 1.44
CA MET F 67 12.53 -7.87 2.58
C MET F 67 11.29 -8.69 2.21
N GLU F 68 10.81 -8.59 0.97
CA GLU F 68 9.71 -9.45 0.54
C GLU F 68 10.12 -10.92 0.59
N MET F 69 11.32 -11.24 0.09
CA MET F 69 11.79 -12.62 0.15
C MET F 69 12.02 -13.07 1.59
N ALA F 70 12.46 -12.14 2.45
CA ALA F 70 12.63 -12.47 3.87
C ALA F 70 11.29 -12.83 4.51
N GLU F 71 10.26 -12.05 4.23
CA GLU F 71 8.93 -12.35 4.76
C GLU F 71 8.43 -13.69 4.22
N THR F 72 8.65 -13.96 2.93
CA THR F 72 8.23 -15.24 2.37
C THR F 72 8.94 -16.40 3.05
N THR F 73 10.25 -16.27 3.26
CA THR F 73 11.01 -17.33 3.92
C THR F 73 10.52 -17.53 5.36
N ILE F 74 10.25 -16.45 6.07
CA ILE F 74 9.79 -16.57 7.46
C ILE F 74 8.44 -17.26 7.51
N THR F 75 7.50 -16.84 6.68
CA THR F 75 6.16 -17.42 6.70
C THR F 75 6.14 -18.84 6.15
N ARG F 76 7.13 -19.23 5.36
CA ARG F 76 7.14 -20.60 4.84
C ARG F 76 7.84 -21.55 5.80
N ASP F 77 9.05 -21.21 6.23
CA ASP F 77 9.83 -22.11 7.08
C ASP F 77 9.31 -22.13 8.52
N ILE F 78 8.98 -20.97 9.07
CA ILE F 78 8.60 -20.88 10.47
C ILE F 78 7.08 -20.97 10.62
N GLY F 79 6.37 -20.04 10.02
CA GLY F 79 4.93 -20.00 10.10
C GLY F 79 4.43 -18.57 10.18
N PHE F 80 3.13 -18.43 9.95
CA PHE F 80 2.52 -17.09 9.92
C PHE F 80 2.35 -16.52 11.33
N GLU F 81 1.93 -17.34 12.28
CA GLU F 81 1.62 -16.88 13.63
C GLU F 81 2.49 -17.57 14.68
N GLN F 82 3.78 -17.68 14.41
CA GLN F 82 4.73 -18.25 15.36
C GLN F 82 5.74 -17.24 15.87
N ILE F 83 5.62 -15.97 15.48
CA ILE F 83 6.56 -14.92 15.88
C ILE F 83 5.77 -13.76 16.44
N ASP F 84 6.14 -13.32 17.65
CA ASP F 84 5.47 -12.21 18.32
C ASP F 84 6.27 -10.93 18.32
N ALA F 85 7.59 -11.00 18.08
CA ALA F 85 8.41 -9.81 18.01
C ALA F 85 9.63 -10.12 17.15
N VAL F 86 10.25 -9.07 16.62
CA VAL F 86 11.43 -9.18 15.78
C VAL F 86 12.56 -8.40 16.45
N ALA F 87 13.66 -9.10 16.75
CA ALA F 87 14.82 -8.50 17.39
C ALA F 87 15.99 -8.53 16.42
N GLY F 88 16.74 -7.43 16.38
CA GLY F 88 17.88 -7.29 15.49
C GLY F 88 19.17 -7.11 16.28
N GLY F 89 20.24 -7.70 15.77
CA GLY F 89 21.55 -7.46 16.37
C GLY F 89 21.97 -6.02 16.20
N GLU F 90 22.90 -5.59 17.07
CA GLU F 90 23.26 -4.18 17.11
C GLU F 90 23.92 -3.75 15.81
N THR F 91 23.57 -2.55 15.36
CA THR F 91 24.18 -1.89 14.21
C THR F 91 23.85 -2.58 12.89
N ALA F 92 24.33 -3.81 12.71
CA ALA F 92 24.27 -4.43 11.38
C ALA F 92 22.86 -4.77 10.97
N GLY F 93 22.11 -5.44 11.84
CA GLY F 93 20.82 -5.99 11.46
C GLY F 93 19.59 -5.20 11.85
N ILE F 94 19.76 -4.03 12.44
CA ILE F 94 18.64 -3.20 12.89
C ILE F 94 17.75 -2.75 11.74
N PRO F 95 18.29 -2.26 10.60
CA PRO F 95 17.38 -1.88 9.50
C PRO F 95 16.55 -3.05 8.97
N PHE F 96 17.18 -4.21 8.79
CA PHE F 96 16.45 -5.37 8.32
C PHE F 96 15.41 -5.83 9.32
N ALA F 97 15.74 -5.77 10.61
CA ALA F 97 14.76 -6.10 11.64
C ALA F 97 13.58 -5.13 11.60
N ALA F 98 13.85 -3.84 11.40
CA ALA F 98 12.78 -2.85 11.34
C ALA F 98 11.86 -3.12 10.16
N TRP F 99 12.45 -3.41 8.99
CA TRP F 99 11.64 -3.66 7.81
C TRP F 99 10.83 -4.95 7.95
N ILE F 100 11.43 -6.00 8.51
CA ILE F 100 10.70 -7.24 8.75
C ILE F 100 9.56 -7.02 9.72
N ALA F 101 9.81 -6.25 10.79
CA ALA F 101 8.75 -5.97 11.76
C ALA F 101 7.61 -5.19 11.12
N ASP F 102 7.95 -4.23 10.26
CA ASP F 102 6.90 -3.47 9.57
C ASP F 102 6.08 -4.39 8.67
N ARG F 103 6.75 -5.29 7.94
CA ARG F 103 6.02 -6.19 7.05
C ARG F 103 5.16 -7.18 7.82
N MET F 104 5.67 -7.68 8.95
CA MET F 104 4.99 -8.71 9.75
C MET F 104 4.05 -8.13 10.78
N MET F 105 3.96 -6.80 10.89
CA MET F 105 3.05 -6.14 11.82
C MET F 105 3.28 -6.60 13.25
N VAL F 106 4.55 -6.62 13.66
CA VAL F 106 4.93 -7.13 14.97
C VAL F 106 5.81 -6.11 15.66
N PRO F 107 5.84 -6.12 17.00
CA PRO F 107 6.76 -5.23 17.72
C PRO F 107 8.21 -5.55 17.38
N MET F 108 9.05 -4.51 17.46
CA MET F 108 10.47 -4.63 17.16
C MET F 108 11.29 -4.22 18.37
N GLN F 109 12.36 -4.98 18.61
CA GLN F 109 13.38 -4.63 19.60
C GLN F 109 14.73 -4.81 18.95
N TYR F 110 15.78 -4.34 19.63
CA TYR F 110 17.13 -4.59 19.15
C TYR F 110 18.06 -4.79 20.33
N VAL F 111 18.98 -5.74 20.19
CA VAL F 111 19.83 -6.20 21.28
C VAL F 111 21.20 -5.57 21.13
N ARG F 112 21.67 -4.93 22.20
CA ARG F 112 23.02 -4.37 22.21
C ARG F 112 24.06 -5.48 22.31
N LYS F 113 25.29 -5.16 21.89
CA LYS F 113 26.37 -6.13 22.00
C LYS F 113 26.83 -6.29 23.45
N LYS F 114 26.77 -5.22 24.23
CA LYS F 114 27.17 -5.25 25.63
C LYS F 114 26.07 -4.64 26.49
N PRO F 115 25.85 -5.19 27.68
CA PRO F 115 24.80 -4.66 28.54
C PRO F 115 25.11 -3.25 29.04
N LYS F 116 24.06 -2.44 29.15
CA LYS F 116 24.15 -1.10 29.74
C LYS F 116 22.85 -0.88 30.52
N GLY F 117 22.88 -1.21 31.79
CA GLY F 117 21.69 -1.08 32.63
C GLY F 117 21.83 -1.95 33.87
N PHE F 118 20.73 -2.01 34.62
CA PHE F 118 20.72 -2.77 35.88
C PHE F 118 20.68 -4.27 35.61
N GLY F 119 19.60 -4.74 34.98
CA GLY F 119 19.48 -6.16 34.70
C GLY F 119 18.13 -6.60 34.16
N ARG F 120 18.14 -7.68 33.38
CA ARG F 120 16.97 -8.35 32.83
C ARG F 120 16.34 -7.52 31.70
N ASN F 121 16.80 -6.28 31.52
CA ASN F 121 16.43 -5.47 30.38
C ASN F 121 17.59 -4.62 29.88
N ALA F 122 18.81 -4.89 30.35
CA ALA F 122 19.96 -4.04 30.04
C ALA F 122 20.37 -4.18 28.58
N GLN F 123 20.36 -5.39 28.05
CA GLN F 123 20.86 -5.65 26.70
C GLN F 123 19.81 -5.50 25.62
N ILE F 124 18.55 -5.28 25.99
CA ILE F 124 17.46 -5.17 25.03
C ILE F 124 16.85 -3.77 25.13
N GLU F 125 16.75 -3.11 23.98
CA GLU F 125 16.16 -1.77 23.90
C GLU F 125 14.78 -1.89 23.25
N GLY F 126 13.76 -1.43 23.95
CA GLY F 126 12.39 -1.59 23.55
C GLY F 126 11.63 -2.50 24.49
N HIS F 127 10.30 -2.36 24.47
CA HIS F 127 9.45 -3.14 25.35
C HIS F 127 9.34 -4.57 24.86
N LEU F 128 9.53 -5.52 25.76
CA LEU F 128 9.46 -6.95 25.44
C LEU F 128 8.53 -7.61 26.45
N GLU F 129 7.36 -8.04 25.98
CA GLU F 129 6.41 -8.72 26.85
C GLU F 129 6.93 -10.10 27.23
N GLU F 130 6.65 -10.50 28.46
CA GLU F 130 7.09 -11.81 28.94
C GLU F 130 6.35 -12.92 28.19
N GLY F 131 7.11 -13.94 27.79
CA GLY F 131 6.55 -15.05 27.06
C GLY F 131 6.40 -14.83 25.56
N SER F 132 6.81 -13.67 25.05
CA SER F 132 6.69 -13.41 23.63
C SER F 132 7.72 -14.20 22.84
N ARG F 133 7.29 -14.77 21.73
CA ARG F 133 8.17 -15.50 20.83
C ARG F 133 8.85 -14.50 19.90
N VAL F 134 10.19 -14.47 19.93
CA VAL F 134 10.97 -13.42 19.29
C VAL F 134 11.82 -14.04 18.19
N LEU F 135 11.89 -13.36 17.04
CA LEU F 135 12.72 -13.75 15.93
C LEU F 135 13.94 -12.84 15.87
N LEU F 136 15.13 -13.43 15.78
CA LEU F 136 16.38 -12.68 15.75
C LEU F 136 16.80 -12.49 14.30
N VAL F 137 17.00 -11.24 13.90
CA VAL F 137 17.31 -10.89 12.52
C VAL F 137 18.71 -10.28 12.48
N GLU F 138 19.56 -10.80 11.62
CA GLU F 138 20.91 -10.29 11.43
C GLU F 138 21.22 -10.23 9.94
N ASP F 139 22.22 -9.42 9.59
CA ASP F 139 22.59 -9.26 8.19
C ASP F 139 23.25 -10.52 7.64
N LEU F 140 24.13 -11.14 8.42
CA LEU F 140 24.84 -12.32 7.96
C LEU F 140 25.37 -13.10 9.17
N THR F 141 25.68 -14.36 8.93
CA THR F 141 26.31 -15.21 9.92
C THR F 141 27.44 -16.00 9.27
N THR F 142 28.50 -16.24 10.05
CA THR F 142 29.65 -17.02 9.59
C THR F 142 29.79 -18.32 10.35
N ASP F 143 29.89 -18.25 11.68
CA ASP F 143 29.96 -19.43 12.53
C ASP F 143 28.85 -19.48 13.56
N SER F 144 28.01 -18.44 13.62
CA SER F 144 26.85 -18.39 14.52
C SER F 144 27.25 -18.57 15.98
N ARG F 145 28.42 -18.06 16.34
CA ARG F 145 28.85 -18.05 17.73
C ARG F 145 28.64 -16.71 18.41
N SER F 146 28.49 -15.64 17.64
CA SER F 146 28.10 -14.36 18.20
C SER F 146 26.59 -14.25 18.42
N LYS F 147 25.81 -15.15 17.83
CA LYS F 147 24.36 -15.15 18.02
C LYS F 147 23.95 -15.72 19.36
N ILE F 148 24.81 -16.52 20.00
CA ILE F 148 24.48 -17.10 21.28
C ILE F 148 24.31 -16.01 22.34
N ASN F 149 25.16 -14.98 22.28
CA ASN F 149 25.04 -13.87 23.25
C ASN F 149 23.70 -13.18 23.11
N PHE F 150 23.27 -12.89 21.88
CA PHE F 150 21.99 -12.21 21.67
C PHE F 150 20.82 -13.11 22.06
N VAL F 151 20.90 -14.40 21.74
CA VAL F 151 19.84 -15.32 22.11
C VAL F 151 19.71 -15.41 23.63
N ASN F 152 20.83 -15.49 24.34
CA ASN F 152 20.78 -15.53 25.80
C ASN F 152 20.28 -14.23 26.37
N ALA F 153 20.63 -13.09 25.75
CA ALA F 153 20.11 -11.81 26.20
C ALA F 153 18.59 -11.75 26.06
N LEU F 154 18.07 -12.23 24.93
CA LEU F 154 16.62 -12.24 24.73
C LEU F 154 15.94 -13.19 25.70
N ARG F 155 16.52 -14.37 25.93
CA ARG F 155 15.93 -15.33 26.85
C ARG F 155 16.00 -14.89 28.30
N THR F 156 16.98 -14.04 28.65
CA THR F 156 17.06 -13.52 30.01
C THR F 156 15.88 -12.62 30.32
N ALA F 157 15.36 -11.90 29.32
CA ALA F 157 14.21 -11.02 29.52
C ALA F 157 12.88 -11.75 29.44
N GLY F 158 12.88 -13.05 29.24
CA GLY F 158 11.66 -13.83 29.19
C GLY F 158 11.20 -14.22 27.80
N ALA F 159 11.82 -13.70 26.75
CA ALA F 159 11.43 -14.05 25.40
C ALA F 159 11.81 -15.49 25.07
N THR F 160 10.97 -16.13 24.27
CA THR F 160 11.20 -17.49 23.80
C THR F 160 11.78 -17.40 22.40
N VAL F 161 13.05 -17.74 22.25
CA VAL F 161 13.77 -17.62 20.99
C VAL F 161 14.01 -19.03 20.47
N ASN F 162 13.38 -19.35 19.34
CA ASN F 162 13.58 -20.63 18.67
C ASN F 162 13.99 -20.49 17.21
N HIS F 163 14.05 -19.27 16.69
CA HIS F 163 14.39 -19.06 15.29
C HIS F 163 15.29 -17.84 15.15
N CYS F 164 16.21 -17.91 14.20
CA CYS F 164 17.08 -16.80 13.84
C CYS F 164 17.13 -16.68 12.34
N PHE F 165 16.97 -15.45 11.84
CA PHE F 165 16.95 -15.19 10.41
C PHE F 165 18.16 -14.33 10.03
N VAL F 166 18.81 -14.71 8.93
CA VAL F 166 19.96 -13.99 8.40
C VAL F 166 19.82 -13.88 6.89
N LEU F 167 20.15 -12.71 6.36
CA LEU F 167 20.10 -12.52 4.91
C LEU F 167 21.10 -13.45 4.21
N PHE F 168 22.30 -13.58 4.75
CA PHE F 168 23.35 -14.39 4.17
C PHE F 168 23.88 -15.37 5.20
N HIS F 169 24.09 -16.61 4.78
CA HIS F 169 24.67 -17.65 5.61
C HIS F 169 25.86 -18.24 4.86
N TYR F 170 27.03 -18.21 5.48
CA TYR F 170 28.25 -18.65 4.80
C TYR F 170 28.15 -20.12 4.41
N ASN F 171 27.68 -20.96 5.32
CA ASN F 171 27.50 -22.39 5.07
C ASN F 171 28.78 -23.07 4.62
N ILE F 172 29.92 -22.60 5.12
CA ILE F 172 31.21 -23.22 4.84
C ILE F 172 31.93 -23.69 6.09
N PHE F 173 31.29 -23.60 7.25
CA PHE F 173 31.83 -24.10 8.50
C PHE F 173 30.91 -25.17 9.06
N LYS F 174 31.50 -26.24 9.60
CA LYS F 174 30.73 -27.41 9.99
C LYS F 174 29.73 -27.08 11.09
N GLU F 175 30.13 -26.28 12.07
CA GLU F 175 29.29 -25.93 13.20
C GLU F 175 28.55 -24.62 12.99
N SER F 176 28.23 -24.28 11.74
CA SER F 176 27.50 -23.05 11.47
C SER F 176 26.07 -23.12 12.01
N VAL F 177 25.43 -24.28 11.87
CA VAL F 177 24.05 -24.44 12.30
C VAL F 177 23.92 -25.24 13.59
N SER F 178 24.82 -26.19 13.85
CA SER F 178 24.70 -27.01 15.05
C SER F 178 24.90 -26.21 16.33
N VAL F 179 25.69 -25.14 16.27
CA VAL F 179 25.93 -24.34 17.47
C VAL F 179 24.64 -23.67 17.93
N LEU F 180 23.80 -23.23 16.99
CA LEU F 180 22.50 -22.67 17.35
C LEU F 180 21.51 -23.76 17.71
N LYS F 181 21.58 -24.91 17.03
CA LYS F 181 20.66 -26.00 17.30
C LYS F 181 20.89 -26.63 18.67
N ASP F 182 22.10 -26.50 19.22
CA ASP F 182 22.35 -27.03 20.56
C ASP F 182 21.57 -26.27 21.62
N ILE F 183 21.28 -25.00 21.38
CA ILE F 183 20.46 -24.19 22.28
C ILE F 183 19.05 -23.99 21.73
N ASP F 184 18.61 -24.87 20.82
CA ASP F 184 17.24 -24.87 20.31
C ASP F 184 16.90 -23.58 19.57
N VAL F 185 17.74 -23.23 18.60
CA VAL F 185 17.49 -22.10 17.71
C VAL F 185 17.76 -22.56 16.29
N ASP F 186 16.77 -22.41 15.42
CA ASP F 186 16.90 -22.79 14.02
C ASP F 186 17.36 -21.60 13.19
N LEU F 187 18.25 -21.87 12.24
CA LEU F 187 18.83 -20.84 11.39
C LEU F 187 18.20 -20.89 10.01
N HIS F 188 17.66 -19.74 9.57
CA HIS F 188 17.06 -19.61 8.26
C HIS F 188 17.79 -18.51 7.48
N ALA F 189 17.99 -18.73 6.18
CA ALA F 189 18.74 -17.80 5.36
C ALA F 189 18.16 -17.75 3.96
N LEU F 190 18.44 -16.63 3.28
CA LEU F 190 18.02 -16.46 1.89
C LEU F 190 18.98 -17.10 0.91
N ALA F 191 20.28 -16.93 1.11
CA ALA F 191 21.29 -17.45 0.19
C ALA F 191 22.54 -17.83 0.96
N THR F 192 23.35 -18.68 0.34
CA THR F 192 24.62 -19.13 0.89
C THR F 192 25.74 -18.78 -0.08
N TRP F 193 26.97 -19.09 0.32
CA TRP F 193 28.11 -18.84 -0.55
C TRP F 193 28.08 -19.74 -1.77
N TRP F 194 27.59 -20.97 -1.62
CA TRP F 194 27.47 -21.87 -2.76
C TRP F 194 26.51 -21.31 -3.80
N ASP F 195 25.42 -20.69 -3.34
CA ASP F 195 24.45 -20.11 -4.24
C ASP F 195 25.06 -18.96 -5.05
N VAL F 196 25.80 -18.09 -4.37
CA VAL F 196 26.48 -16.99 -5.06
C VAL F 196 27.50 -17.52 -6.05
N LEU F 197 28.25 -18.54 -5.65
CA LEU F 197 29.25 -19.12 -6.56
C LEU F 197 28.59 -19.73 -7.79
N ARG F 198 27.49 -20.44 -7.60
CA ARG F 198 26.79 -21.04 -8.73
C ARG F 198 26.26 -19.97 -9.68
N VAL F 199 25.66 -18.91 -9.13
CA VAL F 199 25.12 -17.86 -9.98
C VAL F 199 26.24 -17.11 -10.70
N ALA F 200 27.38 -16.91 -10.03
CA ALA F 200 28.50 -16.26 -10.68
C ALA F 200 29.06 -17.12 -11.80
N LYS F 201 29.15 -18.43 -11.59
CA LYS F 201 29.59 -19.33 -12.65
C LYS F 201 28.65 -19.30 -13.84
N ALA F 202 27.34 -19.29 -13.56
CA ALA F 202 26.36 -19.24 -14.64
C ALA F 202 26.43 -17.93 -15.40
N SER F 203 26.66 -16.82 -14.70
CA SER F 203 26.67 -15.52 -15.35
C SER F 203 27.79 -15.40 -16.38
N GLY F 204 28.97 -15.90 -16.03
CA GLY F 204 30.10 -15.85 -16.94
C GLY F 204 30.88 -14.56 -16.93
N TYR F 205 30.61 -13.65 -15.99
CA TYR F 205 31.34 -12.40 -15.89
C TYR F 205 32.62 -12.54 -15.08
N PHE F 206 32.90 -13.72 -14.54
CA PHE F 206 34.08 -13.97 -13.73
C PHE F 206 34.98 -14.99 -14.40
N GLU F 207 36.29 -14.77 -14.29
CA GLU F 207 37.25 -15.66 -14.90
C GLU F 207 37.24 -17.03 -14.23
N THR F 208 37.66 -18.04 -14.98
CA THR F 208 37.62 -19.41 -14.49
C THR F 208 38.55 -19.61 -13.30
N LYS F 209 39.74 -19.01 -13.35
CA LYS F 209 40.71 -19.20 -12.27
C LYS F 209 40.19 -18.64 -10.95
N THR F 210 39.58 -17.47 -10.98
CA THR F 210 39.05 -16.86 -9.76
C THR F 210 37.96 -17.73 -9.15
N LEU F 211 37.04 -18.23 -9.97
CA LEU F 211 35.96 -19.05 -9.45
C LEU F 211 36.46 -20.40 -8.95
N ASP F 212 37.47 -20.95 -9.61
CA ASP F 212 38.08 -22.18 -9.12
C ASP F 212 38.73 -21.97 -7.76
N GLU F 213 39.44 -20.85 -7.59
CA GLU F 213 40.03 -20.54 -6.29
C GLU F 213 38.97 -20.36 -5.22
N VAL F 214 37.87 -19.69 -5.56
CA VAL F 214 36.78 -19.50 -4.60
C VAL F 214 36.18 -20.85 -4.22
N GLU F 215 35.98 -21.74 -5.19
CA GLU F 215 35.43 -23.06 -4.89
C GLU F 215 36.37 -23.84 -3.98
N LYS F 216 37.68 -23.77 -4.25
CA LYS F 216 38.65 -24.44 -3.39
C LYS F 216 38.59 -23.89 -1.96
N PHE F 217 38.48 -22.57 -1.83
CA PHE F 217 38.37 -21.98 -0.51
C PHE F 217 37.10 -22.43 0.20
N LEU F 218 35.98 -22.46 -0.53
CA LEU F 218 34.72 -22.83 0.08
C LEU F 218 34.74 -24.28 0.56
N HIS F 219 35.38 -25.16 -0.20
CA HIS F 219 35.45 -26.56 0.20
C HIS F 219 36.39 -26.78 1.39
N ALA F 220 37.43 -25.95 1.52
CA ALA F 220 38.39 -26.06 2.62
C ALA F 220 38.81 -24.66 3.04
N PRO F 221 38.06 -24.04 3.96
CA PRO F 221 38.35 -22.66 4.35
C PRO F 221 39.65 -22.49 5.12
N ALA F 222 39.83 -23.30 6.16
CA ALA F 222 40.98 -23.13 7.04
C ALA F 222 42.29 -23.38 6.31
N GLU F 223 42.34 -24.46 5.53
CA GLU F 223 43.57 -24.78 4.79
C GLU F 223 43.89 -23.70 3.77
N TRP F 224 42.87 -23.19 3.07
CA TRP F 224 43.09 -22.12 2.09
C TRP F 224 43.60 -20.86 2.78
N SER F 225 43.01 -20.52 3.92
CA SER F 225 43.46 -19.34 4.65
C SER F 225 44.90 -19.50 5.11
N ALA F 226 45.27 -20.70 5.57
CA ALA F 226 46.63 -20.93 6.02
C ALA F 226 47.62 -20.87 4.86
N ALA F 227 47.24 -21.39 3.70
CA ALA F 227 48.20 -21.57 2.62
C ALA F 227 48.23 -20.40 1.63
N HIS F 228 47.10 -20.12 0.99
CA HIS F 228 47.11 -19.21 -0.15
C HIS F 228 47.25 -17.74 0.26
N GLY F 229 46.82 -17.38 1.46
CA GLY F 229 46.91 -16.00 1.88
C GLY F 229 47.75 -15.76 3.11
N GLY F 230 47.83 -16.76 3.99
CA GLY F 230 48.54 -16.60 5.24
C GLY F 230 47.61 -16.57 6.43
N ALA F 231 48.00 -17.23 7.51
CA ALA F 231 47.16 -17.32 8.71
C ALA F 231 46.93 -15.95 9.33
C ACT G . -3.37 -6.36 -4.87
O ACT G . -3.40 -7.32 -5.69
OXT ACT G . -4.28 -5.93 -4.11
CH3 ACT G . -2.01 -5.58 -4.78
C ACT H . 2.71 -7.29 2.84
O ACT H . 3.21 -6.42 3.60
OXT ACT H . 2.89 -8.54 2.83
CH3 ACT H . 1.72 -6.76 1.74
C ACT I . -5.91 6.37 -1.35
O ACT I . -6.24 6.22 -2.56
OXT ACT I . -6.35 7.20 -0.51
CH3 ACT I . -4.82 5.40 -0.80
C ACT J . 3.15 8.29 1.35
O ACT J . 2.16 7.56 1.05
OXT ACT J . 4.32 7.94 1.67
CH3 ACT J . 2.92 9.84 1.29
C ACT K . -2.85 3.56 7.94
O ACT K . -2.73 4.61 8.63
OXT ACT K . -3.55 2.53 8.18
CH3 ACT K . -2.04 3.51 6.60
C ACT L . 5.60 -2.88 -5.35
O ACT L . 5.18 -3.31 -4.25
OXT ACT L . 6.39 -3.43 -6.17
CH3 ACT L . 5.06 -1.48 -5.80
#